data_1BW4
#
_entry.id   1BW4
#
_cell.length_a   1.000
_cell.length_b   1.000
_cell.length_c   1.000
_cell.angle_alpha   90.00
_cell.angle_beta   90.00
_cell.angle_gamma   90.00
#
_symmetry.space_group_name_H-M   'P 1'
#
_entity_poly.entity_id   1
_entity_poly.type   'polypeptide(L)'
_entity_poly.pdbx_seq_one_letter_code
;EQANDVRATYHYYRPAQNNWDLGAPAVSAYCATWDASKPLSWRSKYGWTAFCGPAGPRGQAACGKCLRVTNPATGAQITA
RIVDQCANGGLDLDWDTVFTKIDTNGIGYQQGHLNVNYQFVDCRD
;
_entity_poly.pdbx_strand_id   A
#
# COMPACT_ATOMS: atom_id res chain seq x y z
N GLU A 1 -11.28 6.91 6.91
CA GLU A 1 -9.98 7.58 6.65
C GLU A 1 -8.99 7.44 7.82
N GLN A 2 -9.46 7.55 9.04
CA GLN A 2 -8.58 7.42 10.25
C GLN A 2 -8.93 6.17 11.06
N ALA A 3 -8.17 5.10 10.96
CA ALA A 3 -8.51 3.88 11.78
C ALA A 3 -7.29 3.60 12.67
N ASN A 4 -7.54 3.19 13.90
CA ASN A 4 -6.42 2.87 14.84
C ASN A 4 -6.56 1.44 15.37
N ASP A 5 -5.56 0.97 16.07
CA ASP A 5 -5.58 -0.44 16.63
C ASP A 5 -6.26 -1.38 15.60
N VAL A 6 -5.65 -1.45 14.45
CA VAL A 6 -6.26 -2.32 13.42
C VAL A 6 -5.47 -3.62 13.37
N ARG A 7 -6.20 -4.69 13.57
CA ARG A 7 -5.61 -6.06 13.55
C ARG A 7 -5.41 -6.17 12.04
N ALA A 8 -4.31 -5.71 11.54
CA ALA A 8 -4.06 -5.77 10.09
C ALA A 8 -3.45 -7.10 9.60
N THR A 9 -3.83 -7.41 8.40
CA THR A 9 -3.38 -8.64 7.68
C THR A 9 -2.18 -8.15 6.87
N TYR A 10 -1.44 -9.03 6.27
CA TYR A 10 -0.26 -8.53 5.48
C TYR A 10 -0.31 -8.90 3.96
N HIS A 11 -1.35 -8.51 3.25
CA HIS A 11 -1.36 -8.88 1.80
C HIS A 11 -0.76 -7.71 1.03
N TYR A 12 0.51 -7.94 0.85
CA TYR A 12 1.45 -7.04 0.13
C TYR A 12 1.61 -7.54 -1.31
N TYR A 13 0.75 -7.10 -2.20
CA TYR A 13 0.92 -7.58 -3.63
C TYR A 13 2.35 -7.18 -4.12
N ARG A 14 2.83 -7.84 -5.17
CA ARG A 14 4.21 -7.61 -5.77
C ARG A 14 4.39 -6.74 -7.08
N PRO A 15 4.49 -5.44 -6.95
CA PRO A 15 4.59 -4.49 -8.13
C PRO A 15 5.77 -4.78 -9.07
N ALA A 16 6.93 -4.43 -8.57
CA ALA A 16 8.28 -4.58 -9.21
C ALA A 16 8.26 -5.63 -10.33
N GLN A 17 7.74 -6.77 -9.92
CA GLN A 17 7.56 -7.98 -10.76
C GLN A 17 7.64 -7.65 -12.27
N ASN A 18 6.76 -6.78 -12.68
CA ASN A 18 6.71 -6.36 -14.11
C ASN A 18 6.87 -4.83 -14.25
N ASN A 19 7.95 -4.33 -13.70
CA ASN A 19 8.32 -2.86 -13.70
C ASN A 19 7.16 -1.80 -13.53
N TRP A 20 6.09 -2.28 -12.95
CA TRP A 20 4.81 -1.53 -12.62
C TRP A 20 3.92 -1.36 -13.85
N ASP A 21 4.08 -2.24 -14.81
CA ASP A 21 3.26 -2.18 -16.05
C ASP A 21 1.96 -2.91 -15.74
N LEU A 22 1.32 -2.39 -14.74
CA LEU A 22 0.04 -2.95 -14.29
C LEU A 22 -0.95 -3.17 -15.46
N GLY A 23 -0.69 -2.51 -16.57
CA GLY A 23 -1.56 -2.65 -17.78
C GLY A 23 -1.68 -4.15 -18.11
N ALA A 24 -0.61 -4.86 -17.85
CA ALA A 24 -0.48 -6.34 -18.07
C ALA A 24 -1.77 -7.17 -17.71
N PRO A 25 -2.39 -7.83 -18.68
CA PRO A 25 -3.81 -8.28 -18.59
C PRO A 25 -4.32 -8.66 -17.15
N ALA A 26 -3.71 -9.71 -16.67
CA ALA A 26 -3.97 -10.31 -15.32
C ALA A 26 -3.90 -9.42 -14.07
N VAL A 27 -3.42 -8.21 -14.23
CA VAL A 27 -3.30 -7.26 -13.07
C VAL A 27 -4.31 -6.10 -13.05
N SER A 28 -4.13 -5.29 -14.06
CA SER A 28 -4.97 -4.08 -14.28
C SER A 28 -5.62 -3.27 -13.07
N ALA A 29 -4.76 -2.66 -12.28
CA ALA A 29 -5.15 -1.82 -11.08
C ALA A 29 -5.93 -0.53 -11.51
N TYR A 30 -6.72 0.07 -10.64
CA TYR A 30 -7.50 1.31 -11.04
C TYR A 30 -6.87 2.32 -11.98
N CYS A 31 -5.76 2.87 -11.60
CA CYS A 31 -5.13 3.86 -12.50
C CYS A 31 -4.09 3.21 -13.41
N ALA A 32 -3.92 1.91 -13.40
CA ALA A 32 -2.90 1.26 -14.30
C ALA A 32 -2.81 1.94 -15.69
N THR A 33 -3.94 1.96 -16.33
CA THR A 33 -4.13 2.56 -17.69
C THR A 33 -3.55 3.98 -17.85
N TRP A 34 -3.45 4.68 -16.76
CA TRP A 34 -2.92 6.07 -16.72
C TRP A 34 -1.53 6.13 -16.09
N ASP A 35 -1.33 5.41 -15.04
CA ASP A 35 -0.05 5.34 -14.27
C ASP A 35 1.04 4.43 -14.84
N ALA A 36 0.69 3.25 -15.27
CA ALA A 36 1.70 2.32 -15.85
C ALA A 36 2.59 3.06 -16.88
N SER A 37 2.03 4.05 -17.52
CA SER A 37 2.73 4.87 -18.56
C SER A 37 3.63 6.01 -18.03
N LYS A 38 3.67 6.25 -16.73
CA LYS A 38 4.53 7.34 -16.18
C LYS A 38 6.01 6.92 -16.14
N PRO A 39 6.93 7.75 -16.58
CA PRO A 39 8.39 7.41 -16.51
C PRO A 39 8.85 6.95 -15.09
N LEU A 40 9.42 5.78 -15.01
CA LEU A 40 9.97 5.11 -13.79
C LEU A 40 10.20 5.99 -12.55
N SER A 41 10.61 7.20 -12.78
CA SER A 41 10.89 8.17 -11.68
C SER A 41 9.82 8.18 -10.59
N TRP A 42 8.71 8.83 -10.81
CA TRP A 42 7.64 8.86 -9.75
C TRP A 42 7.31 7.42 -9.23
N ARG A 43 6.99 6.58 -10.18
CA ARG A 43 6.63 5.15 -9.92
C ARG A 43 7.48 4.49 -8.81
N SER A 44 8.78 4.61 -8.96
CA SER A 44 9.76 4.03 -7.97
C SER A 44 10.17 5.03 -6.87
N LYS A 45 10.23 6.30 -7.20
CA LYS A 45 10.59 7.41 -6.25
C LYS A 45 9.99 7.14 -4.87
N TYR A 46 8.72 6.85 -4.89
CA TYR A 46 8.00 6.53 -3.61
C TYR A 46 7.74 5.00 -3.61
N GLY A 47 7.09 4.55 -2.56
CA GLY A 47 6.78 3.09 -2.45
C GLY A 47 5.56 2.74 -3.30
N TRP A 48 4.70 1.83 -2.87
CA TRP A 48 3.53 1.45 -3.66
C TRP A 48 2.50 0.69 -2.89
N THR A 49 1.35 1.26 -2.88
CA THR A 49 0.23 0.57 -2.20
C THR A 49 -1.12 0.42 -2.95
N ALA A 50 -1.34 -0.74 -3.58
CA ALA A 50 -2.73 -0.83 -4.22
C ALA A 50 -3.37 -1.18 -2.85
N PHE A 51 -4.16 -0.27 -2.34
CA PHE A 51 -4.84 -0.42 -1.01
C PHE A 51 -6.15 -1.21 -0.95
N CYS A 52 -6.40 -1.76 0.21
CA CYS A 52 -7.67 -2.59 0.44
C CYS A 52 -8.00 -2.58 1.96
N GLY A 53 -8.96 -3.36 2.38
CA GLY A 53 -9.34 -3.43 3.84
C GLY A 53 -10.83 -3.29 4.13
N PRO A 54 -11.17 -3.11 5.39
CA PRO A 54 -12.50 -2.58 5.84
C PRO A 54 -12.69 -1.04 6.01
N ALA A 55 -11.92 -0.42 6.85
CA ALA A 55 -12.08 1.06 7.05
C ALA A 55 -11.15 1.80 6.09
N GLY A 56 -11.59 2.92 5.61
CA GLY A 56 -10.77 3.72 4.65
C GLY A 56 -11.25 3.54 3.19
N PRO A 57 -12.54 3.48 2.93
CA PRO A 57 -13.08 3.27 1.56
C PRO A 57 -12.72 4.50 0.72
N ARG A 58 -11.69 4.40 -0.06
CA ARG A 58 -11.24 5.52 -0.94
C ARG A 58 -10.79 4.88 -2.25
N GLY A 59 -11.68 4.82 -3.20
CA GLY A 59 -11.32 4.21 -4.54
C GLY A 59 -11.31 5.37 -5.55
N GLN A 60 -12.46 5.69 -6.08
CA GLN A 60 -12.64 6.79 -7.09
C GLN A 60 -11.51 7.90 -7.09
N ALA A 61 -11.72 8.93 -6.31
CA ALA A 61 -10.73 10.06 -6.19
C ALA A 61 -9.71 9.75 -5.06
N ALA A 62 -9.09 8.61 -5.21
CA ALA A 62 -8.06 8.18 -4.20
C ALA A 62 -6.65 8.19 -4.83
N CYS A 63 -6.57 7.65 -6.03
CA CYS A 63 -5.29 7.56 -6.82
C CYS A 63 -4.71 9.00 -7.02
N GLY A 64 -4.14 9.43 -5.93
CA GLY A 64 -3.51 10.77 -5.81
C GLY A 64 -3.04 11.07 -4.39
N LYS A 65 -3.64 10.46 -3.41
CA LYS A 65 -3.20 10.72 -2.00
C LYS A 65 -2.36 9.59 -1.39
N CYS A 66 -1.87 9.86 -0.22
CA CYS A 66 -1.03 8.89 0.51
C CYS A 66 -1.75 8.33 1.77
N LEU A 67 -1.20 7.25 2.23
CA LEU A 67 -1.71 6.51 3.43
C LEU A 67 -0.54 6.48 4.44
N ARG A 68 -0.63 7.09 5.59
CA ARG A 68 0.56 7.03 6.52
C ARG A 68 0.43 5.71 7.33
N VAL A 69 1.50 4.97 7.50
CA VAL A 69 1.43 3.67 8.28
C VAL A 69 2.47 3.58 9.44
N THR A 70 1.97 3.33 10.63
CA THR A 70 2.82 3.19 11.89
C THR A 70 2.57 1.90 12.76
N ASN A 71 3.65 1.40 13.28
CA ASN A 71 3.69 0.17 14.16
C ASN A 71 3.99 0.46 15.66
N PRO A 72 2.98 0.78 16.45
CA PRO A 72 3.17 1.26 17.86
C PRO A 72 4.19 0.39 18.61
N ALA A 73 4.02 -0.90 18.39
CA ALA A 73 4.89 -1.93 19.02
C ALA A 73 6.41 -1.71 18.85
N THR A 74 6.85 -1.27 17.70
CA THR A 74 8.34 -1.05 17.49
C THR A 74 8.68 0.41 17.26
N GLY A 75 7.73 1.15 16.75
CA GLY A 75 7.94 2.61 16.47
C GLY A 75 8.15 2.80 14.97
N ALA A 76 8.25 1.71 14.26
CA ALA A 76 8.46 1.75 12.79
C ALA A 76 7.28 2.45 12.07
N GLN A 77 7.60 3.44 11.27
CA GLN A 77 6.56 4.20 10.51
C GLN A 77 7.05 4.72 9.13
N ILE A 78 6.15 4.68 8.19
CA ILE A 78 6.43 5.15 6.78
C ILE A 78 5.24 5.85 6.07
N THR A 79 5.50 6.51 4.98
CA THR A 79 4.41 7.23 4.21
C THR A 79 4.03 6.40 2.98
N ALA A 80 2.82 5.92 2.83
CA ALA A 80 2.49 5.11 1.61
C ALA A 80 1.75 5.95 0.54
N ARG A 81 1.74 5.43 -0.66
CA ARG A 81 1.09 6.08 -1.84
C ARG A 81 -0.09 5.26 -2.42
N ILE A 82 -1.28 5.67 -2.02
CA ILE A 82 -2.55 5.01 -2.48
C ILE A 82 -2.63 5.05 -4.01
N VAL A 83 -2.38 3.92 -4.63
CA VAL A 83 -2.44 3.86 -6.14
C VAL A 83 -3.71 3.13 -6.59
N ASP A 84 -3.97 2.01 -5.99
CA ASP A 84 -5.19 1.22 -6.38
C ASP A 84 -6.04 0.74 -5.18
N GLN A 85 -7.20 0.24 -5.48
CA GLN A 85 -8.12 -0.28 -4.44
C GLN A 85 -8.62 -1.69 -4.78
N CYS A 86 -8.40 -2.62 -3.89
CA CYS A 86 -8.84 -4.02 -4.14
C CYS A 86 -10.05 -4.41 -3.25
N ALA A 87 -10.80 -5.37 -3.74
CA ALA A 87 -12.01 -5.89 -3.04
C ALA A 87 -11.91 -7.31 -2.42
N ASN A 88 -10.74 -7.78 -2.09
CA ASN A 88 -10.64 -9.16 -1.49
C ASN A 88 -10.02 -9.26 -0.07
N GLY A 89 -9.69 -8.13 0.50
CA GLY A 89 -9.08 -8.08 1.87
C GLY A 89 -7.56 -8.17 1.91
N GLY A 90 -6.86 -7.31 1.22
CA GLY A 90 -5.36 -7.40 1.24
C GLY A 90 -4.58 -6.48 2.21
N LEU A 91 -4.56 -5.22 1.83
CA LEU A 91 -3.88 -4.05 2.56
C LEU A 91 -3.30 -3.05 1.61
N ASP A 92 -2.34 -3.59 0.98
CA ASP A 92 -1.52 -2.88 -0.07
C ASP A 92 -0.78 -3.68 -1.21
N LEU A 93 -0.37 -3.07 -2.30
CA LEU A 93 0.35 -3.85 -3.40
C LEU A 93 1.69 -3.19 -3.28
N ASP A 94 2.28 -3.70 -2.22
CA ASP A 94 3.61 -3.36 -1.70
C ASP A 94 4.80 -4.11 -2.15
N TRP A 95 4.87 -5.16 -1.39
CA TRP A 95 5.87 -6.23 -1.41
C TRP A 95 7.21 -5.72 -0.87
N ASP A 96 7.56 -4.55 -1.28
CA ASP A 96 8.84 -3.83 -0.89
C ASP A 96 8.64 -2.45 -0.20
N THR A 97 7.46 -1.92 -0.24
CA THR A 97 7.23 -0.57 0.38
C THR A 97 6.81 -0.42 1.87
N VAL A 98 5.65 -0.83 2.30
CA VAL A 98 5.23 -0.67 3.74
C VAL A 98 5.63 -1.89 4.60
N PHE A 99 4.94 -3.00 4.46
CA PHE A 99 5.29 -4.21 5.32
C PHE A 99 6.81 -4.47 5.37
N THR A 100 7.34 -4.69 4.20
CA THR A 100 8.81 -4.96 3.95
C THR A 100 9.77 -3.99 4.55
N LYS A 101 9.22 -2.95 5.09
CA LYS A 101 10.04 -1.91 5.71
C LYS A 101 9.66 -1.83 7.20
N ILE A 102 8.38 -1.78 7.48
CA ILE A 102 7.91 -1.70 8.89
C ILE A 102 7.70 -3.09 9.49
N ASP A 103 8.39 -4.07 8.98
CA ASP A 103 8.22 -5.43 9.52
C ASP A 103 9.10 -5.40 10.78
N THR A 104 8.67 -6.18 11.71
CA THR A 104 9.37 -6.28 13.03
C THR A 104 10.46 -7.36 13.06
N ASN A 105 10.71 -7.97 14.19
CA ASN A 105 11.77 -9.02 14.27
C ASN A 105 11.26 -10.39 13.73
N GLY A 106 10.42 -10.28 12.73
CA GLY A 106 9.81 -11.48 12.09
C GLY A 106 8.36 -11.68 12.54
N ILE A 107 7.98 -11.08 13.66
CA ILE A 107 6.57 -11.23 14.18
C ILE A 107 5.57 -11.35 13.01
N GLY A 108 5.54 -10.25 12.29
CA GLY A 108 4.65 -10.14 11.09
C GLY A 108 4.73 -11.41 10.23
N TYR A 109 5.92 -11.81 9.88
CA TYR A 109 6.09 -13.05 9.03
C TYR A 109 5.64 -14.32 9.75
N GLN A 110 5.94 -14.36 11.02
CA GLN A 110 5.59 -15.51 11.92
C GLN A 110 4.07 -15.64 12.09
N GLN A 111 3.39 -14.52 11.99
CA GLN A 111 1.90 -14.58 12.17
C GLN A 111 1.07 -14.41 10.87
N GLY A 112 1.52 -13.56 9.98
CA GLY A 112 0.79 -13.30 8.68
C GLY A 112 -0.11 -12.06 8.88
N HIS A 113 0.11 -11.41 10.00
CA HIS A 113 -0.66 -10.19 10.38
C HIS A 113 0.05 -9.37 11.51
N LEU A 114 -0.41 -8.16 11.73
CA LEU A 114 0.17 -7.25 12.77
C LEU A 114 -0.85 -6.17 13.22
N ASN A 115 -0.51 -5.39 14.20
CA ASN A 115 -1.44 -4.33 14.70
C ASN A 115 -0.79 -2.97 14.35
N VAL A 116 -1.47 -2.26 13.52
CA VAL A 116 -0.96 -0.92 13.08
C VAL A 116 -2.03 0.16 13.15
N ASN A 117 -1.55 1.34 12.86
CA ASN A 117 -2.39 2.57 12.83
C ASN A 117 -2.13 3.25 11.48
N TYR A 118 -3.17 3.57 10.77
CA TYR A 118 -2.97 4.24 9.44
C TYR A 118 -3.93 5.42 9.32
N GLN A 119 -3.42 6.51 8.81
CA GLN A 119 -4.24 7.75 8.62
C GLN A 119 -4.11 8.27 7.16
N PHE A 120 -5.15 8.72 6.51
CA PHE A 120 -4.90 9.22 5.10
C PHE A 120 -4.10 10.54 5.19
N VAL A 121 -3.04 10.57 4.42
CA VAL A 121 -2.13 11.77 4.37
C VAL A 121 -1.92 12.24 2.92
N ASP A 122 -1.94 13.53 2.69
CA ASP A 122 -1.71 13.99 1.30
C ASP A 122 -0.18 14.19 1.12
N CYS A 123 0.39 13.62 0.10
CA CYS A 123 1.86 13.80 -0.13
C CYS A 123 2.19 15.02 -0.99
N ARG A 124 1.17 15.57 -1.61
CA ARG A 124 1.28 16.76 -2.51
C ARG A 124 2.66 16.81 -3.21
N ASP A 125 2.78 15.90 -4.15
CA ASP A 125 3.99 15.68 -5.00
C ASP A 125 3.97 16.83 -6.06
N GLU A 1 -11.91 7.46 7.22
CA GLU A 1 -10.64 8.18 6.87
C GLU A 1 -9.46 7.89 7.85
N GLN A 2 -9.73 7.64 9.11
CA GLN A 2 -8.64 7.34 10.08
C GLN A 2 -8.92 5.99 10.80
N ALA A 3 -8.02 5.05 10.67
CA ALA A 3 -8.21 3.73 11.32
C ALA A 3 -6.95 3.49 12.19
N ASN A 4 -7.19 3.37 13.47
CA ASN A 4 -6.09 3.13 14.45
C ASN A 4 -6.25 1.74 15.09
N ASP A 5 -5.32 1.36 15.94
CA ASP A 5 -5.32 0.01 16.64
C ASP A 5 -5.99 -1.07 15.72
N VAL A 6 -5.56 -1.12 14.49
CA VAL A 6 -6.16 -2.11 13.52
C VAL A 6 -5.38 -3.41 13.47
N ARG A 7 -6.07 -4.48 13.71
CA ARG A 7 -5.44 -5.85 13.70
C ARG A 7 -5.33 -6.10 12.18
N ALA A 8 -4.22 -5.73 11.62
CA ALA A 8 -4.04 -5.92 10.15
C ALA A 8 -3.25 -7.13 9.65
N THR A 9 -3.87 -7.83 8.72
CA THR A 9 -3.20 -9.03 8.13
C THR A 9 -2.33 -8.39 7.01
N TYR A 10 -1.56 -9.14 6.31
CA TYR A 10 -0.71 -8.50 5.25
C TYR A 10 -0.67 -9.16 3.87
N HIS A 11 -1.74 -9.04 3.14
CA HIS A 11 -1.69 -9.68 1.79
C HIS A 11 -1.59 -8.49 0.85
N TYR A 12 -0.88 -8.77 -0.19
CA TYR A 12 -0.69 -7.71 -1.19
C TYR A 12 -0.28 -8.18 -2.56
N TYR A 13 -0.52 -7.33 -3.50
CA TYR A 13 -0.12 -7.69 -4.89
C TYR A 13 1.42 -7.69 -4.79
N ARG A 14 1.94 -8.74 -5.41
CA ARG A 14 3.40 -9.10 -5.53
C ARG A 14 4.42 -7.96 -5.18
N PRO A 15 4.36 -6.81 -5.82
CA PRO A 15 4.05 -6.56 -7.26
C PRO A 15 5.28 -6.48 -8.20
N ALA A 16 6.21 -5.63 -7.81
CA ALA A 16 7.47 -5.39 -8.57
C ALA A 16 8.06 -6.55 -9.39
N GLN A 17 8.00 -7.77 -8.92
CA GLN A 17 8.55 -8.97 -9.68
C GLN A 17 8.58 -8.69 -11.21
N ASN A 18 7.47 -8.24 -11.76
CA ASN A 18 7.44 -7.95 -13.25
C ASN A 18 7.36 -6.40 -13.35
N ASN A 19 8.41 -5.74 -12.85
CA ASN A 19 8.60 -4.23 -12.79
C ASN A 19 7.21 -3.61 -12.60
N TRP A 20 6.50 -4.35 -11.80
CA TRP A 20 5.10 -4.10 -11.39
C TRP A 20 4.27 -3.36 -12.45
N ASP A 21 4.41 -3.86 -13.65
CA ASP A 21 3.66 -3.25 -14.78
C ASP A 21 2.13 -3.36 -14.45
N LEU A 22 1.57 -2.33 -13.85
CA LEU A 22 0.12 -2.35 -13.51
C LEU A 22 -0.81 -2.64 -14.72
N GLY A 23 -0.21 -2.76 -15.89
CA GLY A 23 -0.95 -3.04 -17.16
C GLY A 23 -0.70 -4.49 -17.59
N ALA A 24 -0.16 -5.25 -16.67
CA ALA A 24 0.15 -6.69 -16.91
C ALA A 24 -1.15 -7.53 -16.74
N PRO A 25 -1.34 -8.51 -17.59
CA PRO A 25 -2.66 -9.16 -17.86
C PRO A 25 -3.72 -9.19 -16.71
N ALA A 26 -3.37 -9.78 -15.60
CA ALA A 26 -4.29 -9.89 -14.42
C ALA A 26 -4.26 -8.75 -13.37
N VAL A 27 -3.71 -7.61 -13.73
CA VAL A 27 -3.66 -6.45 -12.75
C VAL A 27 -4.72 -5.36 -13.03
N SER A 28 -4.49 -4.65 -14.10
CA SER A 28 -5.36 -3.54 -14.58
C SER A 28 -6.17 -2.71 -13.51
N ALA A 29 -5.53 -2.17 -12.50
CA ALA A 29 -6.25 -1.37 -11.43
C ALA A 29 -6.65 0.12 -11.72
N TYR A 30 -7.48 0.65 -10.83
CA TYR A 30 -8.01 2.05 -10.93
C TYR A 30 -7.30 3.12 -11.73
N CYS A 31 -6.06 3.36 -11.42
CA CYS A 31 -5.34 4.41 -12.18
C CYS A 31 -4.25 3.81 -13.09
N ALA A 32 -4.06 2.52 -13.00
CA ALA A 32 -3.03 1.78 -13.83
C ALA A 32 -2.99 2.17 -15.35
N THR A 33 -4.11 2.63 -15.83
CA THR A 33 -4.28 3.05 -17.29
C THR A 33 -3.72 4.46 -17.56
N TRP A 34 -3.53 5.17 -16.50
CA TRP A 34 -3.00 6.58 -16.54
C TRP A 34 -1.65 6.73 -15.85
N ASP A 35 -1.44 5.94 -14.84
CA ASP A 35 -0.17 5.96 -14.07
C ASP A 35 0.87 4.89 -14.33
N ALA A 36 0.51 3.72 -14.79
CA ALA A 36 1.55 2.67 -15.06
C ALA A 36 2.81 3.26 -15.72
N SER A 37 2.54 4.05 -16.73
CA SER A 37 3.54 4.78 -17.59
C SER A 37 4.43 5.78 -16.86
N LYS A 38 4.06 6.08 -15.64
CA LYS A 38 4.83 7.03 -14.79
C LYS A 38 6.24 6.44 -14.64
N PRO A 39 7.27 7.24 -14.74
CA PRO A 39 8.66 6.71 -14.60
C PRO A 39 8.84 5.83 -13.34
N LEU A 40 9.75 4.89 -13.44
CA LEU A 40 10.02 3.96 -12.28
C LEU A 40 10.25 4.79 -11.01
N SER A 41 11.14 5.75 -11.14
CA SER A 41 11.53 6.68 -10.04
C SER A 41 10.38 6.90 -9.03
N TRP A 42 9.27 7.40 -9.50
CA TRP A 42 8.11 7.65 -8.57
C TRP A 42 7.49 6.31 -8.12
N ARG A 43 7.12 5.48 -9.07
CA ARG A 43 6.49 4.14 -8.81
C ARG A 43 7.11 3.46 -7.56
N SER A 44 8.42 3.50 -7.50
CA SER A 44 9.21 2.89 -6.37
C SER A 44 9.57 3.94 -5.28
N LYS A 45 10.04 5.13 -5.64
CA LYS A 45 10.40 6.19 -4.62
C LYS A 45 9.31 6.31 -3.54
N TYR A 46 8.10 6.22 -3.99
CA TYR A 46 6.93 6.31 -3.07
C TYR A 46 6.32 4.90 -2.91
N GLY A 47 5.12 4.86 -2.44
CA GLY A 47 4.48 3.52 -2.27
C GLY A 47 3.90 3.12 -3.63
N TRP A 48 2.68 3.58 -3.84
CA TRP A 48 1.77 3.38 -5.07
C TRP A 48 1.02 2.15 -4.60
N THR A 49 0.55 2.34 -3.43
CA THR A 49 -0.15 1.24 -2.83
C THR A 49 -1.53 1.11 -3.32
N ALA A 50 -1.70 -0.17 -3.52
CA ALA A 50 -3.06 -0.57 -4.00
C ALA A 50 -3.79 -0.65 -2.67
N PHE A 51 -5.10 -0.65 -2.65
CA PHE A 51 -5.77 -0.74 -1.31
C PHE A 51 -7.05 -1.63 -1.29
N CYS A 52 -7.31 -2.25 -0.17
CA CYS A 52 -8.54 -3.14 -0.03
C CYS A 52 -9.02 -3.44 1.43
N GLY A 53 -9.42 -2.37 2.05
CA GLY A 53 -9.92 -2.41 3.47
C GLY A 53 -11.21 -1.59 3.61
N PRO A 54 -11.78 -1.56 4.81
CA PRO A 54 -12.88 -0.60 5.15
C PRO A 54 -12.40 0.88 5.06
N ALA A 55 -11.64 1.33 6.01
CA ALA A 55 -11.17 2.74 5.96
C ALA A 55 -9.94 2.76 5.02
N GLY A 56 -10.21 2.78 3.74
CA GLY A 56 -9.11 2.81 2.70
C GLY A 56 -9.54 3.27 1.30
N PRO A 57 -10.45 2.53 0.69
CA PRO A 57 -10.93 2.91 -0.65
C PRO A 57 -11.95 4.07 -0.64
N ARG A 58 -11.44 5.23 -0.95
CA ARG A 58 -12.29 6.47 -1.00
C ARG A 58 -12.60 6.93 -2.44
N GLY A 59 -13.22 6.00 -3.12
CA GLY A 59 -13.65 6.15 -4.57
C GLY A 59 -12.70 7.00 -5.43
N GLN A 60 -13.22 7.62 -6.45
CA GLN A 60 -12.30 8.46 -7.31
C GLN A 60 -11.56 9.53 -6.47
N ALA A 61 -12.01 9.71 -5.25
CA ALA A 61 -11.38 10.71 -4.33
C ALA A 61 -10.22 10.09 -3.48
N ALA A 62 -9.82 8.87 -3.80
CA ALA A 62 -8.72 8.15 -3.10
C ALA A 62 -7.47 8.22 -4.05
N CYS A 63 -7.47 7.57 -5.21
CA CYS A 63 -6.29 7.64 -6.16
C CYS A 63 -5.79 9.11 -6.20
N GLY A 64 -4.69 9.32 -5.52
CA GLY A 64 -4.09 10.70 -5.46
C GLY A 64 -3.60 11.00 -4.06
N LYS A 65 -4.26 10.41 -3.10
CA LYS A 65 -3.85 10.64 -1.68
C LYS A 65 -2.84 9.57 -1.24
N CYS A 66 -2.28 9.83 -0.10
CA CYS A 66 -1.27 8.92 0.52
C CYS A 66 -1.81 8.36 1.84
N LEU A 67 -1.35 7.21 2.21
CA LEU A 67 -1.86 6.63 3.51
C LEU A 67 -0.63 6.78 4.44
N ARG A 68 -0.77 7.36 5.62
CA ARG A 68 0.46 7.45 6.47
C ARG A 68 0.31 6.19 7.33
N VAL A 69 1.36 5.41 7.33
CA VAL A 69 1.36 4.14 8.10
C VAL A 69 2.44 4.14 9.19
N THR A 70 1.98 3.99 10.41
CA THR A 70 2.89 3.96 11.60
C THR A 70 2.78 2.59 12.28
N ASN A 71 3.88 2.14 12.83
CA ASN A 71 4.00 0.82 13.55
C ASN A 71 4.25 0.97 15.08
N PRO A 72 3.19 1.08 15.87
CA PRO A 72 3.30 1.42 17.33
C PRO A 72 4.20 0.48 18.17
N ALA A 73 4.62 -0.62 17.60
CA ALA A 73 5.48 -1.60 18.34
C ALA A 73 6.97 -1.28 18.18
N THR A 74 7.28 -0.64 17.08
CA THR A 74 8.70 -0.26 16.78
C THR A 74 8.91 1.26 16.79
N GLY A 75 7.94 1.93 16.24
CA GLY A 75 7.95 3.43 16.14
C GLY A 75 8.19 3.81 14.68
N ALA A 76 8.46 2.82 13.87
CA ALA A 76 8.71 3.06 12.42
C ALA A 76 7.43 3.58 11.74
N GLN A 77 7.64 4.45 10.78
CA GLN A 77 6.51 5.04 10.02
C GLN A 77 6.96 5.39 8.59
N ILE A 78 6.02 5.25 7.68
CA ILE A 78 6.23 5.53 6.22
C ILE A 78 5.01 6.26 5.55
N THR A 79 5.21 6.81 4.37
CA THR A 79 4.07 7.51 3.65
C THR A 79 3.83 6.70 2.37
N ALA A 80 2.71 6.03 2.33
CA ALA A 80 2.37 5.20 1.14
C ALA A 80 1.60 6.07 0.14
N ARG A 81 1.27 5.51 -1.00
CA ARG A 81 0.55 6.27 -2.04
C ARG A 81 -0.74 5.51 -2.39
N ILE A 82 -1.85 5.98 -1.90
CA ILE A 82 -3.17 5.33 -2.18
C ILE A 82 -3.40 5.59 -3.66
N VAL A 83 -3.13 4.56 -4.41
CA VAL A 83 -3.30 4.67 -5.88
C VAL A 83 -4.30 3.71 -6.51
N ASP A 84 -4.01 2.44 -6.41
CA ASP A 84 -4.89 1.33 -7.02
C ASP A 84 -5.73 0.47 -6.08
N GLN A 85 -6.64 -0.34 -6.58
CA GLN A 85 -7.48 -1.21 -5.66
C GLN A 85 -7.30 -2.72 -6.00
N CYS A 86 -7.41 -3.54 -4.99
CA CYS A 86 -7.27 -5.02 -5.20
C CYS A 86 -8.65 -5.72 -5.21
N ALA A 87 -8.69 -7.01 -5.40
CA ALA A 87 -10.02 -7.74 -5.42
C ALA A 87 -10.35 -8.64 -4.21
N ASN A 88 -9.50 -8.63 -3.22
CA ASN A 88 -9.69 -9.45 -1.97
C ASN A 88 -9.32 -8.62 -0.72
N GLY A 89 -8.74 -9.26 0.26
CA GLY A 89 -8.32 -8.58 1.52
C GLY A 89 -6.78 -8.45 1.46
N GLY A 90 -6.16 -8.32 2.60
CA GLY A 90 -4.67 -8.20 2.62
C GLY A 90 -4.29 -6.85 3.13
N LEU A 91 -4.30 -5.95 2.17
CA LEU A 91 -3.98 -4.50 2.39
C LEU A 91 -3.71 -3.58 1.24
N ASP A 92 -2.73 -3.98 0.53
CA ASP A 92 -2.21 -3.20 -0.69
C ASP A 92 -1.30 -3.84 -1.80
N LEU A 93 -0.65 -2.98 -2.58
CA LEU A 93 0.31 -3.43 -3.67
C LEU A 93 1.48 -2.98 -2.79
N ASP A 94 1.96 -3.95 -2.07
CA ASP A 94 3.12 -3.84 -1.10
C ASP A 94 4.49 -4.14 -1.78
N TRP A 95 5.12 -5.07 -1.06
CA TRP A 95 6.43 -5.74 -1.24
C TRP A 95 7.62 -4.88 -0.92
N ASP A 96 7.48 -3.62 -1.17
CA ASP A 96 8.67 -2.73 -0.82
C ASP A 96 8.16 -1.42 -0.21
N THR A 97 6.87 -1.28 -0.21
CA THR A 97 6.24 -0.06 0.34
C THR A 97 5.90 -0.11 1.86
N VAL A 98 4.96 -0.93 2.25
CA VAL A 98 4.55 -1.05 3.68
C VAL A 98 5.23 -2.07 4.62
N PHE A 99 4.76 -3.30 4.48
CA PHE A 99 5.29 -4.43 5.35
C PHE A 99 6.81 -4.40 5.27
N THR A 100 7.35 -4.85 4.19
CA THR A 100 8.85 -4.84 3.97
C THR A 100 9.72 -3.75 4.58
N LYS A 101 9.09 -2.66 4.93
CA LYS A 101 9.81 -1.53 5.52
C LYS A 101 9.49 -1.35 7.02
N ILE A 102 8.23 -1.39 7.39
CA ILE A 102 7.90 -1.20 8.84
C ILE A 102 8.06 -2.50 9.67
N ASP A 103 8.36 -3.56 8.95
CA ASP A 103 8.60 -4.94 9.48
C ASP A 103 10.12 -5.16 9.72
N THR A 104 10.55 -4.73 10.88
CA THR A 104 12.01 -4.84 11.31
C THR A 104 12.43 -6.18 11.92
N ASN A 105 11.50 -6.81 12.55
CA ASN A 105 11.73 -8.14 13.22
C ASN A 105 11.69 -9.31 12.22
N GLY A 106 10.69 -9.36 11.39
CA GLY A 106 10.57 -10.46 10.38
C GLY A 106 9.39 -11.38 10.62
N ILE A 107 9.20 -11.76 11.86
CA ILE A 107 8.07 -12.66 12.30
C ILE A 107 6.86 -12.60 11.36
N GLY A 108 6.36 -11.40 11.17
CA GLY A 108 5.19 -11.10 10.29
C GLY A 108 5.26 -11.92 9.01
N TYR A 109 6.36 -11.79 8.30
CA TYR A 109 6.56 -12.54 7.02
C TYR A 109 6.22 -14.03 7.20
N GLN A 110 6.61 -14.52 8.34
CA GLN A 110 6.40 -15.95 8.75
C GLN A 110 4.94 -16.27 9.23
N GLN A 111 3.97 -15.64 8.61
CA GLN A 111 2.50 -15.84 8.96
C GLN A 111 2.16 -15.35 10.38
N GLY A 112 2.14 -14.05 10.48
CA GLY A 112 1.86 -13.39 11.79
C GLY A 112 1.14 -12.04 11.74
N HIS A 113 -0.01 -12.00 11.12
CA HIS A 113 -0.83 -10.72 11.02
C HIS A 113 -0.58 -9.79 12.27
N LEU A 114 -0.54 -8.49 12.12
CA LEU A 114 -0.26 -7.62 13.33
C LEU A 114 -1.05 -6.29 13.45
N ASN A 115 -0.82 -5.54 14.50
CA ASN A 115 -1.57 -4.23 14.66
C ASN A 115 -0.81 -2.99 14.13
N VAL A 116 -1.53 -2.22 13.37
CA VAL A 116 -1.00 -0.96 12.75
C VAL A 116 -2.00 0.20 12.84
N ASN A 117 -1.44 1.36 12.59
CA ASN A 117 -2.22 2.63 12.62
C ASN A 117 -1.99 3.36 11.30
N TYR A 118 -3.07 3.67 10.63
CA TYR A 118 -2.92 4.39 9.35
C TYR A 118 -4.01 5.45 9.24
N GLN A 119 -3.53 6.59 8.86
CA GLN A 119 -4.44 7.75 8.69
C GLN A 119 -4.27 8.37 7.29
N PHE A 120 -5.38 8.72 6.67
CA PHE A 120 -5.31 9.34 5.31
C PHE A 120 -4.42 10.59 5.42
N VAL A 121 -3.53 10.69 4.47
CA VAL A 121 -2.58 11.85 4.45
C VAL A 121 -2.25 12.35 3.04
N ASP A 122 -1.74 13.56 3.01
CA ASP A 122 -1.37 14.16 1.70
C ASP A 122 0.09 13.79 1.41
N CYS A 123 0.35 13.68 0.14
CA CYS A 123 1.70 13.33 -0.36
C CYS A 123 2.54 14.59 -0.61
N ARG A 124 1.84 15.54 -1.16
CA ARG A 124 2.38 16.89 -1.56
C ARG A 124 3.82 16.76 -2.16
N ASP A 125 3.87 15.96 -3.20
CA ASP A 125 5.11 15.63 -3.99
C ASP A 125 5.15 16.73 -5.10
N GLU A 1 -10.50 6.67 5.93
CA GLU A 1 -9.40 7.69 5.80
C GLU A 1 -8.49 7.78 7.06
N GLN A 2 -9.13 7.70 8.21
CA GLN A 2 -8.41 7.76 9.53
C GLN A 2 -8.76 6.54 10.42
N ALA A 3 -7.94 5.52 10.42
CA ALA A 3 -8.25 4.33 11.29
C ALA A 3 -7.01 3.90 12.08
N ASN A 4 -7.18 3.56 13.34
CA ASN A 4 -6.01 3.12 14.18
C ASN A 4 -6.32 1.77 14.83
N ASP A 5 -5.34 1.22 15.51
CA ASP A 5 -5.43 -0.10 16.20
C ASP A 5 -6.35 -1.00 15.36
N VAL A 6 -6.00 -1.06 14.10
CA VAL A 6 -6.77 -1.87 13.11
C VAL A 6 -6.17 -3.25 12.93
N ARG A 7 -6.98 -4.25 13.10
CA ARG A 7 -6.48 -5.64 12.94
C ARG A 7 -6.29 -5.81 11.43
N ALA A 8 -5.04 -5.76 11.06
CA ALA A 8 -4.68 -5.89 9.63
C ALA A 8 -4.09 -7.30 9.47
N THR A 9 -4.06 -7.72 8.25
CA THR A 9 -3.51 -9.08 7.96
C THR A 9 -2.05 -8.86 7.57
N TYR A 10 -1.51 -9.65 6.68
CA TYR A 10 -0.07 -9.43 6.30
C TYR A 10 0.16 -9.70 4.76
N HIS A 11 -0.53 -9.06 3.85
CA HIS A 11 -0.22 -9.41 2.40
C HIS A 11 0.01 -8.17 1.53
N TYR A 12 1.14 -8.27 0.90
CA TYR A 12 1.64 -7.23 -0.03
C TYR A 12 1.97 -7.82 -1.40
N TYR A 13 1.18 -7.37 -2.32
CA TYR A 13 1.30 -7.79 -3.74
C TYR A 13 2.59 -7.03 -4.17
N ARG A 14 3.31 -7.75 -5.01
CA ARG A 14 4.61 -7.33 -5.61
C ARG A 14 4.67 -7.41 -7.19
N PRO A 15 3.70 -6.78 -7.82
CA PRO A 15 3.76 -6.38 -9.25
C PRO A 15 5.16 -6.21 -9.82
N ALA A 16 6.00 -5.48 -9.13
CA ALA A 16 7.40 -5.26 -9.60
C ALA A 16 8.06 -6.44 -10.34
N GLN A 17 7.73 -7.69 -10.06
CA GLN A 17 8.38 -8.85 -10.81
C GLN A 17 8.49 -8.49 -12.32
N ASN A 18 7.43 -7.98 -12.90
CA ASN A 18 7.47 -7.60 -14.34
C ASN A 18 7.40 -6.06 -14.39
N ASN A 19 8.44 -5.46 -13.84
CA ASN A 19 8.65 -3.97 -13.74
C ASN A 19 7.31 -3.24 -13.43
N TRP A 20 6.51 -3.96 -12.68
CA TRP A 20 5.15 -3.56 -12.23
C TRP A 20 4.44 -2.62 -13.19
N ASP A 21 4.38 -3.02 -14.42
CA ASP A 21 3.68 -2.13 -15.34
C ASP A 21 2.18 -2.39 -15.10
N LEU A 22 1.64 -1.63 -14.18
CA LEU A 22 0.21 -1.69 -13.79
C LEU A 22 -0.72 -2.24 -14.88
N GLY A 23 -0.43 -1.99 -16.15
CA GLY A 23 -1.31 -2.50 -17.25
C GLY A 23 -0.94 -3.95 -17.58
N ALA A 24 -0.49 -4.66 -16.57
CA ALA A 24 -0.08 -6.10 -16.69
C ALA A 24 -1.30 -7.05 -16.44
N PRO A 25 -1.53 -8.01 -17.30
CA PRO A 25 -2.82 -8.76 -17.41
C PRO A 25 -3.72 -8.95 -16.15
N ALA A 26 -3.17 -9.60 -15.15
CA ALA A 26 -3.90 -9.87 -13.86
C ALA A 26 -3.78 -8.81 -12.74
N VAL A 27 -3.37 -7.62 -13.09
CA VAL A 27 -3.22 -6.54 -12.06
C VAL A 27 -4.20 -5.36 -12.25
N SER A 28 -3.98 -4.72 -13.35
CA SER A 28 -4.75 -3.53 -13.82
C SER A 28 -5.23 -2.58 -12.67
N ALA A 29 -4.34 -1.73 -12.23
CA ALA A 29 -4.68 -0.76 -11.11
C ALA A 29 -5.41 0.53 -11.56
N TYR A 30 -6.32 0.99 -10.74
CA TYR A 30 -7.12 2.23 -11.01
C TYR A 30 -6.56 3.33 -11.92
N CYS A 31 -5.57 4.02 -11.45
CA CYS A 31 -4.98 5.11 -12.26
C CYS A 31 -4.08 4.58 -13.38
N ALA A 32 -3.78 3.30 -13.42
CA ALA A 32 -2.88 2.76 -14.51
C ALA A 32 -3.19 3.41 -15.88
N THR A 33 -4.40 3.24 -16.34
CA THR A 33 -4.86 3.80 -17.66
C THR A 33 -4.46 5.28 -17.89
N TRP A 34 -4.25 5.98 -16.81
CA TRP A 34 -3.87 7.42 -16.83
C TRP A 34 -2.41 7.72 -16.38
N ASP A 35 -1.89 6.93 -15.50
CA ASP A 35 -0.51 7.04 -14.93
C ASP A 35 0.57 6.09 -15.51
N ALA A 36 0.19 4.94 -16.01
CA ALA A 36 1.16 3.94 -16.59
C ALA A 36 2.04 4.51 -17.73
N SER A 37 1.70 5.71 -18.10
CA SER A 37 2.36 6.52 -19.16
C SER A 37 3.51 7.37 -18.57
N LYS A 38 3.45 7.53 -17.27
CA LYS A 38 4.45 8.29 -16.47
C LYS A 38 5.63 7.42 -16.00
N PRO A 39 6.84 7.93 -16.10
CA PRO A 39 8.04 7.12 -15.74
C PRO A 39 8.00 6.43 -14.34
N LEU A 40 8.85 5.45 -14.22
CA LEU A 40 8.96 4.65 -12.96
C LEU A 40 9.23 5.50 -11.73
N SER A 41 9.84 6.64 -11.92
CA SER A 41 10.12 7.51 -10.74
C SER A 41 8.81 7.72 -9.98
N TRP A 42 7.86 8.42 -10.56
CA TRP A 42 6.57 8.63 -9.82
C TRP A 42 6.01 7.29 -9.28
N ARG A 43 5.83 6.33 -10.16
CA ARG A 43 5.28 4.98 -9.75
C ARG A 43 5.89 4.41 -8.43
N SER A 44 7.19 4.46 -8.32
CA SER A 44 7.89 3.95 -7.08
C SER A 44 7.94 5.10 -6.01
N LYS A 45 7.96 6.36 -6.44
CA LYS A 45 8.00 7.59 -5.54
C LYS A 45 6.80 7.43 -4.60
N TYR A 46 5.63 7.51 -5.15
CA TYR A 46 4.37 7.36 -4.34
C TYR A 46 3.26 6.96 -5.34
N GLY A 47 2.03 6.79 -4.93
CA GLY A 47 0.99 6.37 -5.96
C GLY A 47 1.24 4.87 -6.27
N TRP A 48 1.37 4.07 -5.24
CA TRP A 48 1.62 2.60 -5.41
C TRP A 48 1.53 1.59 -4.25
N THR A 49 0.32 1.26 -3.98
CA THR A 49 -0.04 0.24 -2.96
C THR A 49 -1.41 -0.12 -3.36
N ALA A 50 -1.67 -1.29 -3.88
CA ALA A 50 -3.18 -1.41 -4.17
C ALA A 50 -3.63 -1.71 -2.74
N PHE A 51 -4.50 -0.91 -2.20
CA PHE A 51 -4.96 -1.10 -0.77
C PHE A 51 -6.27 -1.89 -0.51
N CYS A 52 -6.32 -2.60 0.60
CA CYS A 52 -7.55 -3.41 0.98
C CYS A 52 -7.99 -3.44 2.52
N GLY A 53 -8.54 -2.37 3.03
CA GLY A 53 -8.97 -2.36 4.49
C GLY A 53 -10.42 -1.88 4.74
N PRO A 54 -10.94 -2.12 5.93
CA PRO A 54 -12.35 -1.74 6.28
C PRO A 54 -12.68 -0.28 5.89
N ALA A 55 -11.87 0.62 6.36
CA ALA A 55 -12.06 2.07 6.06
C ALA A 55 -10.78 2.60 5.39
N GLY A 56 -10.89 3.58 4.54
CA GLY A 56 -9.67 4.14 3.85
C GLY A 56 -9.98 4.61 2.42
N PRO A 57 -10.07 3.71 1.47
CA PRO A 57 -10.14 4.06 0.02
C PRO A 57 -11.10 5.20 -0.35
N ARG A 58 -10.58 6.38 -0.54
CA ARG A 58 -11.48 7.52 -0.90
C ARG A 58 -11.72 7.56 -2.44
N GLY A 59 -12.33 6.49 -2.91
CA GLY A 59 -12.65 6.32 -4.38
C GLY A 59 -11.58 6.90 -5.32
N GLN A 60 -11.96 7.25 -6.53
CA GLN A 60 -10.95 7.82 -7.47
C GLN A 60 -10.12 8.92 -6.75
N ALA A 61 -10.79 9.79 -6.03
CA ALA A 61 -10.12 10.92 -5.27
C ALA A 61 -8.89 10.50 -4.40
N ALA A 62 -8.88 9.25 -3.99
CA ALA A 62 -7.79 8.67 -3.15
C ALA A 62 -6.58 8.30 -4.05
N CYS A 63 -6.89 7.77 -5.21
CA CYS A 63 -5.82 7.37 -6.19
C CYS A 63 -4.95 8.63 -6.47
N GLY A 64 -3.74 8.58 -5.98
CA GLY A 64 -2.77 9.72 -6.15
C GLY A 64 -2.32 10.23 -4.76
N LYS A 65 -2.93 9.78 -3.71
CA LYS A 65 -2.54 10.22 -2.33
C LYS A 65 -1.63 9.15 -1.69
N CYS A 66 -1.03 9.47 -0.57
CA CYS A 66 -0.14 8.51 0.13
C CYS A 66 -0.82 7.99 1.40
N LEU A 67 -0.35 6.91 1.94
CA LEU A 67 -1.00 6.35 3.18
C LEU A 67 0.05 6.31 4.28
N ARG A 68 -0.18 6.84 5.44
CA ARG A 68 0.91 6.74 6.44
C ARG A 68 0.64 5.52 7.33
N VAL A 69 1.47 4.50 7.23
CA VAL A 69 1.24 3.27 8.08
C VAL A 69 2.29 3.21 9.18
N THR A 70 1.79 3.03 10.37
CA THR A 70 2.62 2.94 11.61
C THR A 70 2.45 1.63 12.35
N ASN A 71 3.53 1.18 12.91
CA ASN A 71 3.56 -0.10 13.67
C ASN A 71 3.63 0.18 15.21
N PRO A 72 2.66 -0.27 15.98
CA PRO A 72 2.68 -0.10 17.46
C PRO A 72 3.86 -0.87 18.10
N ALA A 73 4.07 -2.05 17.60
CA ALA A 73 5.15 -2.93 18.12
C ALA A 73 6.57 -2.34 17.98
N THR A 74 6.93 -1.83 16.83
CA THR A 74 8.33 -1.27 16.71
C THR A 74 8.34 0.25 16.82
N GLY A 75 7.18 0.82 16.65
CA GLY A 75 7.02 2.30 16.73
C GLY A 75 7.44 2.91 15.40
N ALA A 76 7.85 2.08 14.47
CA ALA A 76 8.27 2.62 13.15
C ALA A 76 7.03 2.95 12.27
N GLN A 77 7.26 3.74 11.26
CA GLN A 77 6.16 4.16 10.31
C GLN A 77 6.67 4.52 8.90
N ILE A 78 5.88 4.27 7.89
CA ILE A 78 6.27 4.59 6.48
C ILE A 78 5.14 5.26 5.62
N THR A 79 5.44 5.57 4.39
CA THR A 79 4.44 6.21 3.46
C THR A 79 4.05 5.39 2.22
N ALA A 80 2.84 4.92 2.19
CA ALA A 80 2.35 4.11 1.04
C ALA A 80 1.98 5.10 -0.05
N ARG A 81 1.94 4.53 -1.21
CA ARG A 81 1.64 5.21 -2.43
C ARG A 81 0.13 4.76 -2.63
N ILE A 82 -0.90 5.45 -2.22
CA ILE A 82 -2.28 4.88 -2.47
C ILE A 82 -2.66 4.87 -3.95
N VAL A 83 -2.65 3.70 -4.55
CA VAL A 83 -2.99 3.65 -6.01
C VAL A 83 -4.25 2.83 -6.38
N ASP A 84 -4.51 1.71 -5.75
CA ASP A 84 -5.74 0.95 -6.14
C ASP A 84 -6.55 0.37 -4.97
N GLN A 85 -7.60 -0.33 -5.33
CA GLN A 85 -8.51 -0.98 -4.32
C GLN A 85 -8.38 -2.51 -4.52
N CYS A 86 -7.72 -3.20 -3.64
CA CYS A 86 -7.58 -4.69 -3.84
C CYS A 86 -8.74 -5.50 -3.19
N ALA A 87 -8.75 -6.77 -3.49
CA ALA A 87 -9.81 -7.69 -2.95
C ALA A 87 -9.28 -8.81 -2.03
N ASN A 88 -8.50 -9.73 -2.55
CA ASN A 88 -7.98 -10.83 -1.70
C ASN A 88 -6.48 -10.62 -1.31
N GLY A 89 -6.22 -9.43 -0.88
CA GLY A 89 -4.84 -9.05 -0.46
C GLY A 89 -4.86 -8.98 1.06
N GLY A 90 -3.81 -8.46 1.61
CA GLY A 90 -3.71 -8.35 3.11
C GLY A 90 -3.28 -6.97 3.61
N LEU A 91 -3.31 -6.02 2.71
CA LEU A 91 -2.93 -4.59 2.99
C LEU A 91 -2.78 -3.67 1.79
N ASP A 92 -1.80 -4.08 1.10
CA ASP A 92 -1.31 -3.43 -0.17
C ASP A 92 -0.69 -4.21 -1.40
N LEU A 93 -0.43 -3.52 -2.50
CA LEU A 93 0.20 -4.15 -3.73
C LEU A 93 1.54 -3.42 -3.81
N ASP A 94 2.26 -3.44 -2.74
CA ASP A 94 3.58 -2.76 -2.70
C ASP A 94 4.68 -3.77 -3.15
N TRP A 95 4.86 -4.58 -2.14
CA TRP A 95 5.80 -5.73 -1.95
C TRP A 95 6.57 -5.60 -0.64
N ASP A 96 7.17 -4.46 -0.44
CA ASP A 96 7.98 -4.20 0.78
C ASP A 96 7.91 -2.85 1.48
N THR A 97 8.03 -1.79 0.72
CA THR A 97 7.98 -0.39 1.24
C THR A 97 7.07 -0.28 2.51
N VAL A 98 6.01 -1.05 2.54
CA VAL A 98 5.06 -1.06 3.70
C VAL A 98 5.29 -2.06 4.88
N PHE A 99 5.15 -3.33 4.58
CA PHE A 99 5.32 -4.41 5.63
C PHE A 99 6.73 -4.87 5.97
N THR A 100 7.33 -5.69 5.13
CA THR A 100 8.74 -6.20 5.42
C THR A 100 9.66 -5.07 5.89
N LYS A 101 9.24 -3.87 5.63
CA LYS A 101 9.97 -2.64 6.00
C LYS A 101 9.63 -2.18 7.44
N ILE A 102 8.39 -2.18 7.90
CA ILE A 102 8.15 -1.72 9.32
C ILE A 102 8.23 -2.91 10.32
N ASP A 103 8.65 -4.00 9.75
CA ASP A 103 8.86 -5.33 10.39
C ASP A 103 10.36 -5.61 10.77
N THR A 104 10.91 -4.70 11.54
CA THR A 104 12.35 -4.81 12.02
C THR A 104 12.71 -6.13 12.73
N ASN A 105 11.70 -6.80 13.17
CA ASN A 105 11.82 -8.12 13.88
C ASN A 105 10.96 -9.12 13.08
N GLY A 106 9.73 -8.72 12.85
CA GLY A 106 8.77 -9.58 12.07
C GLY A 106 7.87 -10.44 12.94
N ILE A 107 7.64 -10.03 14.16
CA ILE A 107 6.76 -10.79 15.11
C ILE A 107 5.51 -11.40 14.42
N GLY A 108 4.61 -10.57 13.94
CA GLY A 108 3.37 -11.03 13.25
C GLY A 108 3.61 -12.06 12.15
N TYR A 109 4.75 -11.98 11.53
CA TYR A 109 5.13 -12.92 10.41
C TYR A 109 5.10 -14.38 10.92
N GLN A 110 5.20 -14.53 12.22
CA GLN A 110 5.18 -15.88 12.87
C GLN A 110 3.71 -16.41 12.96
N GLN A 111 2.78 -15.51 12.81
CA GLN A 111 1.31 -15.87 12.87
C GLN A 111 0.55 -15.67 11.55
N GLY A 112 0.87 -14.61 10.86
CA GLY A 112 0.21 -14.28 9.54
C GLY A 112 -0.60 -13.00 9.58
N HIS A 113 -0.41 -12.23 10.62
CA HIS A 113 -1.15 -10.94 10.75
C HIS A 113 -0.43 -9.97 11.70
N LEU A 114 -0.69 -8.71 11.51
CA LEU A 114 -0.06 -7.64 12.35
C LEU A 114 -1.12 -6.56 12.67
N ASN A 115 -0.92 -5.78 13.69
CA ASN A 115 -1.91 -4.72 14.02
C ASN A 115 -1.14 -3.42 13.77
N VAL A 116 -1.75 -2.58 12.99
CA VAL A 116 -1.11 -1.27 12.64
C VAL A 116 -2.11 -0.10 12.75
N ASN A 117 -1.58 1.08 12.57
CA ASN A 117 -2.42 2.32 12.63
C ASN A 117 -2.13 3.04 11.33
N TYR A 118 -3.10 3.64 10.70
CA TYR A 118 -2.73 4.32 9.44
C TYR A 118 -3.58 5.56 9.21
N GLN A 119 -3.00 6.55 8.60
CA GLN A 119 -3.77 7.78 8.36
C GLN A 119 -3.49 8.30 6.95
N PHE A 120 -4.55 8.59 6.24
CA PHE A 120 -4.37 9.11 4.87
C PHE A 120 -3.53 10.39 4.95
N VAL A 121 -2.50 10.36 4.14
CA VAL A 121 -1.55 11.51 4.10
C VAL A 121 -1.34 11.97 2.64
N ASP A 122 -1.36 13.27 2.51
CA ASP A 122 -1.16 13.88 1.16
C ASP A 122 0.35 14.11 0.96
N CYS A 123 0.90 13.57 -0.10
CA CYS A 123 2.36 13.77 -0.34
C CYS A 123 2.69 15.01 -1.18
N ARG A 124 1.71 15.82 -1.50
CA ARG A 124 1.98 17.05 -2.32
C ARG A 124 2.96 16.79 -3.51
N ASP A 125 2.49 16.04 -4.48
CA ASP A 125 3.31 15.72 -5.69
C ASP A 125 3.18 16.93 -6.66
N GLU A 1 -12.45 8.35 7.88
CA GLU A 1 -11.27 9.27 7.84
C GLU A 1 -9.99 8.63 8.46
N GLN A 2 -10.09 8.13 9.67
CA GLN A 2 -8.91 7.49 10.35
C GLN A 2 -9.22 6.16 11.09
N ALA A 3 -8.38 5.17 10.99
CA ALA A 3 -8.65 3.88 11.72
C ALA A 3 -7.34 3.57 12.50
N ASN A 4 -7.49 3.25 13.76
CA ASN A 4 -6.28 2.93 14.59
C ASN A 4 -6.49 1.56 15.29
N ASP A 5 -5.47 1.04 15.93
CA ASP A 5 -5.54 -0.30 16.64
C ASP A 5 -6.27 -1.32 15.72
N VAL A 6 -5.83 -1.29 14.48
CA VAL A 6 -6.45 -2.20 13.47
C VAL A 6 -5.53 -3.40 13.22
N ARG A 7 -6.18 -4.52 13.09
CA ARG A 7 -5.48 -5.81 12.84
C ARG A 7 -5.22 -5.82 11.33
N ALA A 8 -4.04 -5.43 10.94
CA ALA A 8 -3.69 -5.39 9.50
C ALA A 8 -3.28 -6.76 8.94
N THR A 9 -4.20 -7.31 8.18
CA THR A 9 -4.02 -8.63 7.53
C THR A 9 -3.29 -8.19 6.29
N TYR A 10 -1.99 -8.08 6.39
CA TYR A 10 -1.23 -7.62 5.19
C TYR A 10 -0.93 -8.65 4.08
N HIS A 11 -1.30 -8.23 2.92
CA HIS A 11 -1.09 -9.04 1.67
C HIS A 11 -0.89 -7.99 0.55
N TYR A 12 -0.27 -8.47 -0.49
CA TYR A 12 0.01 -7.58 -1.65
C TYR A 12 0.08 -8.24 -3.03
N TYR A 13 0.13 -7.34 -3.96
CA TYR A 13 0.21 -7.68 -5.41
C TYR A 13 1.59 -7.17 -5.94
N ARG A 14 2.31 -8.01 -6.66
CA ARG A 14 3.65 -7.59 -7.20
C ARG A 14 3.75 -7.56 -8.76
N PRO A 15 2.78 -6.93 -9.42
CA PRO A 15 2.88 -6.54 -10.86
C PRO A 15 4.32 -6.26 -11.32
N ALA A 16 5.04 -5.66 -10.41
CA ALA A 16 6.49 -5.28 -10.59
C ALA A 16 7.20 -6.19 -11.61
N GLN A 17 7.03 -7.49 -11.46
CA GLN A 17 7.65 -8.50 -12.39
C GLN A 17 7.75 -7.97 -13.85
N ASN A 18 6.70 -7.31 -14.27
CA ASN A 18 6.60 -6.72 -15.65
C ASN A 18 6.57 -5.16 -15.47
N ASN A 19 7.57 -4.57 -14.88
CA ASN A 19 7.63 -3.05 -14.65
C ASN A 19 6.19 -2.58 -14.30
N TRP A 20 5.63 -3.41 -13.46
CA TRP A 20 4.23 -3.27 -12.93
C TRP A 20 3.36 -2.76 -14.12
N ASP A 21 3.16 -3.74 -14.94
CA ASP A 21 2.36 -3.58 -16.17
C ASP A 21 0.92 -3.68 -15.70
N LEU A 22 0.57 -2.62 -15.02
CA LEU A 22 -0.79 -2.45 -14.46
C LEU A 22 -1.86 -2.62 -15.55
N GLY A 23 -1.43 -2.64 -16.79
CA GLY A 23 -2.36 -2.79 -17.94
C GLY A 23 -2.30 -4.22 -18.50
N ALA A 24 -1.87 -5.14 -17.67
CA ALA A 24 -1.78 -6.57 -18.11
C ALA A 24 -3.18 -7.26 -17.93
N PRO A 25 -3.58 -8.02 -18.94
CA PRO A 25 -4.96 -8.60 -19.06
C PRO A 25 -5.58 -9.15 -17.76
N ALA A 26 -4.78 -9.86 -17.00
CA ALA A 26 -5.23 -10.47 -15.71
C ALA A 26 -5.04 -9.55 -14.49
N VAL A 27 -4.86 -8.29 -14.73
CA VAL A 27 -4.67 -7.31 -13.63
C VAL A 27 -5.49 -6.03 -13.74
N SER A 28 -5.23 -5.39 -14.84
CA SER A 28 -5.85 -4.10 -15.23
C SER A 28 -6.14 -3.20 -13.97
N ALA A 29 -5.16 -2.45 -13.54
CA ALA A 29 -5.38 -1.59 -12.32
C ALA A 29 -5.94 -0.17 -12.44
N TYR A 30 -6.65 0.22 -11.40
CA TYR A 30 -7.30 1.57 -11.34
C TYR A 30 -6.82 2.85 -11.98
N CYS A 31 -5.70 3.30 -11.54
CA CYS A 31 -5.21 4.56 -12.10
C CYS A 31 -3.99 4.36 -13.00
N ALA A 32 -3.88 3.17 -13.56
CA ALA A 32 -2.72 2.86 -14.47
C ALA A 32 -2.49 4.04 -15.45
N THR A 33 -3.61 4.38 -16.04
CA THR A 33 -3.82 5.47 -17.05
C THR A 33 -3.17 6.81 -16.68
N TRP A 34 -2.98 6.96 -15.39
CA TRP A 34 -2.38 8.17 -14.78
C TRP A 34 -0.99 8.01 -14.13
N ASP A 35 -0.77 6.97 -13.35
CA ASP A 35 0.57 6.76 -12.68
C ASP A 35 1.62 5.87 -13.44
N ALA A 36 1.17 4.84 -14.12
CA ALA A 36 2.04 3.88 -14.91
C ALA A 36 3.17 4.49 -15.77
N SER A 37 3.03 5.77 -15.97
CA SER A 37 3.94 6.66 -16.76
C SER A 37 5.16 7.13 -15.93
N LYS A 38 5.05 7.19 -14.63
CA LYS A 38 6.21 7.63 -13.81
C LYS A 38 7.29 6.52 -13.85
N PRO A 39 8.54 6.93 -13.88
CA PRO A 39 9.69 5.98 -13.99
C PRO A 39 9.69 4.79 -12.98
N LEU A 40 10.75 4.04 -12.97
CA LEU A 40 10.84 2.87 -12.03
C LEU A 40 11.18 3.27 -10.58
N SER A 41 12.28 3.96 -10.39
CA SER A 41 12.68 4.41 -9.02
C SER A 41 11.51 4.91 -8.17
N TRP A 42 10.99 6.06 -8.53
CA TRP A 42 9.83 6.67 -7.79
C TRP A 42 8.72 5.65 -7.61
N ARG A 43 8.25 5.11 -8.70
CA ARG A 43 7.16 4.09 -8.67
C ARG A 43 7.29 3.01 -7.58
N SER A 44 8.40 2.33 -7.48
CA SER A 44 8.48 1.28 -6.38
C SER A 44 8.70 2.00 -5.04
N LYS A 45 9.59 2.96 -5.06
CA LYS A 45 9.92 3.77 -3.83
C LYS A 45 8.70 4.23 -2.98
N TYR A 46 8.02 5.16 -3.57
CA TYR A 46 6.80 5.81 -3.00
C TYR A 46 6.00 6.03 -4.27
N GLY A 47 5.34 7.14 -4.33
CA GLY A 47 4.52 7.51 -5.53
C GLY A 47 3.56 6.44 -6.04
N TRP A 48 3.36 5.38 -5.30
CA TRP A 48 2.46 4.34 -5.74
C TRP A 48 2.64 3.21 -4.78
N THR A 49 1.48 2.75 -4.46
CA THR A 49 1.15 1.59 -3.59
C THR A 49 -0.28 1.18 -3.94
N ALA A 50 -0.65 -0.04 -3.68
CA ALA A 50 -2.13 -0.35 -4.08
C ALA A 50 -2.92 -0.33 -2.82
N PHE A 51 -4.21 -0.49 -2.85
CA PHE A 51 -4.97 -0.46 -1.57
C PHE A 51 -6.14 -1.55 -1.33
N CYS A 52 -6.20 -2.07 -0.12
CA CYS A 52 -7.23 -3.10 0.30
C CYS A 52 -7.46 -3.21 1.85
N GLY A 53 -7.93 -2.14 2.44
CA GLY A 53 -8.17 -2.16 3.92
C GLY A 53 -9.66 -1.94 4.23
N PRO A 54 -10.13 -2.44 5.37
CA PRO A 54 -11.59 -2.45 5.70
C PRO A 54 -12.29 -1.08 5.69
N ALA A 55 -11.79 -0.16 6.48
CA ALA A 55 -12.41 1.21 6.55
C ALA A 55 -11.48 2.17 5.80
N GLY A 56 -12.06 3.24 5.33
CA GLY A 56 -11.28 4.27 4.56
C GLY A 56 -12.07 4.78 3.33
N PRO A 57 -12.91 5.76 3.55
CA PRO A 57 -13.81 6.27 2.47
C PRO A 57 -12.98 7.00 1.40
N ARG A 58 -12.74 6.28 0.34
CA ARG A 58 -11.94 6.82 -0.80
C ARG A 58 -12.31 6.10 -2.13
N GLY A 59 -11.59 6.27 -3.21
CA GLY A 59 -11.95 5.55 -4.51
C GLY A 59 -11.93 6.43 -5.73
N GLN A 60 -12.83 7.37 -5.80
CA GLN A 60 -12.85 8.28 -7.00
C GLN A 60 -11.56 9.14 -6.98
N ALA A 61 -11.35 9.84 -5.90
CA ALA A 61 -10.14 10.71 -5.77
C ALA A 61 -8.91 9.97 -5.14
N ALA A 62 -9.04 9.53 -3.92
CA ALA A 62 -7.88 8.83 -3.26
C ALA A 62 -7.67 7.35 -3.62
N CYS A 63 -7.82 7.08 -4.91
CA CYS A 63 -7.71 5.75 -5.63
C CYS A 63 -7.01 4.62 -4.84
N GLY A 64 -7.47 4.56 -3.62
CA GLY A 64 -7.07 3.64 -2.55
C GLY A 64 -6.24 3.99 -1.22
N LYS A 65 -5.08 4.57 -1.33
CA LYS A 65 -4.10 4.93 -0.19
C LYS A 65 -2.89 5.94 -0.04
N CYS A 66 -2.86 7.13 0.48
CA CYS A 66 -1.56 7.85 0.54
C CYS A 66 -1.74 7.77 2.06
N LEU A 67 -1.80 6.54 2.50
CA LEU A 67 -2.05 6.37 3.95
C LEU A 67 -0.75 6.41 4.68
N ARG A 68 -0.81 7.07 5.79
CA ARG A 68 0.41 7.18 6.63
C ARG A 68 0.20 6.03 7.63
N VAL A 69 1.14 5.13 7.70
CA VAL A 69 1.10 3.94 8.62
C VAL A 69 2.20 4.01 9.69
N THR A 70 1.80 3.79 10.90
CA THR A 70 2.77 3.82 12.05
C THR A 70 2.71 2.52 12.87
N ASN A 71 3.85 2.11 13.36
CA ASN A 71 4.02 0.86 14.17
C ASN A 71 4.39 1.07 15.69
N PRO A 72 3.41 1.34 16.53
CA PRO A 72 3.61 1.69 17.97
C PRO A 72 4.65 0.76 18.60
N ALA A 73 4.54 -0.49 18.25
CA ALA A 73 5.48 -1.55 18.75
C ALA A 73 6.93 -1.02 18.87
N THR A 74 7.33 -0.23 17.91
CA THR A 74 8.73 0.36 17.91
C THR A 74 8.70 1.88 17.83
N GLY A 75 7.72 2.38 17.11
CA GLY A 75 7.56 3.86 16.92
C GLY A 75 7.82 4.23 15.47
N ALA A 76 8.26 3.30 14.66
CA ALA A 76 8.54 3.65 13.23
C ALA A 76 7.27 3.88 12.38
N GLN A 77 7.40 4.82 11.48
CA GLN A 77 6.27 5.18 10.57
C GLN A 77 6.73 5.45 9.13
N ILE A 78 5.83 5.16 8.22
CA ILE A 78 6.05 5.35 6.75
C ILE A 78 4.68 5.68 6.05
N THR A 79 4.66 6.15 4.82
CA THR A 79 3.36 6.46 4.11
C THR A 79 3.47 5.74 2.77
N ALA A 80 2.34 5.44 2.22
CA ALA A 80 2.36 4.74 0.85
C ALA A 80 1.52 5.47 -0.16
N ARG A 81 1.85 5.51 -1.44
CA ARG A 81 1.04 6.25 -2.43
C ARG A 81 -0.15 5.62 -3.16
N ILE A 82 -1.28 6.19 -2.93
CA ILE A 82 -2.52 5.70 -3.59
C ILE A 82 -2.46 5.55 -5.13
N VAL A 83 -2.62 4.36 -5.64
CA VAL A 83 -2.60 4.20 -7.14
C VAL A 83 -3.66 3.12 -7.52
N ASP A 84 -3.58 1.99 -6.90
CA ASP A 84 -4.59 0.90 -7.25
C ASP A 84 -5.25 0.23 -6.04
N GLN A 85 -5.90 -0.86 -6.34
CA GLN A 85 -6.61 -1.71 -5.36
C GLN A 85 -6.05 -3.15 -5.50
N CYS A 86 -6.35 -4.00 -4.56
CA CYS A 86 -5.89 -5.42 -4.60
C CYS A 86 -7.18 -6.29 -4.46
N ALA A 87 -7.10 -7.55 -4.81
CA ALA A 87 -8.32 -8.44 -4.71
C ALA A 87 -8.42 -9.21 -3.39
N ASN A 88 -7.31 -9.47 -2.74
CA ASN A 88 -7.37 -10.21 -1.46
C ASN A 88 -7.25 -9.16 -0.32
N GLY A 89 -7.66 -9.56 0.86
CA GLY A 89 -7.60 -8.64 2.04
C GLY A 89 -6.23 -8.40 2.60
N GLY A 90 -5.36 -7.81 1.82
CA GLY A 90 -3.95 -7.54 2.28
C GLY A 90 -3.72 -6.11 2.73
N LEU A 91 -3.69 -5.23 1.80
CA LEU A 91 -3.48 -3.74 2.07
C LEU A 91 -2.96 -2.89 1.00
N ASP A 92 -2.32 -3.55 0.11
CA ASP A 92 -1.67 -2.85 -1.09
C ASP A 92 -0.80 -3.55 -2.20
N LEU A 93 -0.28 -2.69 -3.06
CA LEU A 93 0.61 -3.09 -4.14
C LEU A 93 1.73 -3.19 -3.05
N ASP A 94 2.57 -4.02 -3.51
CA ASP A 94 3.80 -4.62 -3.01
C ASP A 94 4.25 -3.94 -1.73
N TRP A 95 4.58 -4.85 -0.85
CA TRP A 95 5.04 -4.62 0.53
C TRP A 95 6.52 -4.52 0.76
N ASP A 96 7.21 -4.47 -0.33
CA ASP A 96 8.70 -4.35 -0.08
C ASP A 96 9.06 -2.84 0.26
N THR A 97 8.01 -2.08 0.13
CA THR A 97 7.80 -0.60 0.31
C THR A 97 7.38 -0.16 1.77
N VAL A 98 6.26 -0.64 2.28
CA VAL A 98 5.79 -0.27 3.66
C VAL A 98 6.28 -1.17 4.84
N PHE A 99 5.68 -2.34 4.85
CA PHE A 99 5.95 -3.39 5.90
C PHE A 99 7.45 -3.63 6.19
N THR A 100 8.20 -4.11 5.23
CA THR A 100 9.69 -4.38 5.42
C THR A 100 10.41 -3.38 6.27
N LYS A 101 9.89 -2.19 6.17
CA LYS A 101 10.47 -1.06 6.92
C LYS A 101 9.96 -0.82 8.34
N ILE A 102 8.68 -0.53 8.42
CA ILE A 102 8.08 -0.24 9.78
C ILE A 102 8.28 -1.42 10.74
N ASP A 103 8.39 -2.58 10.15
CA ASP A 103 8.60 -3.81 10.92
C ASP A 103 10.06 -4.21 11.12
N THR A 104 10.77 -3.27 11.71
CA THR A 104 12.26 -3.42 12.04
C THR A 104 12.76 -4.86 12.04
N ASN A 105 11.96 -5.64 12.72
CA ASN A 105 12.17 -7.10 12.91
C ASN A 105 11.43 -8.00 11.88
N GLY A 106 10.13 -7.98 11.75
CA GLY A 106 9.46 -8.87 10.72
C GLY A 106 8.67 -10.06 11.21
N ILE A 107 8.82 -10.47 12.46
CA ILE A 107 8.06 -11.66 13.01
C ILE A 107 6.69 -11.88 12.35
N GLY A 108 5.86 -10.89 12.50
CA GLY A 108 4.46 -10.84 11.94
C GLY A 108 4.38 -11.44 10.54
N TYR A 109 5.41 -11.22 9.77
CA TYR A 109 5.49 -11.73 8.39
C TYR A 109 5.12 -13.24 8.33
N GLN A 110 5.39 -13.95 9.41
CA GLN A 110 5.08 -15.42 9.46
C GLN A 110 3.79 -15.73 10.28
N GLN A 111 3.13 -14.69 10.71
CA GLN A 111 1.86 -14.84 11.50
C GLN A 111 0.74 -14.54 10.50
N GLY A 112 1.00 -13.55 9.67
CA GLY A 112 -0.01 -13.15 8.62
C GLY A 112 -0.62 -11.77 8.78
N HIS A 113 -0.51 -11.21 9.94
CA HIS A 113 -1.08 -9.84 10.19
C HIS A 113 -0.35 -9.07 11.32
N LEU A 114 -0.55 -7.79 11.43
CA LEU A 114 0.14 -6.96 12.51
C LEU A 114 -0.77 -5.86 13.16
N ASN A 115 -0.36 -5.19 14.22
CA ASN A 115 -1.22 -4.13 14.86
C ASN A 115 -0.54 -2.75 14.56
N VAL A 116 -1.22 -2.08 13.68
CA VAL A 116 -0.76 -0.73 13.20
C VAL A 116 -1.94 0.28 13.08
N ASN A 117 -1.61 1.48 12.70
CA ASN A 117 -2.63 2.58 12.53
C ASN A 117 -2.38 3.23 11.17
N TYR A 118 -3.42 3.64 10.50
CA TYR A 118 -3.24 4.30 9.18
C TYR A 118 -4.17 5.50 9.18
N GLN A 119 -3.62 6.63 8.81
CA GLN A 119 -4.48 7.86 8.79
C GLN A 119 -4.53 8.34 7.33
N PHE A 120 -5.71 8.70 6.85
CA PHE A 120 -5.75 9.16 5.44
C PHE A 120 -4.96 10.40 5.21
N VAL A 121 -4.04 10.18 4.33
CA VAL A 121 -3.12 11.22 3.91
C VAL A 121 -2.95 11.16 2.39
N ASP A 122 -2.58 12.32 1.95
CA ASP A 122 -2.23 12.67 0.55
C ASP A 122 -0.70 12.37 0.58
N CYS A 123 0.02 11.80 -0.36
CA CYS A 123 1.49 11.66 -0.04
C CYS A 123 2.12 12.97 -0.57
N ARG A 124 1.88 13.14 -1.84
CA ARG A 124 2.35 14.31 -2.66
C ARG A 124 3.89 14.38 -2.66
N ASP A 125 4.44 13.38 -3.30
CA ASP A 125 5.91 13.20 -3.46
C ASP A 125 6.40 13.93 -4.76
N GLU A 1 -10.28 8.11 5.20
CA GLU A 1 -10.03 9.12 6.27
C GLU A 1 -8.94 8.64 7.26
N GLN A 2 -9.28 8.46 8.51
CA GLN A 2 -8.26 8.01 9.53
C GLN A 2 -8.77 6.85 10.42
N ALA A 3 -7.99 5.80 10.57
CA ALA A 3 -8.39 4.63 11.43
C ALA A 3 -7.18 4.25 12.34
N ASN A 4 -7.44 3.67 13.47
CA ASN A 4 -6.33 3.27 14.40
C ASN A 4 -6.52 1.89 15.03
N ASP A 5 -5.47 1.42 15.63
CA ASP A 5 -5.43 0.11 16.31
C ASP A 5 -6.37 -0.92 15.58
N VAL A 6 -6.07 -1.15 14.33
CA VAL A 6 -6.89 -2.09 13.49
C VAL A 6 -6.09 -3.37 13.16
N ARG A 7 -6.78 -4.48 13.02
CA ARG A 7 -6.07 -5.75 12.69
C ARG A 7 -5.81 -5.76 11.16
N ALA A 8 -4.61 -6.10 10.75
CA ALA A 8 -4.30 -6.13 9.28
C ALA A 8 -3.56 -7.43 8.86
N THR A 9 -3.88 -8.02 7.75
CA THR A 9 -3.12 -9.28 7.38
C THR A 9 -2.04 -8.77 6.43
N TYR A 10 -1.53 -9.50 5.48
CA TYR A 10 -0.48 -8.90 4.62
C TYR A 10 -0.50 -9.41 3.16
N HIS A 11 -1.39 -8.82 2.40
CA HIS A 11 -1.50 -9.22 0.97
C HIS A 11 -0.81 -8.03 0.26
N TYR A 12 0.47 -8.21 0.14
CA TYR A 12 1.41 -7.24 -0.50
C TYR A 12 1.53 -7.60 -1.99
N TYR A 13 0.61 -7.14 -2.76
CA TYR A 13 0.70 -7.48 -4.23
C TYR A 13 2.01 -6.78 -4.67
N ARG A 14 2.81 -7.50 -5.45
CA ARG A 14 4.14 -6.97 -5.97
C ARG A 14 4.26 -6.81 -7.53
N PRO A 15 3.36 -6.04 -8.12
CA PRO A 15 3.42 -5.69 -9.58
C PRO A 15 4.86 -5.47 -10.04
N ALA A 16 5.60 -4.72 -9.26
CA ALA A 16 7.03 -4.40 -9.57
C ALA A 16 7.80 -5.53 -10.30
N GLN A 17 7.52 -6.78 -9.98
CA GLN A 17 8.22 -7.95 -10.64
C GLN A 17 8.56 -7.63 -12.10
N ASN A 18 7.62 -7.08 -12.82
CA ASN A 18 7.84 -6.70 -14.26
C ASN A 18 7.75 -5.15 -14.30
N ASN A 19 8.71 -4.52 -13.63
CA ASN A 19 8.82 -3.00 -13.53
C ASN A 19 7.38 -2.40 -13.43
N TRP A 20 6.65 -3.10 -12.61
CA TRP A 20 5.23 -2.87 -12.27
C TRP A 20 4.44 -2.66 -13.61
N ASP A 21 4.29 -3.80 -14.25
CA ASP A 21 3.58 -3.96 -15.56
C ASP A 21 2.11 -4.15 -15.22
N LEU A 22 1.61 -3.06 -14.70
CA LEU A 22 0.18 -3.00 -14.30
C LEU A 22 -0.74 -3.49 -15.42
N GLY A 23 -0.21 -3.43 -16.62
CA GLY A 23 -0.99 -3.88 -17.82
C GLY A 23 -1.28 -5.38 -17.67
N ALA A 24 -0.27 -6.10 -17.29
CA ALA A 24 -0.36 -7.58 -17.08
C ALA A 24 -1.70 -8.02 -16.39
N PRO A 25 -2.62 -8.65 -17.09
CA PRO A 25 -4.01 -8.90 -16.55
C PRO A 25 -4.06 -9.19 -15.03
N ALA A 26 -3.21 -10.09 -14.60
CA ALA A 26 -3.09 -10.51 -13.17
C ALA A 26 -3.01 -9.37 -12.12
N VAL A 27 -2.75 -8.19 -12.59
CA VAL A 27 -2.63 -6.98 -11.72
C VAL A 27 -3.76 -5.96 -11.94
N SER A 28 -3.74 -5.46 -13.15
CA SER A 28 -4.71 -4.45 -13.65
C SER A 28 -5.32 -3.45 -12.59
N ALA A 29 -4.48 -2.60 -12.05
CA ALA A 29 -4.88 -1.56 -11.02
C ALA A 29 -5.71 -0.36 -11.52
N TYR A 30 -6.55 0.18 -10.64
CA TYR A 30 -7.39 1.35 -11.05
C TYR A 30 -6.84 2.31 -12.10
N CYS A 31 -5.87 3.08 -11.72
CA CYS A 31 -5.32 4.04 -12.70
C CYS A 31 -4.10 3.47 -13.41
N ALA A 32 -4.17 2.22 -13.80
CA ALA A 32 -2.99 1.63 -14.52
C ALA A 32 -2.92 2.26 -15.92
N THR A 33 -3.90 1.95 -16.73
CA THR A 33 -3.98 2.48 -18.15
C THR A 33 -3.54 3.95 -18.25
N TRP A 34 -3.84 4.66 -17.20
CA TRP A 34 -3.51 6.10 -17.10
C TRP A 34 -2.17 6.41 -16.43
N ASP A 35 -1.86 5.91 -15.26
CA ASP A 35 -0.55 6.24 -14.63
C ASP A 35 0.63 5.42 -15.10
N ALA A 36 0.34 4.23 -15.54
CA ALA A 36 1.39 3.29 -16.05
C ALA A 36 2.12 3.93 -17.25
N SER A 37 1.56 5.01 -17.71
CA SER A 37 2.15 5.75 -18.87
C SER A 37 3.16 6.82 -18.39
N LYS A 38 3.29 6.97 -17.09
CA LYS A 38 4.25 7.96 -16.52
C LYS A 38 5.63 7.32 -16.31
N PRO A 39 6.69 8.09 -16.43
CA PRO A 39 8.04 7.63 -16.02
C PRO A 39 8.11 7.13 -14.56
N LEU A 40 8.92 6.12 -14.41
CA LEU A 40 9.17 5.45 -13.11
C LEU A 40 9.29 6.31 -11.85
N SER A 41 9.91 7.42 -12.07
CA SER A 41 10.22 8.45 -11.08
C SER A 41 9.38 8.46 -9.78
N TRP A 42 8.23 9.01 -9.98
CA TRP A 42 7.17 9.23 -8.97
C TRP A 42 6.43 7.88 -8.91
N ARG A 43 6.22 7.44 -10.14
CA ARG A 43 5.54 6.18 -10.48
C ARG A 43 5.60 5.14 -9.28
N SER A 44 6.86 4.99 -8.90
CA SER A 44 7.33 4.10 -7.79
C SER A 44 7.42 4.98 -6.51
N LYS A 45 7.97 6.18 -6.56
CA LYS A 45 8.09 7.13 -5.36
C LYS A 45 6.88 6.98 -4.38
N TYR A 46 5.74 7.37 -4.89
CA TYR A 46 4.47 7.30 -4.10
C TYR A 46 3.22 7.09 -5.00
N GLY A 47 2.04 7.14 -4.41
CA GLY A 47 0.78 6.93 -5.22
C GLY A 47 0.91 5.51 -5.82
N TRP A 48 1.13 4.52 -4.98
CA TRP A 48 1.29 3.12 -5.44
C TRP A 48 1.07 2.11 -4.35
N THR A 49 -0.14 1.77 -4.13
CA THR A 49 -0.41 0.75 -3.10
C THR A 49 -1.78 0.24 -3.44
N ALA A 50 -1.90 -1.03 -3.79
CA ALA A 50 -3.43 -1.30 -4.01
C ALA A 50 -3.81 -1.49 -2.53
N PHE A 51 -4.72 -0.64 -2.05
CA PHE A 51 -5.15 -0.72 -0.61
C PHE A 51 -6.40 -1.63 -0.32
N CYS A 52 -6.43 -2.22 0.86
CA CYS A 52 -7.59 -3.13 1.25
C CYS A 52 -8.11 -3.04 2.74
N GLY A 53 -8.48 -1.90 3.24
CA GLY A 53 -8.99 -1.86 4.68
C GLY A 53 -10.45 -1.43 4.85
N PRO A 54 -11.07 -1.81 5.96
CA PRO A 54 -12.49 -1.46 6.27
C PRO A 54 -12.82 0.05 6.22
N ALA A 55 -12.02 0.88 6.83
CA ALA A 55 -12.29 2.35 6.81
C ALA A 55 -11.20 3.05 5.97
N GLY A 56 -11.67 3.87 5.09
CA GLY A 56 -10.77 4.64 4.16
C GLY A 56 -11.33 4.72 2.73
N PRO A 57 -12.36 5.52 2.54
CA PRO A 57 -12.90 5.70 1.15
C PRO A 57 -11.90 6.27 0.09
N ARG A 58 -11.37 5.38 -0.69
CA ARG A 58 -10.40 5.69 -1.79
C ARG A 58 -10.81 5.02 -3.13
N GLY A 59 -11.13 5.79 -4.12
CA GLY A 59 -11.55 5.24 -5.47
C GLY A 59 -10.70 6.00 -6.50
N GLN A 60 -11.33 6.92 -7.19
CA GLN A 60 -10.59 7.72 -8.22
C GLN A 60 -10.04 8.94 -7.42
N ALA A 61 -10.90 9.74 -6.84
CA ALA A 61 -10.50 10.95 -6.03
C ALA A 61 -9.28 10.80 -5.05
N ALA A 62 -8.83 9.60 -4.83
CA ALA A 62 -7.67 9.32 -3.92
C ALA A 62 -6.44 8.72 -4.67
N CYS A 63 -6.66 8.34 -5.91
CA CYS A 63 -5.63 7.76 -6.81
C CYS A 63 -4.76 8.99 -7.10
N GLY A 64 -3.82 9.21 -6.22
CA GLY A 64 -2.88 10.37 -6.32
C GLY A 64 -2.34 10.77 -4.95
N LYS A 65 -2.92 10.27 -3.89
CA LYS A 65 -2.44 10.63 -2.52
C LYS A 65 -1.67 9.44 -1.94
N CYS A 66 -1.18 9.68 -0.75
CA CYS A 66 -0.39 8.70 0.04
C CYS A 66 -1.16 8.25 1.32
N LEU A 67 -0.60 7.30 2.02
CA LEU A 67 -1.24 6.78 3.28
C LEU A 67 -0.17 6.65 4.36
N ARG A 68 -0.34 7.16 5.55
CA ARG A 68 0.76 7.00 6.57
C ARG A 68 0.42 5.80 7.46
N VAL A 69 1.37 4.92 7.63
CA VAL A 69 1.18 3.71 8.48
C VAL A 69 2.28 3.63 9.52
N THR A 70 1.82 3.38 10.71
CA THR A 70 2.72 3.26 11.90
C THR A 70 2.42 1.92 12.59
N ASN A 71 3.42 1.38 13.23
CA ASN A 71 3.31 0.07 13.95
C ASN A 71 3.39 0.28 15.49
N PRO A 72 2.34 0.04 16.24
CA PRO A 72 2.39 0.31 17.72
C PRO A 72 3.49 -0.54 18.40
N ALA A 73 3.28 -1.84 18.39
CA ALA A 73 4.22 -2.85 18.99
C ALA A 73 5.73 -2.48 19.02
N THR A 74 6.19 -1.94 17.93
CA THR A 74 7.63 -1.55 17.78
C THR A 74 7.85 -0.04 17.82
N GLY A 75 6.99 0.67 17.17
CA GLY A 75 7.09 2.17 17.12
C GLY A 75 7.57 2.57 15.73
N ALA A 76 7.85 1.62 14.87
CA ALA A 76 8.32 2.01 13.50
C ALA A 76 7.14 2.53 12.64
N GLN A 77 7.50 3.17 11.55
CA GLN A 77 6.48 3.74 10.61
C GLN A 77 7.01 3.88 9.17
N ILE A 78 6.07 4.07 8.27
CA ILE A 78 6.31 4.26 6.79
C ILE A 78 5.10 5.00 6.09
N THR A 79 5.20 5.28 4.81
CA THR A 79 4.08 5.98 4.05
C THR A 79 3.72 5.25 2.74
N ALA A 80 2.52 4.73 2.63
CA ALA A 80 2.15 4.01 1.37
C ALA A 80 1.75 5.07 0.34
N ARG A 81 1.68 4.61 -0.87
CA ARG A 81 1.35 5.41 -2.02
C ARG A 81 -0.05 4.97 -2.50
N ILE A 82 -1.05 5.80 -2.52
CA ILE A 82 -2.39 5.32 -2.99
C ILE A 82 -2.69 5.46 -4.50
N VAL A 83 -3.14 4.39 -5.10
CA VAL A 83 -3.48 4.41 -6.58
C VAL A 83 -4.63 3.43 -6.92
N ASP A 84 -4.71 2.37 -6.14
CA ASP A 84 -5.79 1.36 -6.38
C ASP A 84 -6.39 0.65 -5.12
N GLN A 85 -7.29 -0.29 -5.35
CA GLN A 85 -7.93 -1.03 -4.21
C GLN A 85 -7.94 -2.56 -4.47
N CYS A 86 -7.80 -3.33 -3.43
CA CYS A 86 -7.79 -4.84 -3.57
C CYS A 86 -9.13 -5.52 -3.12
N ALA A 87 -9.11 -6.82 -2.99
CA ALA A 87 -10.32 -7.59 -2.57
C ALA A 87 -10.18 -8.43 -1.26
N ASN A 88 -9.23 -9.33 -1.24
CA ASN A 88 -9.00 -10.21 -0.04
C ASN A 88 -7.60 -10.08 0.68
N GLY A 89 -7.57 -9.37 1.79
CA GLY A 89 -6.29 -9.17 2.59
C GLY A 89 -5.55 -7.92 3.12
N GLY A 90 -4.35 -8.15 3.59
CA GLY A 90 -3.47 -7.04 4.13
C GLY A 90 -3.35 -6.00 3.05
N LEU A 91 -4.09 -4.97 3.27
CA LEU A 91 -4.22 -3.76 2.43
C LEU A 91 -3.18 -3.08 1.52
N ASP A 92 -2.42 -3.77 0.72
CA ASP A 92 -1.43 -3.02 -0.14
C ASP A 92 -0.81 -3.72 -1.44
N LEU A 93 -0.55 -3.01 -2.51
CA LEU A 93 0.07 -3.70 -3.73
C LEU A 93 1.48 -3.12 -3.94
N ASP A 94 2.25 -3.22 -2.92
CA ASP A 94 3.68 -2.79 -2.84
C ASP A 94 4.68 -3.90 -3.22
N TRP A 95 5.87 -3.60 -2.84
CA TRP A 95 7.05 -4.50 -3.01
C TRP A 95 7.21 -4.68 -1.48
N ASP A 96 6.05 -5.05 -0.95
CA ASP A 96 5.82 -5.30 0.49
C ASP A 96 6.61 -4.25 1.33
N THR A 97 6.86 -3.13 0.65
CA THR A 97 7.59 -1.90 1.13
C THR A 97 7.20 -1.49 2.53
N VAL A 98 6.01 -1.89 2.89
CA VAL A 98 5.44 -1.61 4.22
C VAL A 98 5.93 -2.71 5.18
N PHE A 99 5.67 -3.93 4.84
CA PHE A 99 6.10 -5.05 5.74
C PHE A 99 7.64 -5.17 5.83
N THR A 100 8.33 -5.32 4.71
CA THR A 100 9.85 -5.46 4.71
C THR A 100 10.49 -4.26 5.44
N LYS A 101 9.69 -3.26 5.68
CA LYS A 101 10.14 -2.02 6.37
C LYS A 101 9.68 -1.90 7.84
N ILE A 102 8.43 -2.15 8.15
CA ILE A 102 7.97 -2.04 9.58
C ILE A 102 8.10 -3.34 10.39
N ASP A 103 8.48 -4.42 9.77
CA ASP A 103 8.61 -5.68 10.54
C ASP A 103 9.94 -5.73 11.34
N THR A 104 10.36 -4.59 11.85
CA THR A 104 11.65 -4.49 12.66
C THR A 104 11.87 -5.68 13.60
N ASN A 105 10.78 -6.26 14.05
CA ASN A 105 10.82 -7.44 14.97
C ASN A 105 10.84 -8.77 14.17
N GLY A 106 10.28 -8.75 13.00
CA GLY A 106 10.23 -9.95 12.12
C GLY A 106 9.02 -10.83 12.30
N ILE A 107 8.81 -11.20 13.54
CA ILE A 107 7.67 -12.09 13.95
C ILE A 107 6.45 -12.04 13.00
N GLY A 108 6.02 -10.84 12.64
CA GLY A 108 4.85 -10.67 11.72
C GLY A 108 4.89 -11.72 10.60
N TYR A 109 6.03 -11.81 9.97
CA TYR A 109 6.20 -12.80 8.85
C TYR A 109 5.91 -14.26 9.34
N GLN A 110 6.45 -14.60 10.47
CA GLN A 110 6.27 -15.96 11.09
C GLN A 110 4.80 -16.37 11.24
N GLN A 111 3.99 -15.38 11.53
CA GLN A 111 2.52 -15.66 11.71
C GLN A 111 1.74 -15.41 10.40
N GLY A 112 2.07 -14.32 9.75
CA GLY A 112 1.42 -13.91 8.46
C GLY A 112 0.45 -12.76 8.67
N HIS A 113 0.61 -12.01 9.72
CA HIS A 113 -0.32 -10.84 9.98
C HIS A 113 0.16 -9.92 11.15
N LEU A 114 -0.43 -8.74 11.28
CA LEU A 114 -0.01 -7.80 12.38
C LEU A 114 -1.14 -6.79 12.74
N ASN A 115 -0.99 -5.98 13.75
CA ASN A 115 -2.07 -5.00 14.09
C ASN A 115 -1.36 -3.63 13.98
N VAL A 116 -1.88 -2.82 13.09
CA VAL A 116 -1.33 -1.45 12.82
C VAL A 116 -2.37 -0.31 12.83
N ASN A 117 -1.87 0.89 12.61
CA ASN A 117 -2.72 2.14 12.56
C ASN A 117 -2.48 2.84 11.20
N TYR A 118 -3.51 3.43 10.63
CA TYR A 118 -3.27 4.11 9.31
C TYR A 118 -4.16 5.36 9.08
N GLN A 119 -3.52 6.36 8.54
CA GLN A 119 -4.21 7.66 8.24
C GLN A 119 -3.99 8.13 6.78
N PHE A 120 -5.03 8.47 6.05
CA PHE A 120 -4.82 8.93 4.63
C PHE A 120 -3.99 10.24 4.75
N VAL A 121 -2.93 10.29 4.00
CA VAL A 121 -2.01 11.48 4.01
C VAL A 121 -1.55 11.95 2.60
N ASP A 122 -1.06 13.16 2.50
CA ASP A 122 -0.59 13.66 1.16
C ASP A 122 0.90 13.29 1.02
N CYS A 123 1.44 13.31 -0.17
CA CYS A 123 2.88 12.92 -0.27
C CYS A 123 3.82 14.13 -0.11
N ARG A 124 3.29 15.29 -0.34
CA ARG A 124 4.09 16.57 -0.23
C ARG A 124 5.46 16.51 -1.01
N ASP A 125 5.40 16.14 -2.27
CA ASP A 125 6.63 16.04 -3.13
C ASP A 125 7.14 17.43 -3.63
N GLU A 1 -11.99 7.00 6.95
CA GLU A 1 -10.82 7.89 6.62
C GLU A 1 -9.66 7.76 7.64
N GLN A 2 -10.02 7.64 8.88
CA GLN A 2 -9.01 7.51 9.96
C GLN A 2 -9.28 6.25 10.84
N ALA A 3 -8.52 5.20 10.68
CA ALA A 3 -8.75 3.97 11.51
C ALA A 3 -7.47 3.69 12.31
N ASN A 4 -7.63 3.29 13.54
CA ASN A 4 -6.40 3.02 14.37
C ASN A 4 -6.44 1.58 14.92
N ASP A 5 -5.31 1.14 15.40
CA ASP A 5 -5.08 -0.21 15.98
C ASP A 5 -5.96 -1.27 15.29
N VAL A 6 -5.65 -1.47 14.04
CA VAL A 6 -6.38 -2.45 13.16
C VAL A 6 -5.47 -3.66 12.86
N ARG A 7 -6.07 -4.83 12.83
CA ARG A 7 -5.33 -6.11 12.55
C ARG A 7 -5.00 -6.09 11.04
N ALA A 8 -3.88 -5.53 10.68
CA ALA A 8 -3.52 -5.48 9.24
C ALA A 8 -2.87 -6.77 8.71
N THR A 9 -3.38 -7.21 7.59
CA THR A 9 -2.84 -8.45 6.96
C THR A 9 -1.69 -7.95 6.08
N TYR A 10 -0.91 -8.83 5.53
CA TYR A 10 0.22 -8.34 4.67
C TYR A 10 0.27 -8.90 3.24
N HIS A 11 -0.78 -8.65 2.52
CA HIS A 11 -0.80 -9.16 1.12
C HIS A 11 -0.52 -7.86 0.38
N TYR A 12 0.59 -7.98 -0.27
CA TYR A 12 1.20 -6.93 -1.11
C TYR A 12 1.00 -7.36 -2.57
N TYR A 13 -0.16 -7.03 -3.10
CA TYR A 13 -0.51 -7.37 -4.51
C TYR A 13 0.77 -7.16 -5.38
N ARG A 14 0.95 -8.27 -6.11
CA ARG A 14 1.97 -8.78 -7.14
C ARG A 14 3.48 -8.92 -6.76
N PRO A 15 4.35 -7.95 -6.69
CA PRO A 15 4.40 -6.63 -7.39
C PRO A 15 5.46 -6.55 -8.49
N ALA A 16 6.60 -6.00 -8.15
CA ALA A 16 7.73 -5.85 -9.11
C ALA A 16 8.10 -7.19 -9.84
N GLN A 17 7.48 -8.28 -9.43
CA GLN A 17 7.69 -9.64 -10.03
C GLN A 17 7.65 -9.49 -11.57
N ASN A 18 6.64 -8.77 -12.02
CA ASN A 18 6.43 -8.48 -13.49
C ASN A 18 6.68 -6.95 -13.51
N ASN A 19 7.73 -6.55 -12.85
CA ASN A 19 8.17 -5.10 -12.71
C ASN A 19 6.84 -4.33 -12.53
N TRP A 20 6.01 -4.96 -11.73
CA TRP A 20 4.63 -4.57 -11.31
C TRP A 20 3.87 -3.76 -12.36
N ASP A 21 4.18 -4.04 -13.59
CA ASP A 21 3.52 -3.31 -14.69
C ASP A 21 1.96 -3.19 -14.60
N LEU A 22 1.49 -2.09 -14.05
CA LEU A 22 0.03 -1.84 -13.91
C LEU A 22 -0.74 -2.01 -15.24
N GLY A 23 -0.07 -2.24 -16.35
CA GLY A 23 -0.77 -2.42 -17.66
C GLY A 23 -1.21 -3.88 -17.77
N ALA A 24 -0.43 -4.73 -17.13
CA ALA A 24 -0.71 -6.21 -17.13
C ALA A 24 -2.23 -6.39 -16.80
N PRO A 25 -3.03 -6.88 -17.71
CA PRO A 25 -4.54 -6.95 -17.54
C PRO A 25 -4.92 -7.23 -16.07
N ALA A 26 -4.35 -8.31 -15.60
CA ALA A 26 -4.53 -8.86 -14.21
C ALA A 26 -4.50 -7.84 -13.05
N VAL A 27 -4.03 -6.67 -13.37
CA VAL A 27 -3.93 -5.55 -12.39
C VAL A 27 -4.80 -4.37 -12.82
N SER A 28 -4.38 -3.86 -13.95
CA SER A 28 -5.00 -2.67 -14.63
C SER A 28 -5.57 -1.70 -13.57
N ALA A 29 -4.66 -1.34 -12.71
CA ALA A 29 -4.95 -0.40 -11.57
C ALA A 29 -5.42 1.06 -11.90
N TYR A 30 -6.41 1.58 -11.18
CA TYR A 30 -6.91 2.98 -11.44
C TYR A 30 -6.08 4.09 -12.16
N CYS A 31 -5.02 4.48 -11.53
CA CYS A 31 -4.14 5.56 -12.08
C CYS A 31 -3.02 5.01 -12.95
N ALA A 32 -3.09 3.75 -13.31
CA ALA A 32 -2.02 3.15 -14.16
C ALA A 32 -1.66 4.11 -15.30
N THR A 33 -2.71 4.52 -15.97
CA THR A 33 -2.68 5.46 -17.14
C THR A 33 -1.74 6.68 -17.00
N TRP A 34 -1.53 6.99 -15.74
CA TRP A 34 -0.69 8.11 -15.22
C TRP A 34 0.60 7.62 -14.49
N ASP A 35 0.49 6.76 -13.51
CA ASP A 35 1.72 6.29 -12.79
C ASP A 35 2.51 5.17 -13.53
N ALA A 36 1.84 4.28 -14.25
CA ALA A 36 2.49 3.14 -15.02
C ALA A 36 3.84 3.50 -15.69
N SER A 37 4.05 4.77 -15.84
CA SER A 37 5.26 5.36 -16.45
C SER A 37 6.49 5.16 -15.51
N LYS A 38 6.37 5.55 -14.27
CA LYS A 38 7.48 5.42 -13.21
C LYS A 38 7.54 4.09 -12.35
N PRO A 39 7.62 2.87 -12.87
CA PRO A 39 7.59 1.63 -12.00
C PRO A 39 8.70 1.74 -10.93
N LEU A 40 9.95 1.64 -11.31
CA LEU A 40 10.98 1.80 -10.26
C LEU A 40 11.39 3.29 -10.17
N SER A 41 11.07 4.25 -11.06
CA SER A 41 11.46 5.67 -10.91
C SER A 41 10.93 5.70 -9.51
N TRP A 42 11.39 6.68 -8.84
CA TRP A 42 11.17 6.92 -7.33
C TRP A 42 10.11 5.84 -6.98
N ARG A 43 10.91 4.75 -7.05
CA ARG A 43 10.80 3.20 -6.99
C ARG A 43 9.60 2.44 -6.60
N SER A 44 8.76 3.37 -6.80
CA SER A 44 7.31 3.28 -6.59
C SER A 44 6.81 4.69 -6.96
N LYS A 45 7.25 5.56 -7.87
CA LYS A 45 6.70 6.95 -8.03
C LYS A 45 5.36 7.27 -7.39
N TYR A 46 5.52 7.12 -6.11
CA TYR A 46 4.38 7.30 -5.10
C TYR A 46 3.06 6.88 -5.76
N GLY A 47 1.91 7.49 -5.64
CA GLY A 47 0.60 7.02 -6.33
C GLY A 47 0.80 5.51 -6.61
N TRP A 48 0.78 4.68 -5.59
CA TRP A 48 1.01 3.24 -5.83
C TRP A 48 0.89 2.38 -4.62
N THR A 49 -0.32 2.04 -4.40
CA THR A 49 -0.66 1.14 -3.31
C THR A 49 -2.03 0.61 -3.71
N ALA A 50 -2.25 -0.67 -3.88
CA ALA A 50 -3.74 -0.97 -4.20
C ALA A 50 -4.34 -0.91 -2.77
N PHE A 51 -5.65 -0.94 -2.55
CA PHE A 51 -6.11 -0.90 -1.11
C PHE A 51 -7.39 -1.70 -0.71
N CYS A 52 -7.31 -2.39 0.40
CA CYS A 52 -8.46 -3.22 0.95
C CYS A 52 -8.77 -3.23 2.52
N GLY A 53 -9.27 -2.15 3.07
CA GLY A 53 -9.59 -2.12 4.55
C GLY A 53 -11.08 -1.81 4.87
N PRO A 54 -11.60 -2.27 6.01
CA PRO A 54 -13.02 -2.00 6.46
C PRO A 54 -13.38 -0.51 6.58
N ALA A 55 -12.48 0.25 7.13
CA ALA A 55 -12.71 1.71 7.33
C ALA A 55 -11.75 2.52 6.41
N GLY A 56 -12.34 3.22 5.48
CA GLY A 56 -11.55 4.06 4.51
C GLY A 56 -12.33 4.28 3.21
N PRO A 57 -13.43 5.02 3.28
CA PRO A 57 -14.34 5.16 2.12
C PRO A 57 -13.62 5.86 0.95
N ARG A 58 -13.20 5.06 0.01
CA ARG A 58 -12.47 5.61 -1.18
C ARG A 58 -12.75 4.84 -2.49
N GLY A 59 -12.18 5.30 -3.57
CA GLY A 59 -12.38 4.63 -4.91
C GLY A 59 -12.53 5.62 -6.08
N GLN A 60 -13.28 6.67 -5.87
CA GLN A 60 -13.50 7.72 -6.93
C GLN A 60 -12.43 8.84 -6.87
N ALA A 61 -12.65 9.84 -6.05
CA ALA A 61 -11.66 10.97 -5.95
C ALA A 61 -10.64 10.59 -4.88
N ALA A 62 -10.01 9.49 -5.20
CA ALA A 62 -8.95 8.85 -4.38
C ALA A 62 -7.62 8.85 -5.18
N CYS A 63 -7.72 8.65 -6.47
CA CYS A 63 -6.49 8.64 -7.36
C CYS A 63 -5.82 10.01 -7.20
N GLY A 64 -4.99 10.08 -6.19
CA GLY A 64 -4.25 11.35 -5.88
C GLY A 64 -3.89 11.41 -4.41
N LYS A 65 -4.51 10.62 -3.57
CA LYS A 65 -4.15 10.66 -2.11
C LYS A 65 -3.27 9.48 -1.64
N CYS A 66 -2.75 9.69 -0.46
CA CYS A 66 -1.87 8.71 0.23
C CYS A 66 -2.48 8.18 1.55
N LEU A 67 -1.85 7.17 2.02
CA LEU A 67 -2.23 6.46 3.28
C LEU A 67 -1.04 6.44 4.28
N ARG A 68 -1.10 7.06 5.43
CA ARG A 68 0.10 7.02 6.34
C ARG A 68 -0.02 5.79 7.23
N VAL A 69 1.00 4.96 7.25
CA VAL A 69 1.01 3.71 8.09
C VAL A 69 2.18 3.83 9.10
N THR A 70 1.87 3.51 10.33
CA THR A 70 2.87 3.54 11.47
C THR A 70 2.82 2.20 12.30
N ASN A 71 3.96 1.76 12.80
CA ASN A 71 4.12 0.49 13.61
C ASN A 71 4.54 0.58 15.16
N PRO A 72 3.54 0.63 16.03
CA PRO A 72 3.63 1.01 17.48
C PRO A 72 4.71 0.26 18.30
N ALA A 73 5.22 -0.82 17.74
CA ALA A 73 6.25 -1.64 18.43
C ALA A 73 7.69 -1.16 18.09
N THR A 74 7.83 -0.59 16.93
CA THR A 74 9.19 -0.10 16.51
C THR A 74 9.24 1.41 16.49
N GLY A 75 8.11 1.94 16.13
CA GLY A 75 7.97 3.41 16.03
C GLY A 75 8.13 3.76 14.55
N ALA A 76 8.48 2.81 13.72
CA ALA A 76 8.64 3.17 12.27
C ALA A 76 7.31 3.49 11.56
N GLN A 77 7.44 4.33 10.59
CA GLN A 77 6.28 4.78 9.76
C GLN A 77 6.65 5.03 8.28
N ILE A 78 5.67 4.84 7.43
CA ILE A 78 5.76 5.03 5.94
C ILE A 78 4.44 5.62 5.36
N THR A 79 4.45 6.06 4.12
CA THR A 79 3.20 6.64 3.50
C THR A 79 2.92 5.89 2.20
N ALA A 80 1.85 5.16 2.13
CA ALA A 80 1.61 4.42 0.84
C ALA A 80 0.80 5.34 -0.08
N ARG A 81 0.89 5.07 -1.34
CA ARG A 81 0.17 5.86 -2.33
C ARG A 81 -1.20 5.28 -2.86
N ILE A 82 -2.31 5.69 -2.30
CA ILE A 82 -3.69 5.20 -2.71
C ILE A 82 -4.04 5.21 -4.23
N VAL A 83 -3.98 4.08 -4.88
CA VAL A 83 -4.32 4.05 -6.36
C VAL A 83 -5.53 3.18 -6.71
N ASP A 84 -5.39 1.95 -6.32
CA ASP A 84 -6.48 0.96 -6.60
C ASP A 84 -7.06 0.19 -5.37
N GLN A 85 -7.68 -0.92 -5.65
CA GLN A 85 -8.31 -1.79 -4.58
C GLN A 85 -7.66 -3.18 -4.66
N CYS A 86 -7.56 -3.94 -3.61
CA CYS A 86 -6.92 -5.27 -3.79
C CYS A 86 -8.06 -6.30 -3.95
N ALA A 87 -7.77 -7.56 -4.08
CA ALA A 87 -8.90 -8.55 -4.26
C ALA A 87 -9.46 -9.22 -2.99
N ASN A 88 -8.59 -9.88 -2.30
CA ASN A 88 -8.91 -10.61 -1.02
C ASN A 88 -8.27 -9.87 0.17
N GLY A 89 -8.22 -10.44 1.35
CA GLY A 89 -7.57 -9.68 2.51
C GLY A 89 -6.12 -9.33 2.14
N GLY A 90 -5.40 -8.62 2.98
CA GLY A 90 -3.97 -8.30 2.58
C GLY A 90 -3.47 -6.91 2.84
N LEU A 91 -4.18 -5.97 2.26
CA LEU A 91 -3.91 -4.47 2.35
C LEU A 91 -3.80 -3.56 1.16
N ASP A 92 -2.79 -3.89 0.47
CA ASP A 92 -2.33 -3.19 -0.80
C ASP A 92 -1.76 -3.91 -2.09
N LEU A 93 -1.28 -3.08 -3.00
CA LEU A 93 -0.61 -3.55 -4.32
C LEU A 93 0.76 -2.91 -4.10
N ASP A 94 1.41 -3.53 -3.18
CA ASP A 94 2.80 -3.17 -2.68
C ASP A 94 4.07 -3.75 -3.31
N TRP A 95 5.19 -3.23 -2.86
CA TRP A 95 6.60 -3.64 -3.25
C TRP A 95 7.00 -3.88 -1.78
N ASP A 96 6.08 -4.44 -1.03
CA ASP A 96 6.30 -4.71 0.40
C ASP A 96 6.80 -3.37 1.13
N THR A 97 6.80 -2.23 0.44
CA THR A 97 7.24 -0.84 0.94
C THR A 97 6.79 -0.56 2.35
N VAL A 98 5.71 -1.22 2.65
CA VAL A 98 5.11 -1.10 3.99
C VAL A 98 5.87 -2.05 4.95
N PHE A 99 5.84 -3.32 4.62
CA PHE A 99 6.52 -4.38 5.45
C PHE A 99 8.08 -4.39 5.42
N THR A 100 8.71 -4.27 4.27
CA THR A 100 10.24 -4.28 4.21
C THR A 100 10.77 -2.97 4.85
N LYS A 101 9.85 -2.13 5.27
CA LYS A 101 10.16 -0.82 5.91
C LYS A 101 9.76 -0.72 7.39
N ILE A 102 8.53 -1.03 7.72
CA ILE A 102 8.15 -0.93 9.15
C ILE A 102 8.54 -2.18 9.98
N ASP A 103 9.01 -3.26 9.39
CA ASP A 103 9.40 -4.47 10.21
C ASP A 103 10.95 -4.48 10.40
N THR A 104 11.39 -3.85 11.46
CA THR A 104 12.88 -3.78 11.79
C THR A 104 13.55 -5.16 11.65
N ASN A 105 12.71 -6.13 11.81
CA ASN A 105 13.05 -7.58 11.72
C ASN A 105 12.12 -8.25 10.66
N GLY A 106 11.17 -9.01 11.11
CA GLY A 106 10.20 -9.70 10.18
C GLY A 106 9.16 -10.53 10.95
N ILE A 107 8.94 -10.12 12.18
CA ILE A 107 7.97 -10.81 13.06
C ILE A 107 6.67 -10.99 12.27
N GLY A 108 6.19 -9.91 11.70
CA GLY A 108 4.93 -9.96 10.90
C GLY A 108 4.92 -11.21 10.03
N TYR A 109 5.94 -11.31 9.22
CA TYR A 109 6.09 -12.48 8.28
C TYR A 109 5.93 -13.77 9.10
N GLN A 110 6.75 -13.84 10.13
CA GLN A 110 6.78 -15.02 11.08
C GLN A 110 5.39 -15.62 11.34
N GLN A 111 4.45 -14.75 11.59
CA GLN A 111 3.05 -15.22 11.86
C GLN A 111 2.01 -15.04 10.72
N GLY A 112 2.16 -14.05 9.87
CA GLY A 112 1.16 -13.86 8.74
C GLY A 112 0.55 -12.46 8.64
N HIS A 113 0.31 -11.88 9.79
CA HIS A 113 -0.27 -10.49 9.87
C HIS A 113 0.35 -9.64 11.02
N LEU A 114 0.14 -8.36 10.95
CA LEU A 114 0.68 -7.40 11.99
C LEU A 114 -0.40 -6.36 12.36
N ASN A 115 -0.31 -5.77 13.52
CA ASN A 115 -1.34 -4.76 13.93
C ASN A 115 -0.68 -3.37 13.77
N VAL A 116 -1.41 -2.48 13.16
CA VAL A 116 -0.87 -1.10 12.93
C VAL A 116 -2.02 -0.05 12.86
N ASN A 117 -1.63 1.16 12.58
CA ASN A 117 -2.62 2.30 12.46
C ASN A 117 -2.45 2.89 11.03
N TYR A 118 -3.55 3.30 10.44
CA TYR A 118 -3.49 3.90 9.07
C TYR A 118 -4.47 5.08 8.92
N GLN A 119 -3.97 6.18 8.46
CA GLN A 119 -4.86 7.39 8.27
C GLN A 119 -4.77 7.96 6.83
N PHE A 120 -5.87 8.33 6.21
CA PHE A 120 -5.76 8.91 4.82
C PHE A 120 -5.01 10.25 5.01
N VAL A 121 -3.94 10.30 4.26
CA VAL A 121 -2.98 11.47 4.23
C VAL A 121 -2.49 11.94 2.80
N ASP A 122 -1.84 13.07 2.70
CA ASP A 122 -1.32 13.57 1.36
C ASP A 122 0.11 12.97 1.22
N CYS A 123 0.64 12.88 0.02
CA CYS A 123 2.00 12.30 -0.12
C CYS A 123 3.13 13.33 -0.04
N ARG A 124 2.84 14.41 -0.70
CA ARG A 124 3.74 15.59 -0.83
C ARG A 124 5.25 15.20 -0.81
N ASP A 125 5.56 14.35 -1.77
CA ASP A 125 6.94 13.79 -2.03
C ASP A 125 7.94 14.97 -2.22
N GLU A 1 -10.36 6.15 6.28
CA GLU A 1 -10.14 7.54 6.81
C GLU A 1 -8.95 7.57 7.80
N GLN A 2 -9.21 7.35 9.05
CA GLN A 2 -8.15 7.34 10.10
C GLN A 2 -8.38 6.17 11.06
N ALA A 3 -7.56 5.15 10.95
CA ALA A 3 -7.72 3.97 11.86
C ALA A 3 -6.38 3.63 12.56
N ASN A 4 -6.38 3.78 13.86
CA ASN A 4 -5.18 3.49 14.69
C ASN A 4 -5.49 2.20 15.51
N ASP A 5 -4.48 1.68 16.16
CA ASP A 5 -4.59 0.44 16.99
C ASP A 5 -5.49 -0.61 16.30
N VAL A 6 -5.15 -0.89 15.06
CA VAL A 6 -5.94 -1.87 14.27
C VAL A 6 -5.08 -3.14 14.08
N ARG A 7 -5.71 -4.28 14.20
CA ARG A 7 -5.01 -5.59 14.02
C ARG A 7 -5.02 -5.70 12.49
N ALA A 8 -3.92 -5.35 11.89
CA ALA A 8 -3.89 -5.42 10.41
C ALA A 8 -3.41 -6.78 9.89
N THR A 9 -4.25 -7.28 9.04
CA THR A 9 -4.04 -8.59 8.37
C THR A 9 -3.23 -8.12 7.18
N TYR A 10 -2.00 -8.50 7.14
CA TYR A 10 -1.16 -8.02 6.00
C TYR A 10 -1.37 -8.81 4.70
N HIS A 11 -2.51 -8.56 4.08
CA HIS A 11 -2.79 -9.28 2.79
C HIS A 11 -2.67 -8.22 1.70
N TYR A 12 -1.77 -8.55 0.81
CA TYR A 12 -1.47 -7.65 -0.33
C TYR A 12 -1.03 -8.32 -1.65
N TYR A 13 -1.04 -7.49 -2.65
CA TYR A 13 -0.61 -7.99 -3.99
C TYR A 13 0.91 -7.66 -4.10
N ARG A 14 1.53 -8.21 -5.12
CA ARG A 14 3.00 -8.05 -5.41
C ARG A 14 3.49 -7.08 -6.54
N PRO A 15 3.47 -5.79 -6.29
CA PRO A 15 3.69 -4.74 -7.35
C PRO A 15 5.01 -4.93 -8.19
N ALA A 16 6.11 -4.60 -7.56
CA ALA A 16 7.44 -4.71 -8.22
C ALA A 16 7.79 -6.09 -8.86
N GLN A 17 6.87 -7.03 -8.89
CA GLN A 17 7.17 -8.36 -9.52
C GLN A 17 7.53 -8.08 -11.00
N ASN A 18 6.79 -7.20 -11.63
CA ASN A 18 7.05 -6.86 -13.05
C ASN A 18 7.24 -5.34 -13.23
N ASN A 19 8.17 -4.71 -12.53
CA ASN A 19 8.41 -3.21 -12.65
C ASN A 19 7.14 -2.41 -13.01
N TRP A 20 6.19 -2.45 -12.11
CA TRP A 20 4.87 -1.74 -12.28
C TRP A 20 4.34 -1.88 -13.72
N ASP A 21 4.44 -3.06 -14.28
CA ASP A 21 3.93 -3.27 -15.68
C ASP A 21 2.45 -3.64 -15.39
N LEU A 22 1.85 -2.79 -14.60
CA LEU A 22 0.44 -2.94 -14.20
C LEU A 22 -0.43 -3.26 -15.41
N GLY A 23 0.06 -2.84 -16.56
CA GLY A 23 -0.65 -3.07 -17.87
C GLY A 23 -0.96 -4.56 -18.06
N ALA A 24 -0.13 -5.40 -17.51
CA ALA A 24 -0.30 -6.88 -17.60
C ALA A 24 -1.74 -7.30 -17.15
N PRO A 25 -2.55 -7.73 -18.10
CA PRO A 25 -3.99 -8.09 -17.87
C PRO A 25 -4.18 -8.70 -16.46
N ALA A 26 -3.39 -9.72 -16.25
CA ALA A 26 -3.33 -10.52 -14.99
C ALA A 26 -3.67 -9.76 -13.68
N VAL A 27 -3.23 -8.54 -13.71
CA VAL A 27 -3.42 -7.59 -12.57
C VAL A 27 -4.33 -6.39 -12.84
N SER A 28 -3.86 -5.67 -13.81
CA SER A 28 -4.52 -4.41 -14.29
C SER A 28 -5.25 -3.63 -13.18
N ALA A 29 -4.51 -2.84 -12.45
CA ALA A 29 -5.13 -2.05 -11.32
C ALA A 29 -5.72 -0.68 -11.73
N TYR A 30 -6.60 -0.18 -10.91
CA TYR A 30 -7.26 1.14 -11.15
C TYR A 30 -6.53 2.19 -12.00
N CYS A 31 -5.44 2.71 -11.51
CA CYS A 31 -4.69 3.75 -12.29
C CYS A 31 -3.66 3.17 -13.29
N ALA A 32 -3.63 1.88 -13.48
CA ALA A 32 -2.65 1.26 -14.44
C ALA A 32 -2.56 2.05 -15.77
N THR A 33 -3.71 2.25 -16.34
CA THR A 33 -3.89 2.99 -17.64
C THR A 33 -3.49 4.47 -17.59
N TRP A 34 -3.48 5.02 -16.41
CA TRP A 34 -3.11 6.46 -16.20
C TRP A 34 -1.81 6.67 -15.37
N ASP A 35 -1.27 5.58 -14.86
CA ASP A 35 0.00 5.59 -14.05
C ASP A 35 1.10 4.77 -14.73
N ALA A 36 0.82 3.64 -15.32
CA ALA A 36 1.91 2.85 -15.98
C ALA A 36 2.60 3.76 -17.03
N SER A 37 1.91 4.82 -17.37
CA SER A 37 2.36 5.86 -18.35
C SER A 37 3.16 7.03 -17.72
N LYS A 38 3.25 7.09 -16.42
CA LYS A 38 4.02 8.18 -15.72
C LYS A 38 5.49 7.70 -15.56
N PRO A 39 6.47 8.50 -15.91
CA PRO A 39 7.90 8.09 -15.76
C PRO A 39 8.18 7.48 -14.36
N LEU A 40 9.17 6.65 -14.22
CA LEU A 40 9.46 6.04 -12.89
C LEU A 40 9.59 7.02 -11.73
N SER A 41 9.90 8.23 -12.09
CA SER A 41 10.08 9.34 -11.11
C SER A 41 9.11 9.27 -9.94
N TRP A 42 7.89 9.68 -10.17
CA TRP A 42 6.88 9.65 -9.05
C TRP A 42 6.54 8.20 -8.65
N ARG A 43 6.18 7.43 -9.65
CA ARG A 43 5.81 5.98 -9.46
C ARG A 43 6.61 5.28 -8.36
N SER A 44 7.90 5.39 -8.43
CA SER A 44 8.75 4.74 -7.38
C SER A 44 9.28 5.78 -6.34
N LYS A 45 9.05 7.07 -6.57
CA LYS A 45 9.52 8.14 -5.60
C LYS A 45 8.97 7.81 -4.20
N TYR A 46 7.69 7.54 -4.16
CA TYR A 46 7.04 7.19 -2.84
C TYR A 46 6.99 5.66 -2.76
N GLY A 47 6.32 5.12 -1.76
CA GLY A 47 6.26 3.61 -1.68
C GLY A 47 5.33 3.10 -2.80
N TRP A 48 4.44 2.21 -2.51
CA TRP A 48 3.52 1.67 -3.53
C TRP A 48 2.44 0.93 -2.82
N THR A 49 1.32 1.55 -2.79
CA THR A 49 0.17 0.89 -2.15
C THR A 49 -1.12 0.89 -3.02
N ALA A 50 -1.50 -0.33 -3.29
CA ALA A 50 -2.80 -0.52 -4.08
C ALA A 50 -3.73 -0.60 -2.84
N PHE A 51 -5.04 -0.53 -2.93
CA PHE A 51 -5.86 -0.65 -1.65
C PHE A 51 -7.05 -1.65 -1.64
N CYS A 52 -7.18 -2.24 -0.47
CA CYS A 52 -8.25 -3.25 -0.12
C CYS A 52 -8.48 -3.40 1.41
N GLY A 53 -8.69 -2.33 2.14
CA GLY A 53 -8.91 -2.46 3.64
C GLY A 53 -10.31 -1.99 4.06
N PRO A 54 -10.75 -2.32 5.26
CA PRO A 54 -12.16 -2.00 5.70
C PRO A 54 -12.47 -0.49 5.89
N ALA A 55 -11.90 0.15 6.87
CA ALA A 55 -12.18 1.62 7.09
C ALA A 55 -11.27 2.50 6.20
N GLY A 56 -11.41 2.21 4.92
CA GLY A 56 -10.63 2.91 3.83
C GLY A 56 -11.44 3.27 2.56
N PRO A 57 -12.54 3.97 2.68
CA PRO A 57 -13.33 4.33 1.47
C PRO A 57 -12.75 5.56 0.72
N ARG A 58 -12.03 5.27 -0.33
CA ARG A 58 -11.40 6.33 -1.19
C ARG A 58 -11.48 6.10 -2.71
N GLY A 59 -11.51 4.85 -2.98
CA GLY A 59 -11.58 4.22 -4.37
C GLY A 59 -11.65 4.89 -5.77
N GLN A 60 -12.31 6.02 -5.84
CA GLN A 60 -12.46 6.80 -7.12
C GLN A 60 -11.31 7.82 -7.33
N ALA A 61 -11.50 8.97 -6.72
CA ALA A 61 -10.53 10.11 -6.79
C ALA A 61 -9.49 10.03 -5.66
N ALA A 62 -8.97 8.84 -5.51
CA ALA A 62 -7.94 8.56 -4.47
C ALA A 62 -6.55 8.49 -5.13
N CYS A 63 -6.56 8.33 -6.43
CA CYS A 63 -5.35 8.23 -7.33
C CYS A 63 -4.55 9.56 -7.27
N GLY A 64 -3.99 9.74 -6.11
CA GLY A 64 -3.17 10.95 -5.79
C GLY A 64 -3.03 11.16 -4.28
N LYS A 65 -3.62 10.31 -3.49
CA LYS A 65 -3.51 10.45 -2.00
C LYS A 65 -2.55 9.33 -1.57
N CYS A 66 -2.04 9.50 -0.39
CA CYS A 66 -1.08 8.51 0.17
C CYS A 66 -1.60 7.94 1.51
N LEU A 67 -0.95 6.91 1.95
CA LEU A 67 -1.37 6.27 3.24
C LEU A 67 -0.16 6.32 4.18
N ARG A 68 -0.35 6.75 5.40
CA ARG A 68 0.80 6.81 6.35
C ARG A 68 0.57 5.65 7.31
N VAL A 69 1.62 4.89 7.46
CA VAL A 69 1.56 3.72 8.36
C VAL A 69 2.75 3.84 9.30
N THR A 70 2.41 3.64 10.54
CA THR A 70 3.43 3.71 11.66
C THR A 70 3.38 2.41 12.47
N ASN A 71 4.52 1.98 12.95
CA ASN A 71 4.63 0.71 13.77
C ASN A 71 5.11 0.81 15.27
N PRO A 72 4.22 1.09 16.20
CA PRO A 72 4.60 1.44 17.62
C PRO A 72 5.54 0.40 18.25
N ALA A 73 5.48 -0.80 17.74
CA ALA A 73 6.34 -1.91 18.26
C ALA A 73 7.84 -1.61 18.08
N THR A 74 8.15 -0.89 17.04
CA THR A 74 9.58 -0.52 16.74
C THR A 74 9.77 1.00 16.74
N GLY A 75 8.74 1.66 16.28
CA GLY A 75 8.73 3.16 16.21
C GLY A 75 8.96 3.60 14.77
N ALA A 76 9.11 2.64 13.89
CA ALA A 76 9.36 3.03 12.48
C ALA A 76 8.03 3.38 11.80
N GLN A 77 8.14 4.16 10.79
CA GLN A 77 6.93 4.58 10.03
C GLN A 77 7.31 4.80 8.58
N ILE A 78 6.34 4.63 7.74
CA ILE A 78 6.56 4.81 6.28
C ILE A 78 5.32 5.43 5.59
N THR A 79 5.51 6.01 4.43
CA THR A 79 4.36 6.62 3.69
C THR A 79 4.25 6.06 2.27
N ALA A 80 3.08 5.57 1.96
CA ALA A 80 2.89 4.99 0.58
C ALA A 80 1.93 5.83 -0.27
N ARG A 81 1.97 5.54 -1.54
CA ARG A 81 1.14 6.22 -2.58
C ARG A 81 -0.05 5.32 -2.95
N ILE A 82 -1.25 5.84 -2.84
CA ILE A 82 -2.51 5.08 -3.15
C ILE A 82 -2.98 5.22 -4.61
N VAL A 83 -2.54 4.31 -5.44
CA VAL A 83 -2.93 4.33 -6.87
C VAL A 83 -3.60 3.05 -7.38
N ASP A 84 -3.41 1.94 -6.71
CA ASP A 84 -4.09 0.70 -7.25
C ASP A 84 -5.21 0.16 -6.36
N GLN A 85 -5.86 -0.84 -6.84
CA GLN A 85 -6.95 -1.48 -6.07
C GLN A 85 -6.82 -2.97 -6.41
N CYS A 86 -6.99 -3.76 -5.39
CA CYS A 86 -6.88 -5.26 -5.55
C CYS A 86 -8.26 -5.93 -5.54
N ALA A 87 -8.25 -7.23 -5.71
CA ALA A 87 -9.53 -8.01 -5.73
C ALA A 87 -9.80 -8.85 -4.47
N ASN A 88 -8.94 -9.79 -4.22
CA ASN A 88 -9.07 -10.70 -3.03
C ASN A 88 -7.92 -10.41 -2.03
N GLY A 89 -7.62 -9.16 -1.94
CA GLY A 89 -6.54 -8.70 -1.02
C GLY A 89 -7.14 -8.19 0.28
N GLY A 90 -6.29 -7.89 1.22
CA GLY A 90 -6.80 -7.39 2.52
C GLY A 90 -5.84 -6.38 3.11
N LEU A 91 -5.68 -5.33 2.35
CA LEU A 91 -4.79 -4.15 2.65
C LEU A 91 -4.35 -3.25 1.48
N ASP A 92 -3.37 -3.78 0.86
CA ASP A 92 -2.65 -3.14 -0.35
C ASP A 92 -1.79 -3.96 -1.34
N LEU A 93 -1.04 -3.32 -2.21
CA LEU A 93 -0.16 -4.13 -3.15
C LEU A 93 1.14 -3.43 -2.83
N ASP A 94 1.75 -4.04 -1.85
CA ASP A 94 3.04 -3.67 -1.21
C ASP A 94 4.31 -4.29 -1.78
N TRP A 95 4.46 -5.46 -1.21
CA TRP A 95 5.53 -6.48 -1.39
C TRP A 95 6.82 -5.99 -0.78
N ASP A 96 7.17 -4.82 -1.20
CA ASP A 96 8.42 -4.18 -0.71
C ASP A 96 8.25 -2.74 -0.21
N THR A 97 7.06 -2.21 -0.34
CA THR A 97 6.86 -0.82 0.12
C THR A 97 6.43 -0.60 1.58
N VAL A 98 5.27 -0.99 2.09
CA VAL A 98 4.99 -0.70 3.55
C VAL A 98 5.42 -1.80 4.54
N PHE A 99 4.73 -2.91 4.49
CA PHE A 99 5.05 -4.06 5.43
C PHE A 99 6.57 -4.36 5.49
N THR A 100 7.08 -4.90 4.42
CA THR A 100 8.54 -5.27 4.24
C THR A 100 9.54 -4.33 4.83
N LYS A 101 9.08 -3.11 4.88
CA LYS A 101 9.87 -1.99 5.41
C LYS A 101 9.64 -1.65 6.89
N ILE A 102 8.39 -1.52 7.28
CA ILE A 102 8.07 -1.18 8.72
C ILE A 102 8.24 -2.37 9.68
N ASP A 103 8.41 -3.52 9.10
CA ASP A 103 8.61 -4.79 9.89
C ASP A 103 10.15 -5.03 9.94
N THR A 104 10.62 -5.10 11.14
CA THR A 104 12.08 -5.32 11.45
C THR A 104 12.52 -6.78 11.56
N ASN A 105 11.59 -7.57 12.01
CA ASN A 105 11.87 -9.04 12.19
C ASN A 105 10.83 -10.01 11.60
N GLY A 106 9.57 -9.82 11.92
CA GLY A 106 8.49 -10.74 11.39
C GLY A 106 7.44 -11.56 12.15
N ILE A 107 7.28 -11.33 13.44
CA ILE A 107 6.25 -12.10 14.23
C ILE A 107 4.99 -12.25 13.37
N GLY A 108 4.52 -11.08 12.97
CA GLY A 108 3.30 -10.95 12.11
C GLY A 108 3.36 -11.99 10.98
N TYR A 109 4.39 -11.90 10.19
CA TYR A 109 4.58 -12.83 9.05
C TYR A 109 4.31 -14.30 9.47
N GLN A 110 4.74 -14.65 10.66
CA GLN A 110 4.57 -16.02 11.25
C GLN A 110 3.15 -16.26 11.86
N GLN A 111 2.56 -15.22 12.38
CA GLN A 111 1.17 -15.33 13.00
C GLN A 111 -0.01 -15.09 12.02
N GLY A 112 0.17 -14.22 11.05
CA GLY A 112 -0.90 -13.89 10.04
C GLY A 112 -1.19 -12.39 9.92
N HIS A 113 -1.07 -11.72 11.04
CA HIS A 113 -1.31 -10.23 11.12
C HIS A 113 -0.42 -9.51 12.16
N LEU A 114 -0.35 -8.21 12.06
CA LEU A 114 0.46 -7.33 12.99
C LEU A 114 -0.40 -6.18 13.58
N ASN A 115 0.11 -5.42 14.51
CA ASN A 115 -0.68 -4.29 15.11
C ASN A 115 -0.03 -2.96 14.66
N VAL A 116 -0.78 -2.23 13.87
CA VAL A 116 -0.26 -0.91 13.35
C VAL A 116 -1.36 0.17 13.28
N ASN A 117 -0.96 1.33 12.79
CA ASN A 117 -1.90 2.48 12.63
C ASN A 117 -1.81 2.92 11.16
N TYR A 118 -2.98 3.12 10.58
CA TYR A 118 -3.05 3.55 9.17
C TYR A 118 -4.03 4.74 9.05
N GLN A 119 -3.46 5.78 8.54
CA GLN A 119 -4.22 7.04 8.33
C GLN A 119 -4.09 7.53 6.88
N PHE A 120 -5.16 7.99 6.29
CA PHE A 120 -5.06 8.50 4.89
C PHE A 120 -4.33 9.84 5.06
N VAL A 121 -3.32 9.98 4.26
CA VAL A 121 -2.46 11.20 4.26
C VAL A 121 -2.26 11.72 2.84
N ASP A 122 -2.08 13.00 2.71
CA ASP A 122 -1.87 13.52 1.35
C ASP A 122 -0.34 13.48 1.13
N CYS A 123 -0.01 13.01 -0.04
CA CYS A 123 1.38 12.84 -0.53
C CYS A 123 2.20 14.10 -0.43
N ARG A 124 1.48 15.18 -0.60
CA ARG A 124 2.04 16.58 -0.58
C ARG A 124 3.42 16.63 -1.28
N ASP A 125 3.38 16.24 -2.53
CA ASP A 125 4.59 16.21 -3.41
C ASP A 125 5.27 17.60 -3.54
N GLU A 1 -11.44 5.78 7.36
CA GLU A 1 -10.47 6.83 6.90
C GLU A 1 -9.28 6.80 7.89
N GLN A 2 -9.65 6.63 9.14
CA GLN A 2 -8.67 6.55 10.25
C GLN A 2 -8.97 5.24 11.05
N ALA A 3 -8.08 4.29 10.96
CA ALA A 3 -8.24 3.00 11.69
C ALA A 3 -6.97 2.77 12.54
N ASN A 4 -7.18 2.41 13.77
CA ASN A 4 -6.06 2.17 14.73
C ASN A 4 -6.14 0.71 15.29
N ASP A 5 -5.13 0.29 16.00
CA ASP A 5 -5.03 -1.09 16.60
C ASP A 5 -5.72 -2.18 15.74
N VAL A 6 -5.29 -2.18 14.51
CA VAL A 6 -5.83 -3.16 13.51
C VAL A 6 -4.79 -4.23 13.17
N ARG A 7 -5.30 -5.40 12.90
CA ARG A 7 -4.41 -6.54 12.55
C ARG A 7 -4.31 -6.41 11.02
N ALA A 8 -3.21 -5.83 10.63
CA ALA A 8 -2.94 -5.60 9.20
C ALA A 8 -2.17 -6.82 8.74
N THR A 9 -2.83 -7.51 7.86
CA THR A 9 -2.22 -8.73 7.29
C THR A 9 -1.44 -8.09 6.12
N TYR A 10 -1.47 -8.65 4.95
CA TYR A 10 -0.73 -8.03 3.80
C TYR A 10 -1.29 -8.52 2.47
N HIS A 11 -2.14 -7.79 1.81
CA HIS A 11 -2.59 -8.41 0.49
C HIS A 11 -1.43 -8.09 -0.47
N TYR A 12 -1.12 -9.13 -1.19
CA TYR A 12 -0.04 -9.14 -2.22
C TYR A 12 -0.48 -9.10 -3.71
N TYR A 13 -0.84 -7.91 -4.14
CA TYR A 13 -1.27 -7.75 -5.57
C TYR A 13 -0.04 -7.65 -6.51
N ARG A 14 0.08 -8.55 -7.46
CA ARG A 14 1.21 -8.62 -8.49
C ARG A 14 2.38 -7.56 -8.48
N PRO A 15 3.52 -7.81 -7.86
CA PRO A 15 4.67 -6.86 -7.88
C PRO A 15 5.81 -7.00 -8.95
N ALA A 16 6.87 -6.25 -8.68
CA ALA A 16 8.14 -6.14 -9.47
C ALA A 16 8.56 -7.40 -10.29
N GLN A 17 8.02 -8.55 -9.94
CA GLN A 17 8.31 -9.85 -10.65
C GLN A 17 8.18 -9.58 -12.17
N ASN A 18 7.07 -8.97 -12.56
CA ASN A 18 6.80 -8.62 -13.99
C ASN A 18 6.90 -7.06 -13.87
N ASN A 19 8.01 -6.64 -13.32
CA ASN A 19 8.37 -5.19 -13.08
C ASN A 19 7.08 -4.38 -12.69
N TRP A 20 6.35 -5.04 -11.80
CA TRP A 20 5.05 -4.64 -11.19
C TRP A 20 4.21 -3.74 -12.14
N ASP A 21 4.25 -4.13 -13.40
CA ASP A 21 3.49 -3.37 -14.41
C ASP A 21 1.97 -3.27 -14.11
N LEU A 22 1.59 -2.20 -13.45
CA LEU A 22 0.17 -1.92 -13.10
C LEU A 22 -0.77 -2.09 -14.29
N GLY A 23 -0.22 -2.06 -15.48
CA GLY A 23 -1.05 -2.22 -16.72
C GLY A 23 -0.96 -3.63 -17.32
N ALA A 24 -0.55 -4.58 -16.51
CA ALA A 24 -0.44 -5.98 -17.00
C ALA A 24 -1.86 -6.61 -16.86
N PRO A 25 -2.22 -7.44 -17.82
CA PRO A 25 -3.57 -8.08 -17.88
C PRO A 25 -4.14 -8.60 -16.55
N ALA A 26 -3.28 -9.09 -15.70
CA ALA A 26 -3.71 -9.62 -14.36
C ALA A 26 -3.77 -8.58 -13.21
N VAL A 27 -3.62 -7.34 -13.59
CA VAL A 27 -3.66 -6.22 -12.60
C VAL A 27 -4.58 -5.09 -13.04
N SER A 28 -4.12 -4.56 -14.15
CA SER A 28 -4.70 -3.38 -14.88
C SER A 28 -5.37 -2.50 -13.83
N ALA A 29 -4.49 -1.91 -13.07
CA ALA A 29 -4.89 -1.01 -11.94
C ALA A 29 -5.44 0.38 -12.25
N TYR A 30 -6.40 0.81 -11.45
CA TYR A 30 -7.04 2.15 -11.61
C TYR A 30 -6.32 3.26 -12.34
N CYS A 31 -5.29 3.75 -11.72
CA CYS A 31 -4.49 4.86 -12.32
C CYS A 31 -3.44 4.38 -13.30
N ALA A 32 -3.23 3.11 -13.53
CA ALA A 32 -2.17 2.65 -14.50
C ALA A 32 -2.09 3.60 -15.72
N THR A 33 -3.21 3.67 -16.39
CA THR A 33 -3.46 4.51 -17.62
C THR A 33 -2.76 5.88 -17.58
N TRP A 34 -2.60 6.32 -16.35
CA TRP A 34 -1.97 7.61 -15.95
C TRP A 34 -0.61 7.49 -15.22
N ASP A 35 -0.48 6.67 -14.21
CA ASP A 35 0.83 6.53 -13.48
C ASP A 35 1.83 5.64 -14.21
N ALA A 36 1.35 4.54 -14.74
CA ALA A 36 2.22 3.57 -15.50
C ALA A 36 3.07 4.28 -16.56
N SER A 37 2.52 5.39 -17.00
CA SER A 37 3.15 6.28 -18.04
C SER A 37 4.48 6.86 -17.56
N LYS A 38 4.62 6.99 -16.27
CA LYS A 38 5.87 7.55 -15.71
C LYS A 38 6.96 6.48 -15.55
N PRO A 39 8.21 6.85 -15.77
CA PRO A 39 9.33 5.94 -15.44
C PRO A 39 9.19 5.41 -13.99
N LEU A 40 9.73 4.24 -13.81
CA LEU A 40 9.72 3.54 -12.51
C LEU A 40 10.08 4.46 -11.32
N SER A 41 10.90 5.43 -11.61
CA SER A 41 11.37 6.43 -10.60
C SER A 41 10.28 6.86 -9.62
N TRP A 42 9.41 7.73 -10.04
CA TRP A 42 8.33 8.18 -9.08
C TRP A 42 7.52 6.96 -8.62
N ARG A 43 7.13 6.16 -9.58
CA ARG A 43 6.33 4.91 -9.31
C ARG A 43 6.80 4.18 -8.00
N SER A 44 8.06 3.81 -7.93
CA SER A 44 8.76 3.10 -6.77
C SER A 44 9.30 4.11 -5.70
N LYS A 45 9.69 5.31 -6.10
CA LYS A 45 10.22 6.39 -5.18
C LYS A 45 9.34 6.45 -3.92
N TYR A 46 8.06 6.34 -4.14
CA TYR A 46 7.08 6.37 -3.00
C TYR A 46 6.58 4.93 -2.73
N GLY A 47 5.37 4.84 -2.23
CA GLY A 47 4.80 3.49 -1.94
C GLY A 47 4.10 2.78 -3.12
N TRP A 48 3.09 3.46 -3.65
CA TRP A 48 2.18 3.06 -4.82
C TRP A 48 1.46 1.80 -4.43
N THR A 49 1.04 1.82 -3.23
CA THR A 49 0.39 0.60 -2.81
C THR A 49 -1.04 0.56 -3.33
N ALA A 50 -1.36 -0.68 -3.47
CA ALA A 50 -2.79 -0.95 -3.94
C ALA A 50 -3.52 -1.00 -2.62
N PHE A 51 -4.80 -0.83 -2.53
CA PHE A 51 -5.39 -0.92 -1.15
C PHE A 51 -6.83 -1.50 -1.00
N CYS A 52 -6.95 -2.40 -0.05
CA CYS A 52 -8.27 -3.06 0.26
C CYS A 52 -8.38 -3.71 1.68
N GLY A 53 -8.08 -2.91 2.68
CA GLY A 53 -8.16 -3.37 4.11
C GLY A 53 -9.51 -2.89 4.71
N PRO A 54 -9.72 -3.00 6.00
CA PRO A 54 -11.11 -3.04 6.54
C PRO A 54 -11.90 -1.72 6.58
N ALA A 55 -11.28 -0.63 6.97
CA ALA A 55 -11.98 0.70 7.04
C ALA A 55 -11.21 1.79 6.26
N GLY A 56 -11.71 2.11 5.09
CA GLY A 56 -11.07 3.16 4.21
C GLY A 56 -11.98 3.67 3.08
N PRO A 57 -12.83 4.65 3.32
CA PRO A 57 -13.69 5.20 2.24
C PRO A 57 -12.87 5.87 1.13
N ARG A 58 -12.73 5.12 0.09
CA ARG A 58 -12.00 5.49 -1.16
C ARG A 58 -12.86 5.03 -2.37
N GLY A 59 -12.33 5.23 -3.54
CA GLY A 59 -13.01 4.84 -4.83
C GLY A 59 -12.76 5.88 -5.95
N GLN A 60 -13.18 7.09 -5.69
CA GLN A 60 -13.00 8.22 -6.68
C GLN A 60 -11.66 9.02 -6.54
N ALA A 61 -11.67 10.00 -5.67
CA ALA A 61 -10.48 10.87 -5.42
C ALA A 61 -9.44 10.20 -4.53
N ALA A 62 -9.21 8.95 -4.82
CA ALA A 62 -8.23 8.12 -4.08
C ALA A 62 -7.04 8.00 -5.05
N CYS A 63 -7.34 7.95 -6.34
CA CYS A 63 -6.25 7.86 -7.36
C CYS A 63 -5.30 9.08 -7.27
N GLY A 64 -5.58 9.95 -6.34
CA GLY A 64 -4.74 11.17 -6.14
C GLY A 64 -4.26 11.27 -4.68
N LYS A 65 -4.33 10.19 -3.93
CA LYS A 65 -3.87 10.24 -2.51
C LYS A 65 -2.92 9.10 -2.08
N CYS A 66 -2.52 9.23 -0.85
CA CYS A 66 -1.60 8.30 -0.14
C CYS A 66 -2.13 7.78 1.23
N LEU A 67 -1.31 6.99 1.86
CA LEU A 67 -1.67 6.41 3.20
C LEU A 67 -0.45 6.60 4.14
N ARG A 68 -0.69 6.98 5.38
CA ARG A 68 0.44 7.18 6.32
C ARG A 68 0.31 5.99 7.26
N VAL A 69 1.43 5.40 7.58
CA VAL A 69 1.40 4.23 8.48
C VAL A 69 2.44 4.41 9.58
N THR A 70 2.01 4.03 10.76
CA THR A 70 2.88 4.11 12.00
C THR A 70 2.71 2.83 12.83
N ASN A 71 3.82 2.44 13.41
CA ASN A 71 3.91 1.22 14.28
C ASN A 71 4.12 1.70 15.75
N PRO A 72 3.19 1.45 16.65
CA PRO A 72 3.36 1.84 18.08
C PRO A 72 4.58 1.11 18.66
N ALA A 73 4.38 -0.16 18.92
CA ALA A 73 5.40 -1.10 19.48
C ALA A 73 6.88 -0.65 19.35
N THR A 74 7.21 -0.18 18.18
CA THR A 74 8.60 0.30 17.86
C THR A 74 8.70 1.80 17.58
N GLY A 75 7.64 2.40 17.11
CA GLY A 75 7.68 3.88 16.80
C GLY A 75 8.02 4.12 15.34
N ALA A 76 8.22 3.06 14.60
CA ALA A 76 8.57 3.20 13.15
C ALA A 76 7.34 3.73 12.38
N GLN A 77 7.58 4.69 11.52
CA GLN A 77 6.47 5.27 10.71
C GLN A 77 6.95 5.63 9.28
N ILE A 78 6.05 5.51 8.34
CA ILE A 78 6.34 5.82 6.90
C ILE A 78 5.10 6.37 6.12
N THR A 79 5.27 6.62 4.84
CA THR A 79 4.16 7.15 3.97
C THR A 79 4.12 6.38 2.60
N ALA A 80 2.98 5.85 2.22
CA ALA A 80 2.81 5.08 0.92
C ALA A 80 1.82 5.73 -0.11
N ARG A 81 1.78 5.30 -1.38
CA ARG A 81 0.83 5.94 -2.39
C ARG A 81 -0.42 5.07 -2.76
N ILE A 82 -1.61 5.59 -2.84
CA ILE A 82 -2.82 4.75 -3.20
C ILE A 82 -3.07 4.75 -4.74
N VAL A 83 -2.19 4.15 -5.51
CA VAL A 83 -2.39 4.13 -7.00
C VAL A 83 -3.38 3.07 -7.44
N ASP A 84 -3.44 1.98 -6.71
CA ASP A 84 -4.39 0.89 -7.08
C ASP A 84 -5.38 0.76 -5.91
N GLN A 85 -6.62 0.77 -6.28
CA GLN A 85 -7.74 0.65 -5.33
C GLN A 85 -8.36 -0.70 -5.67
N CYS A 86 -8.48 -1.57 -4.70
CA CYS A 86 -9.08 -2.92 -4.93
C CYS A 86 -10.35 -3.09 -4.08
N ALA A 87 -10.97 -4.26 -4.15
CA ALA A 87 -12.22 -4.49 -3.35
C ALA A 87 -12.01 -5.09 -1.94
N ASN A 88 -11.63 -6.33 -1.82
CA ASN A 88 -11.42 -6.93 -0.44
C ASN A 88 -10.03 -7.59 -0.19
N GLY A 89 -9.63 -7.58 1.07
CA GLY A 89 -8.29 -8.19 1.46
C GLY A 89 -7.05 -7.80 2.28
N GLY A 90 -6.09 -8.69 2.21
CA GLY A 90 -4.76 -8.55 2.93
C GLY A 90 -4.28 -7.11 3.25
N LEU A 91 -4.25 -6.30 2.21
CA LEU A 91 -3.84 -4.86 2.23
C LEU A 91 -3.53 -4.05 1.00
N ASP A 92 -2.51 -4.44 0.34
CA ASP A 92 -2.01 -3.72 -0.91
C ASP A 92 -1.38 -4.33 -2.25
N LEU A 93 -0.83 -3.40 -3.03
CA LEU A 93 -0.16 -3.70 -4.31
C LEU A 93 1.11 -3.91 -3.55
N ASP A 94 1.37 -5.18 -3.57
CA ASP A 94 2.49 -5.98 -3.01
C ASP A 94 3.89 -5.33 -3.00
N TRP A 95 4.76 -6.01 -2.26
CA TRP A 95 6.21 -5.70 -2.00
C TRP A 95 6.30 -4.79 -0.77
N ASP A 96 5.13 -4.48 -0.29
CA ASP A 96 4.81 -3.64 0.88
C ASP A 96 5.97 -2.80 1.41
N THR A 97 6.29 -1.86 0.57
CA THR A 97 7.41 -0.88 0.86
C THR A 97 7.37 -0.49 2.34
N VAL A 98 6.17 -0.40 2.84
CA VAL A 98 5.91 -0.03 4.26
C VAL A 98 6.38 -1.15 5.21
N PHE A 99 5.85 -2.33 5.03
CA PHE A 99 6.23 -3.49 5.92
C PHE A 99 7.75 -3.76 6.01
N THR A 100 8.36 -3.96 4.86
CA THR A 100 9.85 -4.23 4.79
C THR A 100 10.66 -3.20 5.55
N LYS A 101 10.12 -2.02 5.56
CA LYS A 101 10.78 -0.89 6.26
C LYS A 101 10.34 -0.68 7.72
N ILE A 102 9.08 -0.80 8.04
CA ILE A 102 8.59 -0.60 9.45
C ILE A 102 8.63 -1.83 10.40
N ASP A 103 8.56 -3.04 9.89
CA ASP A 103 8.61 -4.21 10.82
C ASP A 103 10.13 -4.48 11.02
N THR A 104 10.51 -4.22 12.23
CA THR A 104 11.94 -4.39 12.69
C THR A 104 12.27 -5.76 13.24
N ASN A 105 11.29 -6.63 13.30
CA ASN A 105 11.53 -8.02 13.82
C ASN A 105 11.41 -9.10 12.73
N GLY A 106 10.46 -8.90 11.85
CA GLY A 106 10.22 -9.85 10.73
C GLY A 106 9.11 -10.81 11.09
N ILE A 107 9.32 -11.51 12.17
CA ILE A 107 8.39 -12.53 12.76
C ILE A 107 6.90 -12.35 12.39
N GLY A 108 6.44 -11.13 12.54
CA GLY A 108 5.00 -10.80 12.21
C GLY A 108 4.62 -11.50 10.92
N TYR A 109 5.41 -11.22 9.92
CA TYR A 109 5.19 -11.81 8.57
C TYR A 109 4.84 -13.32 8.60
N GLN A 110 5.53 -14.02 9.47
CA GLN A 110 5.34 -15.50 9.66
C GLN A 110 4.07 -15.72 10.50
N GLN A 111 3.94 -14.95 11.54
CA GLN A 111 2.74 -15.07 12.44
C GLN A 111 1.46 -14.93 11.57
N GLY A 112 1.56 -14.08 10.59
CA GLY A 112 0.41 -13.85 9.64
C GLY A 112 0.01 -12.40 9.48
N HIS A 113 0.10 -11.65 10.56
CA HIS A 113 -0.28 -10.20 10.50
C HIS A 113 0.43 -9.37 11.59
N LEU A 114 0.40 -8.08 11.42
CA LEU A 114 1.06 -7.17 12.41
C LEU A 114 -0.02 -6.21 12.98
N ASN A 115 0.20 -5.71 14.17
CA ASN A 115 -0.80 -4.78 14.75
C ASN A 115 -0.18 -3.38 14.63
N VAL A 116 -0.73 -2.70 13.66
CA VAL A 116 -0.29 -1.31 13.34
C VAL A 116 -1.50 -0.36 13.24
N ASN A 117 -1.18 0.88 12.96
CA ASN A 117 -2.23 1.95 12.80
C ASN A 117 -2.13 2.57 11.39
N TYR A 118 -3.25 2.80 10.75
CA TYR A 118 -3.22 3.38 9.39
C TYR A 118 -4.30 4.47 9.29
N GLN A 119 -3.84 5.57 8.75
CA GLN A 119 -4.71 6.77 8.54
C GLN A 119 -4.47 7.26 7.09
N PHE A 120 -5.53 7.60 6.41
CA PHE A 120 -5.35 8.09 4.99
C PHE A 120 -4.57 9.44 5.00
N VAL A 121 -3.80 9.67 3.96
CA VAL A 121 -3.00 10.94 3.88
C VAL A 121 -2.64 11.38 2.44
N ASP A 122 -2.66 12.65 2.15
CA ASP A 122 -2.29 13.05 0.76
C ASP A 122 -0.73 13.30 0.69
N CYS A 123 -0.08 12.82 -0.34
CA CYS A 123 1.43 13.03 -0.48
C CYS A 123 1.73 14.32 -1.26
N ARG A 124 0.74 14.74 -2.00
CA ARG A 124 0.84 15.96 -2.84
C ARG A 124 2.18 16.15 -3.59
N ASP A 125 2.75 15.05 -4.04
CA ASP A 125 4.07 15.01 -4.81
C ASP A 125 3.89 15.72 -6.18
N GLU A 1 -10.82 6.54 6.55
CA GLU A 1 -10.16 7.85 6.87
C GLU A 1 -9.12 7.75 7.99
N GLN A 2 -9.56 7.51 9.20
CA GLN A 2 -8.62 7.40 10.35
C GLN A 2 -8.95 6.13 11.17
N ALA A 3 -7.99 5.24 11.28
CA ALA A 3 -8.21 3.99 12.07
C ALA A 3 -6.91 3.58 12.81
N ASN A 4 -7.06 2.99 13.98
CA ASN A 4 -5.92 2.53 14.84
C ASN A 4 -6.12 1.03 15.19
N ASP A 5 -5.22 0.46 15.96
CA ASP A 5 -5.23 -0.98 16.39
C ASP A 5 -5.88 -1.92 15.35
N VAL A 6 -5.28 -1.91 14.18
CA VAL A 6 -5.81 -2.76 13.08
C VAL A 6 -4.89 -3.96 12.81
N ARG A 7 -5.54 -5.09 12.64
CA ARG A 7 -4.82 -6.36 12.36
C ARG A 7 -4.60 -6.35 10.84
N ALA A 8 -3.38 -6.06 10.52
CA ALA A 8 -2.95 -6.00 9.12
C ALA A 8 -2.06 -7.20 8.79
N THR A 9 -2.30 -7.79 7.66
CA THR A 9 -1.49 -8.96 7.23
C THR A 9 -0.92 -8.40 5.91
N TYR A 10 -0.93 -9.14 4.83
CA TYR A 10 -0.37 -8.58 3.54
C TYR A 10 -0.90 -9.20 2.22
N HIS A 11 -2.02 -8.76 1.69
CA HIS A 11 -2.47 -9.38 0.40
C HIS A 11 -1.58 -8.52 -0.53
N TYR A 12 -0.53 -9.10 -1.03
CA TYR A 12 0.44 -8.38 -1.92
C TYR A 12 0.19 -8.34 -3.45
N TYR A 13 -0.56 -7.36 -3.88
CA TYR A 13 -0.82 -7.29 -5.35
C TYR A 13 0.48 -6.92 -6.14
N ARG A 14 1.22 -7.95 -6.48
CA ARG A 14 2.52 -7.84 -7.25
C ARG A 14 2.55 -6.73 -8.40
N PRO A 15 3.36 -5.69 -8.28
CA PRO A 15 3.78 -4.73 -9.37
C PRO A 15 5.09 -5.17 -10.09
N ALA A 16 6.08 -5.50 -9.30
CA ALA A 16 7.42 -5.96 -9.82
C ALA A 16 7.31 -6.74 -11.16
N GLN A 17 6.46 -7.72 -11.09
CA GLN A 17 6.12 -8.66 -12.21
C GLN A 17 6.47 -8.18 -13.62
N ASN A 18 5.90 -7.06 -13.96
CA ASN A 18 6.12 -6.47 -15.31
C ASN A 18 6.61 -5.01 -15.21
N ASN A 19 7.69 -4.82 -14.48
CA ASN A 19 8.31 -3.46 -14.28
C ASN A 19 7.26 -2.37 -13.94
N TRP A 20 6.32 -2.84 -13.15
CA TRP A 20 5.16 -2.03 -12.64
C TRP A 20 4.25 -1.50 -13.77
N ASP A 21 4.24 -2.15 -14.91
CA ASP A 21 3.36 -1.65 -15.99
C ASP A 21 1.97 -2.25 -15.74
N LEU A 22 1.40 -1.86 -14.63
CA LEU A 22 0.06 -2.34 -14.25
C LEU A 22 -0.88 -2.14 -15.46
N GLY A 23 -0.53 -1.20 -16.32
CA GLY A 23 -1.33 -0.88 -17.55
C GLY A 23 -1.36 -2.08 -18.53
N ALA A 24 -0.69 -3.14 -18.16
CA ALA A 24 -0.59 -4.38 -18.95
C ALA A 24 -1.90 -5.20 -18.76
N PRO A 25 -2.54 -5.56 -19.86
CA PRO A 25 -3.93 -6.13 -19.87
C PRO A 25 -4.30 -6.93 -18.61
N ALA A 26 -3.63 -8.05 -18.50
CA ALA A 26 -3.77 -9.05 -17.40
C ALA A 26 -3.95 -8.50 -15.97
N VAL A 27 -3.41 -7.33 -15.83
CA VAL A 27 -3.44 -6.58 -14.54
C VAL A 27 -4.44 -5.42 -14.53
N SER A 28 -4.10 -4.51 -15.41
CA SER A 28 -4.88 -3.24 -15.63
C SER A 28 -5.61 -2.68 -14.38
N ALA A 29 -4.93 -2.49 -13.29
CA ALA A 29 -5.61 -1.95 -12.04
C ALA A 29 -6.17 -0.49 -12.12
N TYR A 30 -6.96 -0.08 -11.12
CA TYR A 30 -7.58 1.29 -11.08
C TYR A 30 -6.86 2.44 -11.75
N CYS A 31 -5.67 2.66 -11.28
CA CYS A 31 -4.88 3.76 -11.86
C CYS A 31 -3.78 3.22 -12.77
N ALA A 32 -3.73 1.92 -12.98
CA ALA A 32 -2.69 1.32 -13.88
C ALA A 32 -2.55 2.24 -15.11
N THR A 33 -3.70 2.36 -15.73
CA THR A 33 -3.97 3.19 -16.95
C THR A 33 -3.33 4.57 -16.99
N TRP A 34 -3.36 5.22 -15.87
CA TRP A 34 -2.80 6.60 -15.72
C TRP A 34 -1.40 6.68 -15.07
N ASP A 35 -1.10 5.76 -14.20
CA ASP A 35 0.19 5.67 -13.46
C ASP A 35 1.30 4.82 -14.13
N ALA A 36 0.91 3.66 -14.59
CA ALA A 36 1.83 2.68 -15.28
C ALA A 36 2.65 3.32 -16.40
N SER A 37 2.27 4.50 -16.74
CA SER A 37 2.91 5.32 -17.81
C SER A 37 4.05 6.17 -17.21
N LYS A 38 3.87 6.65 -16.00
CA LYS A 38 4.94 7.50 -15.35
C LYS A 38 6.33 6.85 -15.32
N PRO A 39 7.36 7.66 -15.42
CA PRO A 39 8.76 7.15 -15.38
C PRO A 39 9.15 6.27 -14.15
N LEU A 40 9.88 5.23 -14.46
CA LEU A 40 10.37 4.24 -13.46
C LEU A 40 10.80 4.84 -12.13
N SER A 41 11.57 5.91 -12.17
CA SER A 41 12.05 6.58 -10.93
C SER A 41 10.89 6.77 -9.93
N TRP A 42 10.05 7.74 -10.19
CA TRP A 42 8.88 8.03 -9.30
C TRP A 42 8.07 6.76 -8.96
N ARG A 43 7.78 5.99 -10.00
CA ARG A 43 6.99 4.72 -9.81
C ARG A 43 7.63 3.79 -8.76
N SER A 44 8.81 3.32 -9.02
CA SER A 44 9.57 2.39 -8.07
C SER A 44 9.80 3.10 -6.71
N LYS A 45 10.22 4.34 -6.76
CA LYS A 45 10.48 5.21 -5.56
C LYS A 45 9.52 5.07 -4.37
N TYR A 46 8.24 5.31 -4.59
CA TYR A 46 7.25 5.17 -3.42
C TYR A 46 6.56 3.76 -3.31
N GLY A 47 5.51 3.62 -2.53
CA GLY A 47 4.84 2.26 -2.39
C GLY A 47 3.51 1.95 -3.12
N TRP A 48 2.98 2.94 -3.85
CA TRP A 48 1.69 2.93 -4.68
C TRP A 48 1.05 1.66 -4.34
N THR A 49 0.60 1.68 -3.16
CA THR A 49 0.00 0.44 -2.71
C THR A 49 -1.40 0.22 -3.19
N ALA A 50 -1.69 -1.05 -3.36
CA ALA A 50 -3.12 -1.23 -3.78
C ALA A 50 -3.67 -1.08 -2.35
N PHE A 51 -4.96 -0.99 -2.22
CA PHE A 51 -5.48 -0.85 -0.85
C PHE A 51 -6.88 -1.43 -0.60
N CYS A 52 -7.04 -2.32 0.35
CA CYS A 52 -8.43 -2.87 0.59
C CYS A 52 -9.03 -1.85 1.62
N GLY A 53 -8.47 -1.84 2.80
CA GLY A 53 -8.92 -0.92 3.90
C GLY A 53 -8.92 -1.60 5.28
N PRO A 54 -10.04 -2.07 5.81
CA PRO A 54 -11.44 -1.90 5.31
C PRO A 54 -12.09 -0.55 5.71
N ALA A 55 -11.62 0.04 6.79
CA ALA A 55 -12.21 1.35 7.26
C ALA A 55 -11.48 2.50 6.49
N GLY A 56 -11.58 2.37 5.18
CA GLY A 56 -10.96 3.36 4.22
C GLY A 56 -11.73 3.58 2.90
N PRO A 57 -12.87 4.23 2.92
CA PRO A 57 -13.67 4.28 1.67
C PRO A 57 -12.93 5.13 0.61
N ARG A 58 -12.27 4.42 -0.29
CA ARG A 58 -11.50 5.03 -1.39
C ARG A 58 -11.32 4.10 -2.64
N GLY A 59 -11.12 4.74 -3.77
CA GLY A 59 -10.94 4.03 -5.08
C GLY A 59 -11.02 5.05 -6.22
N GLN A 60 -12.00 5.91 -6.10
CA GLN A 60 -12.23 6.98 -7.14
C GLN A 60 -11.36 8.27 -6.91
N ALA A 61 -11.84 9.20 -6.12
CA ALA A 61 -11.07 10.46 -5.87
C ALA A 61 -10.01 10.29 -4.75
N ALA A 62 -9.32 9.22 -5.00
CA ALA A 62 -8.19 8.68 -4.18
C ALA A 62 -6.93 8.53 -5.07
N CYS A 63 -7.14 8.30 -6.35
CA CYS A 63 -6.03 8.12 -7.35
C CYS A 63 -5.14 9.40 -7.31
N GLY A 64 -4.27 9.46 -6.35
CA GLY A 64 -3.35 10.66 -6.20
C GLY A 64 -3.05 10.98 -4.72
N LYS A 65 -3.78 10.36 -3.84
CA LYS A 65 -3.56 10.61 -2.38
C LYS A 65 -2.69 9.48 -1.87
N CYS A 66 -2.29 9.61 -0.65
CA CYS A 66 -1.43 8.57 -0.01
C CYS A 66 -2.05 8.07 1.32
N LEU A 67 -1.37 7.12 1.91
CA LEU A 67 -1.83 6.53 3.21
C LEU A 67 -0.58 6.54 4.10
N ARG A 68 -0.77 6.90 5.35
CA ARG A 68 0.41 6.92 6.25
C ARG A 68 0.26 5.81 7.30
N VAL A 69 1.37 5.17 7.59
CA VAL A 69 1.39 4.06 8.59
C VAL A 69 2.46 4.30 9.65
N THR A 70 2.01 3.88 10.81
CA THR A 70 2.81 3.97 12.07
C THR A 70 2.73 2.61 12.83
N ASN A 71 3.81 2.25 13.47
CA ASN A 71 3.91 0.96 14.27
C ASN A 71 3.81 1.12 15.83
N PRO A 72 2.69 0.82 16.46
CA PRO A 72 2.51 1.13 17.92
C PRO A 72 3.59 0.53 18.85
N ALA A 73 4.40 -0.37 18.32
CA ALA A 73 5.47 -1.01 19.11
C ALA A 73 6.75 -0.14 19.18
N THR A 74 7.26 0.30 18.05
CA THR A 74 8.52 1.14 18.13
C THR A 74 8.30 2.63 17.84
N GLY A 75 7.14 3.00 17.36
CA GLY A 75 6.88 4.46 17.04
C GLY A 75 7.03 4.67 15.54
N ALA A 76 8.00 3.92 15.08
CA ALA A 76 8.42 3.87 13.64
C ALA A 76 7.25 4.10 12.67
N GLN A 77 7.45 5.03 11.79
CA GLN A 77 6.41 5.37 10.78
C GLN A 77 7.01 5.66 9.42
N ILE A 78 6.18 5.45 8.44
CA ILE A 78 6.56 5.67 7.02
C ILE A 78 5.32 6.03 6.15
N THR A 79 5.51 6.27 4.89
CA THR A 79 4.35 6.61 3.98
C THR A 79 4.38 5.83 2.69
N ALA A 80 3.19 5.58 2.18
CA ALA A 80 3.02 4.81 0.89
C ALA A 80 2.10 5.61 -0.09
N ARG A 81 1.91 5.19 -1.32
CA ARG A 81 1.01 5.99 -2.25
C ARG A 81 -0.33 5.28 -2.53
N ILE A 82 -1.49 5.90 -2.67
CA ILE A 82 -2.72 5.05 -2.96
C ILE A 82 -2.87 4.90 -4.49
N VAL A 83 -3.02 3.70 -5.01
CA VAL A 83 -3.17 3.53 -6.52
C VAL A 83 -4.30 2.54 -6.90
N ASP A 84 -4.23 1.40 -6.25
CA ASP A 84 -5.26 0.35 -6.53
C ASP A 84 -6.11 -0.03 -5.28
N GLN A 85 -7.08 -0.87 -5.53
CA GLN A 85 -7.99 -1.33 -4.44
C GLN A 85 -8.02 -2.87 -4.38
N CYS A 86 -7.60 -3.45 -3.28
CA CYS A 86 -7.61 -4.96 -3.19
C CYS A 86 -8.89 -5.58 -2.55
N ALA A 87 -8.94 -6.89 -2.47
CA ALA A 87 -10.13 -7.58 -1.87
C ALA A 87 -10.01 -8.10 -0.42
N ASN A 88 -9.31 -9.20 -0.21
CA ASN A 88 -9.15 -9.76 1.19
C ASN A 88 -7.67 -10.04 1.57
N GLY A 89 -7.49 -10.47 2.79
CA GLY A 89 -6.10 -10.80 3.31
C GLY A 89 -5.53 -9.51 3.89
N GLY A 90 -4.34 -9.19 3.46
CA GLY A 90 -3.70 -7.92 3.97
C GLY A 90 -4.22 -6.85 3.03
N LEU A 91 -3.88 -5.60 3.13
CA LEU A 91 -4.49 -4.60 2.17
C LEU A 91 -3.72 -3.83 1.11
N ASP A 92 -2.99 -4.48 0.24
CA ASP A 92 -2.23 -3.64 -0.77
C ASP A 92 -1.64 -4.20 -2.06
N LEU A 93 -0.83 -3.34 -2.67
CA LEU A 93 -0.10 -3.67 -3.93
C LEU A 93 0.96 -4.44 -3.26
N ASP A 94 2.01 -4.69 -3.92
CA ASP A 94 3.22 -5.51 -3.50
C ASP A 94 3.41 -6.00 -2.01
N TRP A 95 4.64 -6.23 -1.61
CA TRP A 95 4.89 -6.71 -0.22
C TRP A 95 4.90 -5.50 0.68
N ASP A 96 3.79 -4.81 0.69
CA ASP A 96 3.64 -3.59 1.50
C ASP A 96 4.95 -3.00 1.97
N THR A 97 5.54 -2.40 0.98
CA THR A 97 6.85 -1.70 1.15
C THR A 97 6.95 -1.10 2.57
N VAL A 98 5.81 -0.74 3.12
CA VAL A 98 5.65 -0.14 4.47
C VAL A 98 5.92 -1.23 5.57
N PHE A 99 5.25 -2.36 5.51
CA PHE A 99 5.41 -3.50 6.49
C PHE A 99 6.90 -3.77 6.68
N THR A 100 7.45 -4.34 5.63
CA THR A 100 8.92 -4.69 5.62
C THR A 100 9.78 -3.56 6.19
N LYS A 101 9.27 -2.36 6.09
CA LYS A 101 10.02 -1.17 6.60
C LYS A 101 9.76 -0.79 8.09
N ILE A 102 8.52 -0.64 8.47
CA ILE A 102 8.14 -0.26 9.88
C ILE A 102 8.20 -1.45 10.82
N ASP A 103 8.25 -2.62 10.26
CA ASP A 103 8.32 -3.86 11.08
C ASP A 103 9.70 -4.22 11.65
N THR A 104 10.29 -3.28 12.34
CA THR A 104 11.66 -3.50 12.96
C THR A 104 11.84 -4.95 13.45
N ASN A 105 10.86 -5.37 14.21
CA ASN A 105 10.83 -6.75 14.79
C ASN A 105 9.47 -7.43 14.43
N GLY A 106 9.11 -7.32 13.18
CA GLY A 106 7.82 -7.90 12.65
C GLY A 106 7.91 -9.36 12.31
N ILE A 107 8.37 -10.10 13.29
CA ILE A 107 8.53 -11.57 13.15
C ILE A 107 7.21 -12.14 12.53
N GLY A 108 6.15 -11.40 12.79
CA GLY A 108 4.77 -11.70 12.30
C GLY A 108 4.83 -12.23 10.88
N TYR A 109 5.78 -11.73 10.11
CA TYR A 109 5.99 -12.16 8.69
C TYR A 109 5.68 -13.65 8.42
N GLN A 110 5.94 -14.51 9.39
CA GLN A 110 5.66 -15.98 9.18
C GLN A 110 4.53 -16.51 10.12
N GLN A 111 3.62 -15.63 10.42
CA GLN A 111 2.43 -15.90 11.32
C GLN A 111 1.07 -15.59 10.64
N GLY A 112 0.89 -14.36 10.25
CA GLY A 112 -0.39 -13.95 9.57
C GLY A 112 -0.71 -12.47 9.74
N HIS A 113 -0.80 -12.00 10.95
CA HIS A 113 -1.13 -10.52 11.15
C HIS A 113 -0.26 -9.73 12.15
N LEU A 114 -0.24 -8.46 11.95
CA LEU A 114 0.52 -7.49 12.79
C LEU A 114 -0.52 -6.46 13.26
N ASN A 115 -0.20 -5.71 14.28
CA ASN A 115 -1.16 -4.68 14.78
C ASN A 115 -0.44 -3.34 14.50
N VAL A 116 -1.05 -2.64 13.57
CA VAL A 116 -0.54 -1.30 13.12
C VAL A 116 -1.67 -0.24 13.10
N ASN A 117 -1.31 1.00 12.82
CA ASN A 117 -2.30 2.13 12.75
C ASN A 117 -2.14 2.82 11.37
N TYR A 118 -3.20 3.32 10.78
CA TYR A 118 -3.07 3.99 9.43
C TYR A 118 -4.02 5.19 9.30
N GLN A 119 -3.57 6.26 8.69
CA GLN A 119 -4.45 7.46 8.52
C GLN A 119 -4.37 7.97 7.05
N PHE A 120 -5.45 8.45 6.45
CA PHE A 120 -5.29 8.93 5.01
C PHE A 120 -4.33 10.16 5.02
N VAL A 121 -3.40 10.16 4.09
CA VAL A 121 -2.40 11.26 3.98
C VAL A 121 -1.94 11.74 2.57
N ASP A 122 -1.48 12.97 2.55
CA ASP A 122 -0.97 13.60 1.29
C ASP A 122 0.55 13.31 1.17
N CYS A 123 1.04 13.01 -0.01
CA CYS A 123 2.50 12.73 -0.17
C CYS A 123 3.27 14.04 -0.49
N ARG A 124 2.61 14.77 -1.35
CA ARG A 124 3.07 16.08 -1.89
C ARG A 124 4.57 16.05 -2.29
N ASP A 125 4.85 15.21 -3.26
CA ASP A 125 6.23 15.03 -3.79
C ASP A 125 6.58 16.32 -4.59
N GLU A 1 -10.09 8.66 6.12
CA GLU A 1 -10.19 8.97 7.58
C GLU A 1 -9.01 8.44 8.43
N GLN A 2 -9.25 8.18 9.69
CA GLN A 2 -8.18 7.67 10.62
C GLN A 2 -8.55 6.38 11.39
N ALA A 3 -7.75 5.33 11.30
CA ALA A 3 -8.08 4.07 12.06
C ALA A 3 -6.79 3.63 12.82
N ASN A 4 -6.96 3.19 14.06
CA ASN A 4 -5.80 2.73 14.89
C ASN A 4 -6.04 1.29 15.39
N ASP A 5 -5.12 0.77 16.15
CA ASP A 5 -5.15 -0.61 16.73
C ASP A 5 -5.92 -1.65 15.87
N VAL A 6 -5.47 -1.80 14.65
CA VAL A 6 -6.14 -2.78 13.74
C VAL A 6 -5.35 -4.07 13.51
N ARG A 7 -6.10 -5.15 13.46
CA ARG A 7 -5.52 -6.50 13.24
C ARG A 7 -5.43 -6.45 11.70
N ALA A 8 -4.29 -6.07 11.19
CA ALA A 8 -4.16 -5.99 9.71
C ALA A 8 -3.62 -7.29 9.12
N THR A 9 -4.47 -7.89 8.33
CA THR A 9 -4.19 -9.17 7.63
C THR A 9 -3.38 -8.58 6.49
N TYR A 10 -2.10 -8.80 6.62
CA TYR A 10 -1.06 -8.31 5.68
C TYR A 10 -0.83 -9.07 4.36
N HIS A 11 -1.56 -8.64 3.38
CA HIS A 11 -1.43 -9.28 2.04
C HIS A 11 -0.96 -8.01 1.32
N TYR A 12 0.30 -8.19 1.08
CA TYR A 12 1.23 -7.28 0.41
C TYR A 12 1.46 -7.71 -1.03
N TYR A 13 0.72 -7.12 -1.94
CA TYR A 13 0.95 -7.52 -3.38
C TYR A 13 2.34 -6.96 -3.74
N ARG A 14 2.90 -7.63 -4.73
CA ARG A 14 4.26 -7.41 -5.35
C ARG A 14 4.43 -6.56 -6.69
N PRO A 15 4.38 -5.25 -6.64
CA PRO A 15 4.47 -4.38 -7.87
C PRO A 15 5.68 -4.79 -8.74
N ALA A 16 6.72 -5.18 -8.05
CA ALA A 16 7.98 -5.62 -8.70
C ALA A 16 7.64 -6.64 -9.83
N GLN A 17 6.81 -7.58 -9.47
CA GLN A 17 6.34 -8.67 -10.39
C GLN A 17 6.29 -8.30 -11.89
N ASN A 18 5.71 -7.19 -12.21
CA ASN A 18 5.61 -6.78 -13.65
C ASN A 18 6.18 -5.34 -13.82
N ASN A 19 7.28 -5.08 -13.16
CA ASN A 19 7.93 -3.73 -13.22
C ASN A 19 6.85 -2.60 -13.07
N TRP A 20 5.97 -2.83 -12.12
CA TRP A 20 4.86 -1.88 -11.78
C TRP A 20 4.13 -1.41 -13.07
N ASP A 21 4.26 -2.13 -14.15
CA ASP A 21 3.58 -1.71 -15.42
C ASP A 21 2.17 -2.34 -15.32
N LEU A 22 1.58 -2.04 -14.21
CA LEU A 22 0.24 -2.48 -13.84
C LEU A 22 -0.75 -2.44 -15.01
N GLY A 23 -0.48 -1.54 -15.95
CA GLY A 23 -1.33 -1.37 -17.17
C GLY A 23 -1.57 -2.75 -17.81
N ALA A 24 -0.51 -3.52 -17.73
CA ALA A 24 -0.42 -4.91 -18.25
C ALA A 24 -1.66 -5.80 -17.87
N PRO A 25 -2.36 -6.32 -18.86
CA PRO A 25 -3.64 -7.08 -18.66
C PRO A 25 -3.68 -7.89 -17.34
N ALA A 26 -2.78 -8.84 -17.28
CA ALA A 26 -2.58 -9.78 -16.11
C ALA A 26 -2.83 -9.22 -14.70
N VAL A 27 -2.56 -7.94 -14.63
CA VAL A 27 -2.69 -7.15 -13.37
C VAL A 27 -3.88 -6.18 -13.35
N SER A 28 -3.80 -5.39 -14.39
CA SER A 28 -4.77 -4.32 -14.71
C SER A 28 -5.48 -3.65 -13.50
N ALA A 29 -4.73 -2.83 -12.81
CA ALA A 29 -5.26 -2.08 -11.60
C ALA A 29 -5.92 -0.68 -11.86
N TYR A 30 -6.76 -0.21 -10.95
CA TYR A 30 -7.48 1.12 -11.07
C TYR A 30 -6.76 2.26 -11.79
N CYS A 31 -5.65 2.65 -11.24
CA CYS A 31 -4.83 3.75 -11.81
C CYS A 31 -3.74 3.17 -12.77
N ALA A 32 -3.66 1.87 -12.87
CA ALA A 32 -2.63 1.19 -13.78
C ALA A 32 -2.52 1.92 -15.11
N THR A 33 -3.68 1.97 -15.70
CA THR A 33 -4.04 2.60 -17.02
C THR A 33 -3.52 4.02 -17.21
N TRP A 34 -3.40 4.68 -16.09
CA TRP A 34 -2.92 6.09 -16.03
C TRP A 34 -1.57 6.32 -15.29
N ASP A 35 -1.13 5.39 -14.47
CA ASP A 35 0.16 5.47 -13.69
C ASP A 35 1.29 4.61 -14.20
N ALA A 36 0.95 3.43 -14.66
CA ALA A 36 1.97 2.49 -15.20
C ALA A 36 2.65 3.21 -16.38
N SER A 37 1.95 4.19 -16.89
CA SER A 37 2.42 5.02 -18.02
C SER A 37 3.24 6.23 -17.55
N LYS A 38 3.56 6.27 -16.29
CA LYS A 38 4.38 7.39 -15.73
C LYS A 38 5.84 6.92 -15.88
N PRO A 39 6.76 7.81 -16.10
CA PRO A 39 8.18 7.39 -16.20
C PRO A 39 8.61 6.69 -14.89
N LEU A 40 9.61 5.86 -15.05
CA LEU A 40 10.17 5.09 -13.93
C LEU A 40 10.34 5.89 -12.64
N SER A 41 10.74 7.12 -12.81
CA SER A 41 10.97 8.08 -11.69
C SER A 41 9.89 8.02 -10.60
N TRP A 42 8.79 8.65 -10.88
CA TRP A 42 7.68 8.68 -9.87
C TRP A 42 7.07 7.29 -9.60
N ARG A 43 6.83 6.53 -10.65
CA ARG A 43 6.22 5.17 -10.46
C ARG A 43 7.00 4.29 -9.43
N SER A 44 8.31 4.22 -9.52
CA SER A 44 9.12 3.39 -8.54
C SER A 44 9.58 4.26 -7.34
N LYS A 45 9.60 5.56 -7.48
CA LYS A 45 10.02 6.47 -6.36
C LYS A 45 9.03 6.45 -5.18
N TYR A 46 7.77 6.60 -5.50
CA TYR A 46 6.73 6.58 -4.41
C TYR A 46 5.94 5.31 -4.22
N GLY A 47 6.56 4.45 -3.43
CA GLY A 47 6.00 3.12 -3.06
C GLY A 47 4.52 3.30 -2.89
N TRP A 48 3.75 2.58 -3.64
CA TRP A 48 2.32 2.63 -3.60
C TRP A 48 1.88 1.42 -2.87
N THR A 49 0.64 1.43 -2.98
CA THR A 49 -0.21 0.39 -2.37
C THR A 49 -1.52 0.04 -3.03
N ALA A 50 -1.62 -1.18 -3.51
CA ALA A 50 -3.00 -1.49 -4.12
C ALA A 50 -3.55 -1.77 -2.73
N PHE A 51 -4.51 -0.96 -2.35
CA PHE A 51 -5.17 -1.04 -1.01
C PHE A 51 -6.44 -1.94 -0.79
N CYS A 52 -6.49 -2.55 0.37
CA CYS A 52 -7.67 -3.44 0.77
C CYS A 52 -7.88 -3.72 2.29
N GLY A 53 -8.17 -2.68 3.03
CA GLY A 53 -8.39 -2.79 4.51
C GLY A 53 -9.74 -2.23 4.99
N PRO A 54 -10.17 -2.68 6.15
CA PRO A 54 -11.57 -2.52 6.64
C PRO A 54 -12.14 -1.09 6.63
N ALA A 55 -11.54 -0.20 7.39
CA ALA A 55 -12.04 1.22 7.44
C ALA A 55 -11.12 2.14 6.62
N GLY A 56 -11.71 3.07 5.91
CA GLY A 56 -10.91 4.04 5.06
C GLY A 56 -11.50 4.27 3.65
N PRO A 57 -12.64 4.92 3.60
CA PRO A 57 -13.45 5.00 2.35
C PRO A 57 -12.82 5.94 1.28
N ARG A 58 -12.17 5.29 0.36
CA ARG A 58 -11.47 5.93 -0.80
C ARG A 58 -11.57 4.93 -1.99
N GLY A 59 -11.01 5.23 -3.14
CA GLY A 59 -11.11 4.27 -4.33
C GLY A 59 -11.45 4.93 -5.69
N GLN A 60 -12.16 6.04 -5.63
CA GLN A 60 -12.58 6.78 -6.87
C GLN A 60 -11.42 7.75 -7.26
N ALA A 61 -11.57 9.03 -7.09
CA ALA A 61 -10.48 9.99 -7.45
C ALA A 61 -9.56 10.17 -6.21
N ALA A 62 -9.06 9.04 -5.77
CA ALA A 62 -8.15 9.00 -4.58
C ALA A 62 -6.67 8.76 -4.96
N CYS A 63 -6.41 8.44 -6.21
CA CYS A 63 -5.02 8.18 -6.73
C CYS A 63 -4.31 9.52 -7.01
N GLY A 64 -4.32 10.21 -5.92
CA GLY A 64 -3.74 11.56 -5.72
C GLY A 64 -3.15 11.61 -4.31
N LYS A 65 -3.54 10.68 -3.45
CA LYS A 65 -3.02 10.67 -2.04
C LYS A 65 -2.13 9.50 -1.66
N CYS A 66 -1.63 9.70 -0.47
CA CYS A 66 -0.74 8.74 0.16
C CYS A 66 -1.40 8.22 1.45
N LEU A 67 -1.03 7.03 1.82
CA LEU A 67 -1.59 6.42 3.06
C LEU A 67 -0.38 6.39 4.00
N ARG A 68 -0.56 6.81 5.20
CA ARG A 68 0.58 6.81 6.15
C ARG A 68 0.40 5.54 7.00
N VAL A 69 1.39 4.70 7.06
CA VAL A 69 1.25 3.46 7.89
C VAL A 69 2.27 3.50 9.02
N THR A 70 1.81 3.25 10.22
CA THR A 70 2.68 3.24 11.46
C THR A 70 2.59 1.91 12.24
N ASN A 71 3.72 1.45 12.74
CA ASN A 71 3.78 0.18 13.52
C ASN A 71 4.24 0.34 15.00
N PRO A 72 3.32 0.59 15.92
CA PRO A 72 3.66 0.93 17.34
C PRO A 72 4.82 0.04 17.86
N ALA A 73 4.63 -1.23 17.62
CA ALA A 73 5.59 -2.31 18.01
C ALA A 73 7.09 -1.90 17.85
N THR A 74 7.35 -1.21 16.77
CA THR A 74 8.75 -0.74 16.47
C THR A 74 8.89 0.77 16.52
N GLY A 75 7.84 1.39 16.04
CA GLY A 75 7.77 2.87 15.99
C GLY A 75 8.03 3.28 14.54
N ALA A 76 8.30 2.35 13.66
CA ALA A 76 8.55 2.78 12.25
C ALA A 76 7.23 3.21 11.57
N GLN A 77 7.39 4.19 10.73
CA GLN A 77 6.28 4.80 9.91
C GLN A 77 6.73 5.15 8.46
N ILE A 78 5.87 4.87 7.52
CA ILE A 78 6.16 5.16 6.06
C ILE A 78 4.97 5.88 5.34
N THR A 79 5.22 6.41 4.16
CA THR A 79 4.18 7.13 3.32
C THR A 79 4.01 6.37 1.99
N ALA A 80 2.88 5.76 1.79
CA ALA A 80 2.68 5.00 0.51
C ALA A 80 1.72 5.73 -0.45
N ARG A 81 1.83 5.41 -1.70
CA ARG A 81 1.01 5.97 -2.83
C ARG A 81 -0.29 5.15 -2.99
N ILE A 82 -1.43 5.73 -2.70
CA ILE A 82 -2.71 4.94 -2.86
C ILE A 82 -2.83 4.75 -4.36
N VAL A 83 -2.88 3.52 -4.82
CA VAL A 83 -3.00 3.35 -6.30
C VAL A 83 -4.10 2.40 -6.75
N ASP A 84 -4.25 1.26 -6.11
CA ASP A 84 -5.34 0.32 -6.59
C ASP A 84 -6.24 -0.25 -5.48
N GLN A 85 -7.29 -0.94 -5.84
CA GLN A 85 -8.21 -1.51 -4.81
C GLN A 85 -8.34 -3.05 -5.03
N CYS A 86 -8.10 -3.78 -3.97
CA CYS A 86 -8.18 -5.29 -4.01
C CYS A 86 -9.33 -5.96 -3.22
N ALA A 87 -9.67 -7.12 -3.74
CA ALA A 87 -10.76 -8.00 -3.15
C ALA A 87 -10.18 -9.40 -2.77
N ASN A 88 -8.95 -9.56 -3.18
CA ASN A 88 -8.06 -10.76 -3.01
C ASN A 88 -6.70 -10.25 -2.44
N GLY A 89 -6.79 -9.15 -1.74
CA GLY A 89 -5.62 -8.46 -1.10
C GLY A 89 -5.84 -8.36 0.39
N GLY A 90 -4.90 -7.79 1.08
CA GLY A 90 -5.03 -7.66 2.55
C GLY A 90 -4.28 -6.44 2.99
N LEU A 91 -4.71 -5.32 2.47
CA LEU A 91 -4.09 -3.96 2.80
C LEU A 91 -3.43 -3.06 1.81
N ASP A 92 -2.47 -3.72 1.29
CA ASP A 92 -1.56 -3.10 0.25
C ASP A 92 -0.82 -3.86 -0.89
N LEU A 93 -0.37 -3.16 -1.93
CA LEU A 93 0.40 -3.81 -3.09
C LEU A 93 1.70 -3.00 -2.91
N ASP A 94 2.35 -3.35 -1.84
CA ASP A 94 3.63 -2.77 -1.39
C ASP A 94 4.91 -3.45 -1.89
N TRP A 95 5.26 -4.46 -1.15
CA TRP A 95 6.46 -5.34 -1.34
C TRP A 95 7.70 -4.60 -0.88
N ASP A 96 7.73 -3.33 -1.16
CA ASP A 96 8.89 -2.50 -0.73
C ASP A 96 8.44 -1.25 0.08
N THR A 97 7.17 -0.95 0.06
CA THR A 97 6.60 0.24 0.78
C THR A 97 6.08 0.19 2.27
N VAL A 98 5.03 -0.55 2.54
CA VAL A 98 4.41 -0.68 3.89
C VAL A 98 4.91 -1.76 4.86
N PHE A 99 4.53 -2.99 4.58
CA PHE A 99 4.93 -4.15 5.48
C PHE A 99 6.46 -4.28 5.43
N THR A 100 7.00 -4.82 4.38
CA THR A 100 8.50 -4.99 4.21
C THR A 100 9.46 -4.07 4.96
N LYS A 101 8.97 -2.88 5.15
CA LYS A 101 9.74 -1.82 5.85
C LYS A 101 9.38 -1.59 7.35
N ILE A 102 8.10 -1.52 7.66
CA ILE A 102 7.71 -1.28 9.10
C ILE A 102 7.76 -2.57 9.94
N ASP A 103 7.72 -3.68 9.25
CA ASP A 103 7.77 -4.99 9.93
C ASP A 103 9.22 -5.35 10.32
N THR A 104 9.84 -4.52 11.13
CA THR A 104 11.25 -4.81 11.57
C THR A 104 11.27 -5.64 12.88
N ASN A 105 10.19 -6.38 13.00
CA ASN A 105 9.92 -7.28 14.16
C ASN A 105 10.00 -8.76 13.70
N GLY A 106 9.30 -9.08 12.63
CA GLY A 106 9.29 -10.48 12.09
C GLY A 106 8.01 -11.22 12.44
N ILE A 107 7.73 -11.29 13.72
CA ILE A 107 6.52 -12.00 14.26
C ILE A 107 5.31 -12.03 13.30
N GLY A 108 4.82 -10.86 12.99
CA GLY A 108 3.64 -10.75 12.07
C GLY A 108 3.71 -11.78 10.91
N TYR A 109 4.85 -11.79 10.28
CA TYR A 109 5.12 -12.69 9.12
C TYR A 109 4.87 -14.19 9.44
N GLN A 110 5.12 -14.57 10.66
CA GLN A 110 4.93 -15.99 11.11
C GLN A 110 3.46 -16.25 11.51
N GLN A 111 2.80 -15.21 12.00
CA GLN A 111 1.36 -15.38 12.39
C GLN A 111 0.56 -15.03 11.11
N GLY A 112 -0.58 -14.40 11.24
CA GLY A 112 -1.41 -14.05 10.02
C GLY A 112 -1.63 -12.55 9.82
N HIS A 113 -1.36 -11.80 10.85
CA HIS A 113 -1.56 -10.31 10.77
C HIS A 113 -0.66 -9.59 11.77
N LEU A 114 -0.64 -8.30 11.61
CA LEU A 114 0.16 -7.43 12.51
C LEU A 114 -0.79 -6.39 13.15
N ASN A 115 -0.27 -5.77 14.16
CA ASN A 115 -1.00 -4.73 14.94
C ASN A 115 -0.51 -3.37 14.42
N VAL A 116 -1.26 -2.82 13.52
CA VAL A 116 -0.86 -1.49 12.93
C VAL A 116 -1.91 -0.37 13.07
N ASN A 117 -1.43 0.82 12.79
CA ASN A 117 -2.28 2.05 12.84
C ASN A 117 -2.03 2.78 11.49
N TYR A 118 -3.03 3.35 10.88
CA TYR A 118 -2.74 4.06 9.57
C TYR A 118 -3.58 5.31 9.46
N GLN A 119 -3.03 6.28 8.80
CA GLN A 119 -3.78 7.57 8.64
C GLN A 119 -3.75 8.10 7.22
N PHE A 120 -4.83 8.68 6.77
CA PHE A 120 -4.79 9.23 5.38
C PHE A 120 -3.93 10.52 5.45
N VAL A 121 -2.94 10.53 4.59
CA VAL A 121 -1.98 11.67 4.51
C VAL A 121 -1.77 12.09 3.04
N ASP A 122 -1.53 13.35 2.82
CA ASP A 122 -1.32 13.74 1.40
C ASP A 122 0.20 13.62 1.12
N CYS A 123 0.50 13.58 -0.14
CA CYS A 123 1.92 13.46 -0.55
C CYS A 123 2.63 14.80 -0.75
N ARG A 124 1.89 15.78 -1.17
CA ARG A 124 2.41 17.16 -1.43
C ARG A 124 3.69 17.00 -2.31
N ASP A 125 3.54 16.21 -3.35
CA ASP A 125 4.61 15.88 -4.35
C ASP A 125 4.56 16.96 -5.46
N GLU A 1 -10.46 7.74 6.43
CA GLU A 1 -10.23 8.80 7.44
C GLU A 1 -9.09 8.27 8.33
N GLN A 2 -9.35 7.82 9.54
CA GLN A 2 -8.25 7.29 10.41
C GLN A 2 -8.61 6.03 11.22
N ALA A 3 -7.81 5.01 11.05
CA ALA A 3 -8.05 3.74 11.79
C ALA A 3 -6.72 3.48 12.55
N ASN A 4 -6.81 3.25 13.84
CA ASN A 4 -5.59 2.98 14.69
C ASN A 4 -5.65 1.57 15.32
N ASP A 5 -4.59 1.16 15.99
CA ASP A 5 -4.46 -0.19 16.65
C ASP A 5 -5.31 -1.22 15.84
N VAL A 6 -4.92 -1.31 14.59
CA VAL A 6 -5.62 -2.22 13.65
C VAL A 6 -4.82 -3.48 13.35
N ARG A 7 -5.45 -4.58 13.69
CA ARG A 7 -4.85 -5.94 13.47
C ARG A 7 -4.73 -5.96 11.91
N ALA A 8 -3.67 -5.42 11.39
CA ALA A 8 -3.45 -5.38 9.94
C ALA A 8 -2.83 -6.66 9.36
N THR A 9 -3.41 -7.03 8.25
CA THR A 9 -2.95 -8.26 7.51
C THR A 9 -1.82 -7.81 6.60
N TYR A 10 -1.13 -8.74 6.01
CA TYR A 10 -0.01 -8.31 5.11
C TYR A 10 0.01 -8.91 3.67
N HIS A 11 -1.07 -8.71 2.95
CA HIS A 11 -1.10 -9.26 1.57
C HIS A 11 -0.61 -8.03 0.78
N TYR A 12 0.66 -8.17 0.55
CA TYR A 12 1.52 -7.20 -0.19
C TYR A 12 1.47 -7.57 -1.69
N TYR A 13 0.42 -7.17 -2.34
CA TYR A 13 0.26 -7.49 -3.79
C TYR A 13 1.18 -6.60 -4.70
N ARG A 14 1.57 -7.13 -5.84
CA ARG A 14 2.46 -6.49 -6.90
C ARG A 14 3.88 -5.98 -6.45
N PRO A 15 4.27 -4.74 -6.69
CA PRO A 15 4.51 -4.13 -8.02
C PRO A 15 5.82 -4.74 -8.57
N ALA A 16 6.69 -5.01 -7.62
CA ALA A 16 8.03 -5.62 -7.89
C ALA A 16 7.82 -6.80 -8.85
N GLN A 17 7.04 -7.76 -8.41
CA GLN A 17 6.68 -8.99 -9.18
C GLN A 17 6.52 -8.71 -10.72
N ASN A 18 5.96 -7.57 -11.03
CA ASN A 18 5.71 -7.14 -12.46
C ASN A 18 6.54 -5.90 -12.84
N ASN A 19 7.63 -5.65 -12.17
CA ASN A 19 8.48 -4.45 -12.48
C ASN A 19 7.58 -3.18 -12.63
N TRP A 20 6.56 -3.18 -11.81
CA TRP A 20 5.53 -2.08 -11.75
C TRP A 20 4.98 -1.81 -13.17
N ASP A 21 5.18 -2.70 -14.12
CA ASP A 21 4.69 -2.53 -15.52
C ASP A 21 3.19 -2.92 -15.58
N LEU A 22 2.53 -2.53 -14.53
CA LEU A 22 1.08 -2.73 -14.24
C LEU A 22 0.10 -2.75 -15.44
N GLY A 23 0.53 -2.21 -16.54
CA GLY A 23 -0.31 -2.16 -17.78
C GLY A 23 -0.53 -3.60 -18.24
N ALA A 24 0.50 -4.36 -17.99
CA ALA A 24 0.59 -5.82 -18.30
C ALA A 24 -0.78 -6.55 -18.10
N PRO A 25 -1.52 -6.78 -19.16
CA PRO A 25 -2.99 -7.08 -19.11
C PRO A 25 -3.47 -7.72 -17.79
N ALA A 26 -2.90 -8.87 -17.53
CA ALA A 26 -3.17 -9.70 -16.31
C ALA A 26 -3.53 -8.97 -15.01
N VAL A 27 -2.89 -7.84 -14.86
CA VAL A 27 -3.09 -6.98 -13.66
C VAL A 27 -4.07 -5.81 -13.80
N SER A 28 -3.66 -4.86 -14.58
CA SER A 28 -4.40 -3.61 -14.87
C SER A 28 -5.17 -2.89 -13.70
N ALA A 29 -4.48 -2.60 -12.64
CA ALA A 29 -5.10 -1.90 -11.45
C ALA A 29 -5.74 -0.53 -11.82
N TYR A 30 -6.58 0.03 -10.97
CA TYR A 30 -7.27 1.33 -11.25
C TYR A 30 -6.51 2.36 -12.04
N CYS A 31 -5.43 2.78 -11.44
CA CYS A 31 -4.60 3.80 -12.12
C CYS A 31 -3.50 3.17 -12.99
N ALA A 32 -3.19 1.91 -12.88
CA ALA A 32 -2.11 1.27 -13.74
C ALA A 32 -1.96 1.98 -15.09
N THR A 33 -3.05 1.89 -15.79
CA THR A 33 -3.30 2.46 -17.16
C THR A 33 -2.74 3.86 -17.37
N TRP A 34 -2.92 4.63 -16.34
CA TRP A 34 -2.49 6.05 -16.26
C TRP A 34 -1.18 6.29 -15.50
N ASP A 35 -0.90 5.57 -14.43
CA ASP A 35 0.38 5.81 -13.70
C ASP A 35 1.53 5.08 -14.39
N ALA A 36 1.35 3.80 -14.66
CA ALA A 36 2.41 2.95 -15.33
C ALA A 36 3.03 3.76 -16.51
N SER A 37 2.21 4.62 -17.06
CA SER A 37 2.60 5.52 -18.21
C SER A 37 3.89 6.30 -17.93
N LYS A 38 4.09 6.72 -16.70
CA LYS A 38 5.34 7.50 -16.41
C LYS A 38 6.57 6.57 -16.42
N PRO A 39 7.76 7.12 -16.59
CA PRO A 39 8.99 6.37 -16.19
C PRO A 39 8.72 5.81 -14.77
N LEU A 40 9.23 4.65 -14.41
CA LEU A 40 8.94 4.12 -13.02
C LEU A 40 10.08 4.71 -12.16
N SER A 41 10.41 5.92 -12.46
CA SER A 41 11.49 6.57 -11.71
C SER A 41 10.81 7.26 -10.54
N TRP A 42 9.71 8.00 -10.76
CA TRP A 42 9.23 8.59 -9.56
C TRP A 42 8.73 7.60 -8.57
N ARG A 43 8.49 6.46 -9.14
CA ARG A 43 7.98 5.36 -8.33
C ARG A 43 9.04 4.45 -7.71
N SER A 44 10.24 4.25 -8.27
CA SER A 44 11.13 3.32 -7.44
C SER A 44 11.22 4.11 -6.09
N LYS A 45 11.01 5.41 -6.17
CA LYS A 45 11.04 6.28 -4.93
C LYS A 45 9.79 6.12 -3.99
N TYR A 46 8.63 6.47 -4.49
CA TYR A 46 7.38 6.36 -3.67
C TYR A 46 6.69 5.04 -3.99
N GLY A 47 5.50 4.95 -3.47
CA GLY A 47 4.67 3.74 -3.67
C GLY A 47 3.67 4.07 -4.78
N TRP A 48 2.52 3.55 -4.57
CA TRP A 48 1.29 3.63 -5.45
C TRP A 48 0.70 2.40 -4.90
N THR A 49 0.39 2.45 -3.67
CA THR A 49 -0.15 1.24 -3.07
C THR A 49 -1.56 1.02 -3.37
N ALA A 50 -1.78 -0.23 -3.71
CA ALA A 50 -3.29 -0.45 -3.97
C ALA A 50 -3.88 -0.60 -2.57
N PHE A 51 -5.19 -0.67 -2.46
CA PHE A 51 -5.79 -0.82 -1.09
C PHE A 51 -7.16 -1.60 -0.84
N CYS A 52 -7.20 -2.26 0.28
CA CYS A 52 -8.39 -3.06 0.75
C CYS A 52 -8.29 -3.26 2.29
N GLY A 53 -8.57 -2.20 3.02
CA GLY A 53 -8.51 -2.25 4.52
C GLY A 53 -9.85 -2.12 5.24
N PRO A 54 -9.88 -2.55 6.48
CA PRO A 54 -11.15 -2.88 7.20
C PRO A 54 -12.04 -1.62 7.26
N ALA A 55 -11.42 -0.50 7.53
CA ALA A 55 -12.16 0.79 7.63
C ALA A 55 -11.45 1.80 6.70
N GLY A 56 -12.19 2.54 5.94
CA GLY A 56 -11.56 3.54 5.02
C GLY A 56 -12.04 3.35 3.59
N PRO A 57 -13.25 3.77 3.31
CA PRO A 57 -13.81 3.52 1.97
C PRO A 57 -13.26 4.58 1.00
N ARG A 58 -12.26 4.17 0.26
CA ARG A 58 -11.62 5.05 -0.73
C ARG A 58 -11.23 4.27 -2.01
N GLY A 59 -12.13 4.24 -2.95
CA GLY A 59 -11.82 3.49 -4.22
C GLY A 59 -11.76 4.53 -5.34
N GLN A 60 -12.89 4.76 -5.96
CA GLN A 60 -13.00 5.76 -7.07
C GLN A 60 -12.09 7.01 -6.93
N ALA A 61 -12.42 7.81 -5.97
CA ALA A 61 -11.65 9.07 -5.69
C ALA A 61 -10.49 8.86 -4.68
N ALA A 62 -9.76 7.79 -4.87
CA ALA A 62 -8.61 7.48 -3.97
C ALA A 62 -7.30 7.80 -4.69
N CYS A 63 -7.13 7.37 -5.93
CA CYS A 63 -5.89 7.64 -6.71
C CYS A 63 -5.36 9.08 -6.44
N GLY A 64 -4.44 9.15 -5.51
CA GLY A 64 -3.83 10.48 -5.11
C GLY A 64 -3.67 10.65 -3.60
N LYS A 65 -4.46 9.90 -2.86
CA LYS A 65 -4.36 10.00 -1.37
C LYS A 65 -3.28 8.98 -0.96
N CYS A 66 -2.69 9.24 0.16
CA CYS A 66 -1.61 8.37 0.69
C CYS A 66 -1.91 7.86 2.13
N LEU A 67 -1.51 6.68 2.50
CA LEU A 67 -1.80 6.20 3.88
C LEU A 67 -0.51 6.46 4.67
N ARG A 68 -0.64 7.22 5.72
CA ARG A 68 0.56 7.51 6.56
C ARG A 68 0.49 6.24 7.44
N VAL A 69 1.55 5.48 7.47
CA VAL A 69 1.52 4.23 8.29
C VAL A 69 2.58 4.20 9.37
N THR A 70 2.17 3.74 10.52
CA THR A 70 3.10 3.61 11.70
C THR A 70 2.85 2.29 12.47
N ASN A 71 3.90 1.74 13.02
CA ASN A 71 3.84 0.46 13.80
C ASN A 71 4.20 0.51 15.32
N PRO A 72 3.29 0.97 16.18
CA PRO A 72 3.63 1.30 17.62
C PRO A 72 4.64 0.30 18.22
N ALA A 73 4.26 -0.95 18.09
CA ALA A 73 5.04 -2.14 18.56
C ALA A 73 6.56 -2.13 18.28
N THR A 74 6.96 -1.64 17.13
CA THR A 74 8.41 -1.57 16.71
C THR A 74 8.87 -0.10 16.66
N GLY A 75 7.99 0.73 16.17
CA GLY A 75 8.27 2.22 16.06
C GLY A 75 8.40 2.80 14.66
N ALA A 76 8.52 1.98 13.66
CA ALA A 76 8.67 2.56 12.29
C ALA A 76 7.41 3.18 11.68
N GLN A 77 7.72 3.99 10.70
CA GLN A 77 6.70 4.74 9.93
C GLN A 77 7.12 5.06 8.48
N ILE A 78 6.11 5.09 7.64
CA ILE A 78 6.27 5.38 6.17
C ILE A 78 5.02 6.15 5.57
N THR A 79 5.12 6.54 4.32
CA THR A 79 3.99 7.27 3.61
C THR A 79 3.62 6.44 2.38
N ALA A 80 2.53 5.73 2.40
CA ALA A 80 2.14 4.87 1.20
C ALA A 80 1.16 5.53 0.21
N ARG A 81 1.30 5.29 -1.07
CA ARG A 81 0.37 5.95 -2.03
C ARG A 81 -0.98 5.28 -2.38
N ILE A 82 -2.05 5.60 -1.69
CA ILE A 82 -3.39 4.98 -2.02
C ILE A 82 -3.64 5.37 -3.48
N VAL A 83 -3.40 4.39 -4.28
CA VAL A 83 -3.58 4.57 -5.74
C VAL A 83 -4.69 3.66 -6.23
N ASP A 84 -4.42 2.40 -6.03
CA ASP A 84 -5.38 1.33 -6.46
C ASP A 84 -6.19 0.72 -5.28
N GLN A 85 -7.15 -0.11 -5.63
CA GLN A 85 -8.05 -0.81 -4.64
C GLN A 85 -8.03 -2.32 -4.98
N CYS A 86 -8.19 -3.14 -3.98
CA CYS A 86 -8.20 -4.63 -4.18
C CYS A 86 -9.62 -5.14 -3.80
N ALA A 87 -9.98 -6.29 -4.31
CA ALA A 87 -11.31 -6.94 -4.06
C ALA A 87 -12.00 -6.61 -2.72
N ASN A 88 -11.58 -7.36 -1.75
CA ASN A 88 -12.15 -7.19 -0.37
C ASN A 88 -11.24 -7.77 0.71
N GLY A 89 -9.96 -7.53 0.59
CA GLY A 89 -9.02 -8.09 1.63
C GLY A 89 -7.66 -8.51 1.10
N GLY A 90 -6.72 -8.27 1.95
CA GLY A 90 -5.26 -8.57 1.72
C GLY A 90 -4.49 -7.39 2.33
N LEU A 91 -4.83 -6.21 1.85
CA LEU A 91 -4.29 -4.81 2.22
C LEU A 91 -3.97 -3.75 1.16
N ASP A 92 -2.88 -4.04 0.56
CA ASP A 92 -2.24 -3.18 -0.53
C ASP A 92 -1.49 -3.71 -1.83
N LEU A 93 -1.08 -2.86 -2.78
CA LEU A 93 -0.35 -3.42 -4.00
C LEU A 93 1.07 -2.91 -3.77
N ASP A 94 1.50 -3.34 -2.63
CA ASP A 94 2.77 -3.17 -1.94
C ASP A 94 3.76 -4.24 -2.28
N TRP A 95 4.43 -4.54 -1.20
CA TRP A 95 5.51 -5.56 -1.13
C TRP A 95 6.74 -4.89 -0.62
N ASP A 96 6.95 -3.73 -1.14
CA ASP A 96 8.18 -2.97 -0.71
C ASP A 96 7.92 -1.62 -0.07
N THR A 97 6.68 -1.31 0.10
CA THR A 97 6.25 -0.02 0.70
C THR A 97 6.05 0.05 2.24
N VAL A 98 5.17 -0.76 2.77
CA VAL A 98 4.91 -0.78 4.23
C VAL A 98 5.77 -1.73 5.10
N PHE A 99 5.34 -2.96 5.14
CA PHE A 99 6.04 -4.05 5.96
C PHE A 99 7.60 -4.11 6.13
N THR A 100 8.22 -4.60 5.08
CA THR A 100 9.72 -4.77 5.00
C THR A 100 10.43 -3.46 5.27
N LYS A 101 9.75 -2.44 4.83
CA LYS A 101 10.23 -1.05 4.97
C LYS A 101 10.19 -0.42 6.31
N ILE A 102 9.06 -0.50 6.94
CA ILE A 102 9.00 0.12 8.27
C ILE A 102 10.08 -0.57 9.09
N ASP A 103 9.90 -1.79 9.50
CA ASP A 103 11.02 -2.40 10.30
C ASP A 103 11.06 -3.90 10.38
N THR A 104 10.02 -4.28 11.10
CA THR A 104 9.67 -5.67 11.45
C THR A 104 10.33 -6.62 10.45
N ASN A 105 11.05 -7.53 10.98
CA ASN A 105 11.78 -8.53 10.12
C ASN A 105 10.89 -9.66 9.60
N GLY A 106 9.61 -9.51 9.72
CA GLY A 106 8.72 -10.60 9.23
C GLY A 106 7.99 -11.26 10.40
N ILE A 107 8.47 -11.22 11.62
CA ILE A 107 7.77 -11.86 12.81
C ILE A 107 6.24 -12.05 12.56
N GLY A 108 5.53 -10.98 12.31
CA GLY A 108 4.03 -11.01 12.04
C GLY A 108 3.64 -12.24 11.19
N TYR A 109 4.47 -12.50 10.24
CA TYR A 109 4.34 -13.63 9.27
C TYR A 109 3.82 -14.92 9.94
N GLN A 110 4.48 -15.37 10.99
CA GLN A 110 4.03 -16.63 11.68
C GLN A 110 2.72 -16.49 12.49
N GLN A 111 2.11 -15.35 12.38
CA GLN A 111 0.83 -15.00 13.07
C GLN A 111 -0.23 -14.91 11.95
N GLY A 112 0.18 -14.21 10.93
CA GLY A 112 -0.65 -13.97 9.70
C GLY A 112 -0.97 -12.49 9.55
N HIS A 113 -0.66 -11.76 10.58
CA HIS A 113 -0.90 -10.29 10.64
C HIS A 113 -0.15 -9.63 11.80
N LEU A 114 -0.22 -8.33 11.79
CA LEU A 114 0.42 -7.42 12.80
C LEU A 114 -0.63 -6.35 13.19
N ASN A 115 -0.26 -5.39 14.00
CA ASN A 115 -1.20 -4.30 14.43
C ASN A 115 -0.58 -2.91 14.10
N VAL A 116 -1.08 -2.23 13.10
CA VAL A 116 -0.47 -0.88 12.77
C VAL A 116 -1.56 0.21 12.61
N ASN A 117 -1.17 1.42 12.33
CA ASN A 117 -2.18 2.53 12.15
C ASN A 117 -1.99 3.11 10.76
N TYR A 118 -3.09 3.37 10.07
CA TYR A 118 -3.01 3.95 8.70
C TYR A 118 -4.03 5.09 8.67
N GLN A 119 -3.52 6.23 8.34
CA GLN A 119 -4.39 7.44 8.26
C GLN A 119 -4.35 8.01 6.82
N PHE A 120 -5.46 8.44 6.30
CA PHE A 120 -5.44 9.00 4.90
C PHE A 120 -4.83 10.43 4.96
N VAL A 121 -3.72 10.55 4.31
CA VAL A 121 -2.91 11.83 4.23
C VAL A 121 -2.64 12.20 2.75
N ASP A 122 -2.30 13.44 2.46
CA ASP A 122 -2.02 13.78 1.03
C ASP A 122 -0.50 13.54 0.85
N CYS A 123 -0.05 13.20 -0.34
CA CYS A 123 1.45 12.98 -0.50
C CYS A 123 2.04 14.33 -0.89
N ARG A 124 1.35 14.85 -1.87
CA ARG A 124 1.64 16.18 -2.50
C ARG A 124 3.06 16.51 -3.02
N ASP A 125 3.63 15.52 -3.67
CA ASP A 125 5.00 15.53 -4.31
C ASP A 125 5.36 16.95 -4.86
N GLU A 1 -11.07 6.29 5.72
CA GLU A 1 -10.08 7.41 5.74
C GLU A 1 -9.19 7.55 7.03
N GLN A 2 -9.77 7.37 8.19
CA GLN A 2 -8.98 7.50 9.46
C GLN A 2 -9.25 6.34 10.48
N ALA A 3 -8.30 5.46 10.75
CA ALA A 3 -8.57 4.36 11.73
C ALA A 3 -7.34 3.95 12.58
N ASN A 4 -7.58 3.53 13.79
CA ASN A 4 -6.47 3.11 14.70
C ASN A 4 -6.62 1.74 15.41
N ASP A 5 -5.50 1.31 15.90
CA ASP A 5 -5.34 0.01 16.63
C ASP A 5 -6.21 -1.03 15.89
N VAL A 6 -5.90 -1.06 14.62
CA VAL A 6 -6.59 -1.96 13.66
C VAL A 6 -5.76 -3.21 13.35
N ARG A 7 -6.43 -4.33 13.42
CA ARG A 7 -5.80 -5.66 13.16
C ARG A 7 -5.61 -5.75 11.63
N ALA A 8 -4.53 -5.20 11.15
CA ALA A 8 -4.29 -5.22 9.69
C ALA A 8 -3.64 -6.51 9.15
N THR A 9 -4.22 -7.00 8.08
CA THR A 9 -3.69 -8.25 7.45
C THR A 9 -2.52 -7.74 6.58
N TYR A 10 -1.85 -8.60 5.85
CA TYR A 10 -0.72 -8.04 5.00
C TYR A 10 -0.61 -8.76 3.66
N HIS A 11 -1.63 -8.69 2.84
CA HIS A 11 -1.44 -9.42 1.55
C HIS A 11 -0.89 -8.27 0.78
N TYR A 12 0.42 -8.40 0.84
CA TYR A 12 1.39 -7.50 0.22
C TYR A 12 1.62 -8.02 -1.17
N TYR A 13 0.79 -7.55 -2.03
CA TYR A 13 0.93 -7.97 -3.43
C TYR A 13 2.27 -7.35 -3.90
N ARG A 14 2.74 -7.96 -4.97
CA ARG A 14 4.05 -7.58 -5.65
C ARG A 14 3.99 -6.65 -6.94
N PRO A 15 4.80 -5.59 -6.94
CA PRO A 15 4.96 -4.57 -8.06
C PRO A 15 6.13 -4.72 -9.11
N ALA A 16 7.31 -4.34 -8.64
CA ALA A 16 8.62 -4.37 -9.39
C ALA A 16 8.67 -5.55 -10.38
N GLN A 17 8.29 -6.72 -9.87
CA GLN A 17 8.27 -7.99 -10.68
C GLN A 17 7.70 -7.72 -12.11
N ASN A 18 6.64 -6.96 -12.19
CA ASN A 18 6.00 -6.63 -13.49
C ASN A 18 6.28 -5.14 -13.85
N ASN A 19 7.39 -4.59 -13.46
CA ASN A 19 7.71 -3.15 -13.78
C ASN A 19 6.47 -2.20 -13.58
N TRP A 20 5.58 -2.62 -12.72
CA TRP A 20 4.33 -1.83 -12.42
C TRP A 20 3.61 -1.54 -13.75
N ASP A 21 3.80 -2.38 -14.74
CA ASP A 21 3.13 -2.16 -16.03
C ASP A 21 1.81 -2.91 -15.90
N LEU A 22 1.15 -2.51 -14.86
CA LEU A 22 -0.15 -3.04 -14.46
C LEU A 22 -1.09 -3.20 -15.68
N GLY A 23 -0.79 -2.50 -16.76
CA GLY A 23 -1.62 -2.59 -18.02
C GLY A 23 -1.78 -4.08 -18.36
N ALA A 24 -0.70 -4.75 -18.06
CA ALA A 24 -0.53 -6.21 -18.25
C ALA A 24 -1.81 -6.98 -17.75
N PRO A 25 -2.66 -7.44 -18.64
CA PRO A 25 -3.98 -8.06 -18.30
C PRO A 25 -3.99 -8.77 -16.93
N ALA A 26 -3.06 -9.69 -16.80
CA ALA A 26 -2.84 -10.53 -15.58
C ALA A 26 -2.93 -9.80 -14.20
N VAL A 27 -2.80 -8.51 -14.28
CA VAL A 27 -2.86 -7.61 -13.08
C VAL A 27 -4.07 -6.65 -13.09
N SER A 28 -4.01 -5.87 -14.15
CA SER A 28 -5.00 -4.81 -14.49
C SER A 28 -5.65 -4.16 -13.23
N ALA A 29 -4.88 -3.30 -12.60
CA ALA A 29 -5.31 -2.56 -11.35
C ALA A 29 -6.05 -1.18 -11.56
N TYR A 30 -6.78 -0.75 -10.54
CA TYR A 30 -7.56 0.54 -10.59
C TYR A 30 -6.99 1.70 -11.37
N CYS A 31 -5.86 2.16 -10.90
CA CYS A 31 -5.18 3.31 -11.56
C CYS A 31 -4.14 2.91 -12.59
N ALA A 32 -4.16 1.67 -13.02
CA ALA A 32 -3.16 1.19 -14.03
C ALA A 32 -2.98 2.31 -15.10
N THR A 33 -4.12 2.60 -15.66
CA THR A 33 -4.37 3.63 -16.73
C THR A 33 -3.80 5.03 -16.44
N TRP A 34 -3.56 5.23 -15.18
CA TRP A 34 -3.03 6.51 -14.61
C TRP A 34 -1.61 6.31 -13.96
N ASP A 35 -1.19 5.09 -13.74
CA ASP A 35 0.16 4.75 -13.14
C ASP A 35 1.02 4.02 -14.20
N ALA A 36 0.56 2.86 -14.63
CA ALA A 36 1.27 2.00 -15.65
C ALA A 36 1.93 2.80 -16.78
N SER A 37 1.39 3.97 -16.97
CA SER A 37 1.84 4.96 -17.98
C SER A 37 2.92 5.89 -17.35
N LYS A 38 2.63 6.40 -16.19
CA LYS A 38 3.58 7.34 -15.45
C LYS A 38 5.05 6.94 -15.35
N PRO A 39 5.99 7.87 -15.49
CA PRO A 39 7.43 7.52 -15.53
C PRO A 39 7.86 6.63 -14.34
N LEU A 40 8.87 5.82 -14.56
CA LEU A 40 9.36 4.92 -13.50
C LEU A 40 9.74 5.67 -12.22
N SER A 41 10.56 6.68 -12.38
CA SER A 41 11.02 7.52 -11.23
C SER A 41 9.91 7.70 -10.16
N TRP A 42 8.78 8.26 -10.53
CA TRP A 42 7.66 8.48 -9.54
C TRP A 42 7.17 7.11 -8.94
N ARG A 43 6.79 6.20 -9.81
CA ARG A 43 6.30 4.84 -9.37
C ARG A 43 7.06 4.32 -8.14
N SER A 44 8.35 4.26 -8.36
CA SER A 44 9.30 3.77 -7.32
C SER A 44 9.59 4.79 -6.22
N LYS A 45 9.86 6.01 -6.62
CA LYS A 45 10.18 7.17 -5.71
C LYS A 45 9.47 7.04 -4.34
N TYR A 46 8.17 6.87 -4.46
CA TYR A 46 7.27 6.72 -3.26
C TYR A 46 6.90 5.22 -3.08
N GLY A 47 6.29 4.86 -1.98
CA GLY A 47 5.92 3.40 -1.77
C GLY A 47 4.76 2.99 -2.69
N TRP A 48 4.34 1.75 -2.66
CA TRP A 48 3.26 1.26 -3.52
C TRP A 48 2.34 0.40 -2.74
N THR A 49 1.19 0.93 -2.78
CA THR A 49 0.10 0.21 -2.10
C THR A 49 -1.17 -0.09 -2.88
N ALA A 50 -1.23 -1.28 -3.47
CA ALA A 50 -2.60 -1.51 -4.15
C ALA A 50 -3.25 -1.88 -2.79
N PHE A 51 -4.17 -1.03 -2.34
CA PHE A 51 -4.90 -1.20 -1.04
C PHE A 51 -6.20 -2.01 -1.03
N CYS A 52 -6.37 -2.74 0.05
CA CYS A 52 -7.57 -3.64 0.32
C CYS A 52 -8.12 -3.56 1.81
N GLY A 53 -8.56 -2.42 2.28
CA GLY A 53 -9.07 -2.38 3.71
C GLY A 53 -10.45 -1.73 3.87
N PRO A 54 -11.18 -2.11 4.89
CA PRO A 54 -12.57 -1.61 5.13
C PRO A 54 -12.70 -0.07 5.16
N ALA A 55 -12.15 0.52 6.19
CA ALA A 55 -12.21 2.00 6.34
C ALA A 55 -10.98 2.62 5.63
N GLY A 56 -10.97 2.39 4.33
CA GLY A 56 -9.87 2.91 3.44
C GLY A 56 -10.36 3.55 2.13
N PRO A 57 -10.79 2.76 1.18
CA PRO A 57 -11.08 3.23 -0.21
C PRO A 57 -11.96 4.51 -0.41
N ARG A 58 -11.38 5.49 -1.05
CA ARG A 58 -12.09 6.79 -1.32
C ARG A 58 -12.25 7.08 -2.85
N GLY A 59 -12.73 6.08 -3.57
CA GLY A 59 -12.93 6.19 -5.06
C GLY A 59 -11.71 6.76 -5.81
N GLN A 60 -11.88 7.16 -7.04
CA GLN A 60 -10.71 7.73 -7.80
C GLN A 60 -9.97 8.80 -6.94
N ALA A 61 -10.73 9.54 -6.17
CA ALA A 61 -10.12 10.61 -5.28
C ALA A 61 -9.17 10.09 -4.17
N ALA A 62 -9.02 8.79 -4.14
CA ALA A 62 -8.16 8.07 -3.16
C ALA A 62 -6.78 7.83 -3.88
N CYS A 63 -6.75 7.42 -5.14
CA CYS A 63 -5.42 7.18 -5.87
C CYS A 63 -4.57 8.48 -6.12
N GLY A 64 -5.12 9.51 -5.55
CA GLY A 64 -4.56 10.90 -5.59
C GLY A 64 -4.15 11.29 -4.16
N LYS A 65 -4.21 10.35 -3.25
CA LYS A 65 -3.83 10.60 -1.82
C LYS A 65 -2.79 9.55 -1.36
N CYS A 66 -2.20 9.80 -0.24
CA CYS A 66 -1.19 8.87 0.33
C CYS A 66 -1.78 8.36 1.65
N LEU A 67 -1.03 7.52 2.27
CA LEU A 67 -1.49 6.93 3.57
C LEU A 67 -0.34 7.00 4.58
N ARG A 68 -0.56 7.50 5.77
CA ARG A 68 0.60 7.54 6.71
C ARG A 68 0.39 6.25 7.50
N VAL A 69 1.41 5.42 7.48
CA VAL A 69 1.34 4.14 8.20
C VAL A 69 2.47 4.12 9.23
N THR A 70 2.06 3.71 10.41
CA THR A 70 2.98 3.58 11.59
C THR A 70 2.80 2.22 12.28
N ASN A 71 3.90 1.65 12.73
CA ASN A 71 3.93 0.32 13.42
C ASN A 71 4.28 0.22 14.96
N PRO A 72 3.28 0.34 15.82
CA PRO A 72 3.44 0.65 17.28
C PRO A 72 4.57 -0.23 17.84
N ALA A 73 4.35 -1.52 17.64
CA ALA A 73 5.27 -2.62 18.08
C ALA A 73 6.77 -2.30 17.96
N THR A 74 7.08 -1.48 16.99
CA THR A 74 8.51 -1.06 16.74
C THR A 74 8.72 0.43 16.89
N GLY A 75 7.72 1.16 16.48
CA GLY A 75 7.75 2.65 16.55
C GLY A 75 8.14 3.18 15.18
N ALA A 76 8.32 2.30 14.21
CA ALA A 76 8.72 2.78 12.85
C ALA A 76 7.49 3.12 11.99
N GLN A 77 7.71 4.03 11.09
CA GLN A 77 6.62 4.47 10.17
C GLN A 77 7.17 4.77 8.79
N ILE A 78 6.28 4.65 7.85
CA ILE A 78 6.55 4.89 6.43
C ILE A 78 5.41 5.73 5.81
N THR A 79 5.70 6.41 4.72
CA THR A 79 4.64 7.25 4.05
C THR A 79 4.41 6.57 2.71
N ALA A 80 3.25 6.00 2.58
CA ALA A 80 2.94 5.29 1.31
C ALA A 80 1.98 6.02 0.39
N ARG A 81 1.91 5.51 -0.81
CA ARG A 81 1.03 6.09 -1.86
C ARG A 81 -0.10 5.11 -2.21
N ILE A 82 -1.29 5.63 -2.20
CA ILE A 82 -2.50 4.80 -2.52
C ILE A 82 -2.59 4.75 -4.05
N VAL A 83 -2.56 3.57 -4.61
CA VAL A 83 -2.65 3.47 -6.11
C VAL A 83 -3.78 2.57 -6.59
N ASP A 84 -3.86 1.39 -6.04
CA ASP A 84 -4.99 0.51 -6.53
C ASP A 84 -5.99 0.29 -5.37
N GLN A 85 -7.22 0.05 -5.74
CA GLN A 85 -8.36 -0.18 -4.81
C GLN A 85 -8.91 -1.59 -5.07
N CYS A 86 -8.50 -2.48 -4.21
CA CYS A 86 -8.91 -3.91 -4.26
C CYS A 86 -9.71 -4.30 -2.99
N ALA A 87 -10.12 -5.53 -2.99
CA ALA A 87 -10.91 -6.11 -1.86
C ALA A 87 -10.28 -7.45 -1.40
N ASN A 88 -10.02 -8.26 -2.38
CA ASN A 88 -9.42 -9.63 -2.18
C ASN A 88 -7.88 -9.61 -1.99
N GLY A 89 -7.50 -8.78 -1.06
CA GLY A 89 -6.06 -8.58 -0.67
C GLY A 89 -5.94 -8.60 0.85
N GLY A 90 -4.85 -8.14 1.35
CA GLY A 90 -4.64 -8.12 2.83
C GLY A 90 -4.06 -6.76 3.24
N LEU A 91 -4.50 -5.83 2.44
CA LEU A 91 -4.21 -4.33 2.49
C LEU A 91 -3.25 -3.51 1.61
N ASP A 92 -2.43 -4.18 0.89
CA ASP A 92 -1.43 -3.44 -0.01
C ASP A 92 -0.68 -4.18 -1.16
N LEU A 93 -0.24 -3.53 -2.21
CA LEU A 93 0.51 -4.28 -3.27
C LEU A 93 1.83 -3.55 -3.26
N ASP A 94 2.44 -3.80 -2.15
CA ASP A 94 3.74 -3.30 -1.77
C ASP A 94 4.88 -4.21 -2.17
N TRP A 95 4.92 -5.22 -1.36
CA TRP A 95 5.87 -6.37 -1.33
C TRP A 95 7.20 -5.86 -0.80
N ASP A 96 7.59 -4.70 -1.25
CA ASP A 96 8.85 -4.07 -0.81
C ASP A 96 8.62 -2.65 -0.24
N THR A 97 7.44 -2.11 -0.40
CA THR A 97 7.15 -0.73 0.11
C THR A 97 6.62 -0.51 1.55
N VAL A 98 5.50 -1.04 1.97
CA VAL A 98 4.94 -0.86 3.35
C VAL A 98 5.31 -1.85 4.47
N PHE A 99 4.79 -3.03 4.33
CA PHE A 99 5.02 -4.11 5.34
C PHE A 99 6.52 -4.44 5.41
N THR A 100 7.00 -5.06 4.37
CA THR A 100 8.46 -5.46 4.25
C THR A 100 9.46 -4.58 4.99
N LYS A 101 9.16 -3.32 4.90
CA LYS A 101 9.99 -2.25 5.51
C LYS A 101 9.78 -1.95 7.02
N ILE A 102 8.56 -2.10 7.49
CA ILE A 102 8.29 -1.83 8.96
C ILE A 102 8.52 -3.11 9.82
N ASP A 103 8.73 -4.20 9.11
CA ASP A 103 8.98 -5.56 9.68
C ASP A 103 10.45 -5.67 10.12
N THR A 104 10.83 -4.78 10.98
CA THR A 104 12.25 -4.79 11.50
C THR A 104 12.66 -6.18 12.02
N ASN A 105 11.78 -6.67 12.84
CA ASN A 105 11.93 -8.01 13.48
C ASN A 105 11.14 -9.13 12.77
N GLY A 106 9.86 -8.94 12.52
CA GLY A 106 9.01 -9.98 11.84
C GLY A 106 7.82 -10.79 12.41
N ILE A 107 7.54 -10.72 13.69
CA ILE A 107 6.38 -11.49 14.29
C ILE A 107 5.21 -11.64 13.27
N GLY A 108 4.72 -10.50 12.82
CA GLY A 108 3.58 -10.46 11.82
C GLY A 108 3.99 -11.30 10.59
N TYR A 109 5.15 -11.00 10.06
CA TYR A 109 5.73 -11.70 8.85
C TYR A 109 5.57 -13.25 8.97
N GLN A 110 5.79 -13.74 10.17
CA GLN A 110 5.68 -15.23 10.44
C GLN A 110 4.39 -15.61 11.21
N GLN A 111 3.45 -14.71 11.21
CA GLN A 111 2.14 -14.92 11.90
C GLN A 111 0.92 -14.79 10.97
N GLY A 112 0.93 -13.84 10.07
CA GLY A 112 -0.23 -13.65 9.13
C GLY A 112 -0.86 -12.24 9.13
N HIS A 113 -0.79 -11.60 10.25
CA HIS A 113 -1.36 -10.21 10.43
C HIS A 113 -0.78 -9.51 11.68
N LEU A 114 -0.96 -8.21 11.70
CA LEU A 114 -0.47 -7.34 12.81
C LEU A 114 -1.44 -6.20 13.15
N ASN A 115 -1.12 -5.37 14.12
CA ASN A 115 -2.02 -4.26 14.46
C ASN A 115 -1.13 -3.03 14.21
N VAL A 116 -1.64 -2.16 13.38
CA VAL A 116 -0.91 -0.92 13.02
C VAL A 116 -1.89 0.26 13.06
N ASN A 117 -1.33 1.41 12.85
CA ASN A 117 -2.18 2.64 12.84
C ASN A 117 -2.11 3.25 11.44
N TYR A 118 -3.23 3.66 10.91
CA TYR A 118 -3.18 4.26 9.55
C TYR A 118 -4.17 5.40 9.41
N GLN A 119 -3.65 6.45 8.87
CA GLN A 119 -4.48 7.68 8.65
C GLN A 119 -4.25 8.19 7.20
N PHE A 120 -5.31 8.49 6.47
CA PHE A 120 -5.11 9.00 5.08
C PHE A 120 -4.41 10.36 5.26
N VAL A 121 -3.46 10.55 4.40
CA VAL A 121 -2.62 11.78 4.37
C VAL A 121 -2.36 12.24 2.93
N ASP A 122 -2.01 13.49 2.76
CA ASP A 122 -1.75 13.95 1.38
C ASP A 122 -0.25 13.68 1.12
N CYS A 123 0.09 13.51 -0.13
CA CYS A 123 1.52 13.24 -0.43
C CYS A 123 2.34 14.51 -0.34
N ARG A 124 1.90 15.46 -1.10
CA ARG A 124 2.55 16.80 -1.18
C ARG A 124 3.96 16.64 -1.80
N ASP A 125 3.98 16.08 -3.00
CA ASP A 125 5.25 15.87 -3.73
C ASP A 125 5.53 17.23 -4.48
N GLU A 1 -11.43 9.01 7.49
CA GLU A 1 -10.26 9.82 7.91
C GLU A 1 -9.13 9.04 8.61
N GLN A 2 -9.46 8.46 9.74
CA GLN A 2 -8.46 7.66 10.51
C GLN A 2 -8.94 6.26 10.88
N ALA A 3 -8.09 5.30 10.57
CA ALA A 3 -8.38 3.87 10.86
C ALA A 3 -7.15 3.41 11.69
N ASN A 4 -7.40 3.03 12.92
CA ASN A 4 -6.32 2.56 13.83
C ASN A 4 -6.67 1.13 14.29
N ASP A 5 -5.81 0.54 15.09
CA ASP A 5 -6.01 -0.85 15.61
C ASP A 5 -6.59 -1.76 14.49
N VAL A 6 -5.96 -1.65 13.33
CA VAL A 6 -6.42 -2.46 12.15
C VAL A 6 -5.49 -3.69 12.03
N ARG A 7 -6.07 -4.84 12.31
CA ARG A 7 -5.33 -6.15 12.25
C ARG A 7 -4.88 -6.38 10.79
N ALA A 8 -3.84 -5.70 10.44
CA ALA A 8 -3.28 -5.79 9.06
C ALA A 8 -2.33 -6.97 8.82
N THR A 9 -2.76 -7.81 7.91
CA THR A 9 -1.95 -9.01 7.55
C THR A 9 -1.18 -8.47 6.33
N TYR A 10 -1.12 -9.13 5.23
CA TYR A 10 -0.35 -8.54 4.08
C TYR A 10 -0.71 -9.10 2.70
N HIS A 11 -1.78 -8.68 2.07
CA HIS A 11 -2.04 -9.26 0.71
C HIS A 11 -1.24 -8.30 -0.16
N TYR A 12 0.06 -8.41 0.02
CA TYR A 12 1.05 -7.58 -0.71
C TYR A 12 1.27 -8.14 -2.09
N TYR A 13 0.49 -7.62 -3.00
CA TYR A 13 0.58 -8.04 -4.41
C TYR A 13 2.07 -7.77 -4.73
N ARG A 14 2.60 -8.74 -5.44
CA ARG A 14 4.01 -8.90 -5.95
C ARG A 14 4.46 -7.83 -6.99
N PRO A 15 5.44 -7.00 -6.69
CA PRO A 15 5.69 -5.77 -7.47
C PRO A 15 6.58 -5.86 -8.74
N ALA A 16 7.76 -5.33 -8.59
CA ALA A 16 8.77 -5.30 -9.67
C ALA A 16 9.06 -6.66 -10.36
N GLN A 17 8.47 -7.73 -9.89
CA GLN A 17 8.68 -9.10 -10.51
C GLN A 17 8.38 -8.94 -12.02
N ASN A 18 7.28 -8.28 -12.29
CA ASN A 18 6.79 -7.99 -13.68
C ASN A 18 6.94 -6.44 -13.72
N ASN A 19 8.03 -5.96 -13.16
CA ASN A 19 8.37 -4.50 -13.08
C ASN A 19 7.02 -3.77 -12.79
N TRP A 20 6.32 -4.41 -11.87
CA TRP A 20 4.96 -4.04 -11.37
C TRP A 20 4.11 -3.32 -12.41
N ASP A 21 4.16 -3.83 -13.61
CA ASP A 21 3.36 -3.19 -14.67
C ASP A 21 1.84 -3.40 -14.40
N LEU A 22 1.33 -2.33 -13.85
CA LEU A 22 -0.10 -2.20 -13.47
C LEU A 22 -1.00 -2.34 -14.70
N GLY A 23 -0.39 -2.40 -15.86
CA GLY A 23 -1.11 -2.56 -17.16
C GLY A 23 -1.27 -4.05 -17.47
N ALA A 24 -0.51 -4.88 -16.79
CA ALA A 24 -0.59 -6.36 -17.00
C ALA A 24 -1.97 -6.91 -16.49
N PRO A 25 -2.56 -7.81 -17.26
CA PRO A 25 -3.96 -8.28 -17.05
C PRO A 25 -4.32 -8.53 -15.57
N ALA A 26 -3.63 -9.47 -15.01
CA ALA A 26 -3.79 -9.91 -13.59
C ALA A 26 -3.62 -8.80 -12.53
N VAL A 27 -3.34 -7.61 -12.98
CA VAL A 27 -3.15 -6.46 -12.06
C VAL A 27 -4.21 -5.42 -12.35
N SER A 28 -4.05 -4.97 -13.57
CA SER A 28 -4.89 -3.91 -14.18
C SER A 28 -5.43 -2.94 -13.11
N ALA A 29 -4.59 -2.03 -12.69
CA ALA A 29 -5.04 -1.05 -11.61
C ALA A 29 -5.70 0.27 -12.08
N TYR A 30 -6.55 0.80 -11.22
CA TYR A 30 -7.30 2.08 -11.50
C TYR A 30 -6.64 3.14 -12.38
N CYS A 31 -5.58 3.72 -11.90
CA CYS A 31 -4.90 4.76 -12.72
C CYS A 31 -3.87 4.15 -13.65
N ALA A 32 -3.80 2.84 -13.83
CA ALA A 32 -2.74 2.29 -14.75
C ALA A 32 -2.66 3.14 -16.05
N THR A 33 -3.78 3.28 -16.70
CA THR A 33 -3.92 4.07 -17.98
C THR A 33 -3.45 5.55 -17.92
N TRP A 34 -3.36 6.08 -16.73
CA TRP A 34 -2.94 7.51 -16.48
C TRP A 34 -1.59 7.67 -15.72
N ASP A 35 -1.31 6.81 -14.79
CA ASP A 35 -0.07 6.80 -13.97
C ASP A 35 0.97 5.78 -14.47
N ALA A 36 0.58 4.62 -14.95
CA ALA A 36 1.63 3.64 -15.43
C ALA A 36 2.64 4.32 -16.36
N SER A 37 2.11 5.24 -17.13
CA SER A 37 2.87 6.08 -18.13
C SER A 37 3.78 7.17 -17.52
N LYS A 38 3.83 7.20 -16.21
CA LYS A 38 4.68 8.18 -15.49
C LYS A 38 6.03 7.48 -15.32
N PRO A 39 7.13 8.17 -15.51
CA PRO A 39 8.47 7.55 -15.34
C PRO A 39 8.51 6.69 -14.06
N LEU A 40 9.15 5.54 -14.15
CA LEU A 40 9.21 4.68 -12.95
C LEU A 40 9.67 5.39 -11.71
N SER A 41 10.57 6.33 -11.89
CA SER A 41 11.06 7.09 -10.71
C SER A 41 9.95 7.54 -9.77
N TRP A 42 9.05 8.37 -10.22
CA TRP A 42 7.98 8.80 -9.27
C TRP A 42 7.19 7.57 -8.79
N ARG A 43 6.81 6.74 -9.73
CA ARG A 43 6.04 5.49 -9.37
C ARG A 43 6.67 4.72 -8.19
N SER A 44 7.92 4.33 -8.30
CA SER A 44 8.64 3.58 -7.20
C SER A 44 8.99 4.58 -6.05
N LYS A 45 9.49 5.75 -6.40
CA LYS A 45 9.89 6.85 -5.42
C LYS A 45 9.02 6.84 -4.18
N TYR A 46 7.74 6.94 -4.43
CA TYR A 46 6.73 6.94 -3.32
C TYR A 46 5.95 5.62 -3.36
N GLY A 47 5.46 5.13 -2.25
CA GLY A 47 4.67 3.82 -2.24
C GLY A 47 3.95 3.45 -3.57
N TRP A 48 2.68 3.76 -3.68
CA TRP A 48 1.75 3.49 -4.89
C TRP A 48 1.20 2.14 -4.59
N THR A 49 0.88 1.94 -3.37
CA THR A 49 0.40 0.62 -3.09
C THR A 49 -1.00 0.36 -3.47
N ALA A 50 -1.19 -0.92 -3.66
CA ALA A 50 -2.64 -1.25 -4.01
C ALA A 50 -3.24 -1.22 -2.60
N PHE A 51 -4.52 -1.28 -2.44
CA PHE A 51 -5.04 -1.24 -1.02
C PHE A 51 -6.32 -2.07 -0.76
N CYS A 52 -6.31 -3.04 0.14
CA CYS A 52 -7.57 -3.81 0.36
C CYS A 52 -8.18 -3.32 1.68
N GLY A 53 -8.59 -4.25 2.49
CA GLY A 53 -9.20 -3.95 3.82
C GLY A 53 -9.98 -2.63 3.91
N PRO A 54 -11.05 -2.50 3.16
CA PRO A 54 -11.72 -1.18 2.91
C PRO A 54 -12.26 -0.35 4.12
N ALA A 55 -11.40 0.12 4.99
CA ALA A 55 -11.85 0.92 6.18
C ALA A 55 -11.64 2.46 6.03
N GLY A 56 -12.58 3.11 5.39
CA GLY A 56 -12.51 4.61 5.18
C GLY A 56 -12.73 5.11 3.75
N PRO A 57 -13.26 6.32 3.66
CA PRO A 57 -13.87 6.86 2.39
C PRO A 57 -12.83 7.08 1.27
N ARG A 58 -12.78 6.14 0.37
CA ARG A 58 -11.84 6.18 -0.81
C ARG A 58 -12.53 5.49 -2.02
N GLY A 59 -11.85 5.42 -3.14
CA GLY A 59 -12.42 4.78 -4.39
C GLY A 59 -12.13 5.54 -5.69
N GLN A 60 -12.48 6.80 -5.72
CA GLN A 60 -12.26 7.66 -6.95
C GLN A 60 -10.88 8.38 -6.96
N ALA A 61 -10.84 9.55 -6.35
CA ALA A 61 -9.60 10.37 -6.28
C ALA A 61 -8.80 10.02 -5.02
N ALA A 62 -8.45 8.77 -5.06
CA ALA A 62 -7.64 8.09 -4.01
C ALA A 62 -6.23 8.08 -4.62
N CYS A 63 -6.11 7.64 -5.84
CA CYS A 63 -4.80 7.60 -6.61
C CYS A 63 -3.87 8.80 -6.28
N GLY A 64 -4.49 9.92 -6.00
CA GLY A 64 -3.75 11.19 -5.67
C GLY A 64 -3.72 11.49 -4.17
N LYS A 65 -3.77 10.44 -3.42
CA LYS A 65 -3.75 10.47 -1.93
C LYS A 65 -2.73 9.42 -1.44
N CYS A 66 -2.31 9.61 -0.22
CA CYS A 66 -1.34 8.71 0.45
C CYS A 66 -1.96 8.30 1.80
N LEU A 67 -1.31 7.30 2.29
CA LEU A 67 -1.66 6.67 3.59
C LEU A 67 -0.44 6.88 4.49
N ARG A 68 -0.60 7.55 5.60
CA ARG A 68 0.62 7.72 6.45
C ARG A 68 0.43 6.47 7.32
N VAL A 69 1.37 5.56 7.27
CA VAL A 69 1.26 4.31 8.07
C VAL A 69 2.33 4.24 9.14
N THR A 70 1.85 3.90 10.31
CA THR A 70 2.72 3.74 11.52
C THR A 70 2.33 2.40 12.17
N ASN A 71 3.33 1.77 12.69
CA ASN A 71 3.15 0.45 13.37
C ASN A 71 3.38 0.63 14.89
N PRO A 72 2.45 0.31 15.77
CA PRO A 72 2.68 0.55 17.23
C PRO A 72 3.86 -0.33 17.72
N ALA A 73 3.61 -1.60 17.85
CA ALA A 73 4.63 -2.60 18.30
C ALA A 73 6.12 -2.28 18.04
N THR A 74 6.41 -2.09 16.78
CA THR A 74 7.83 -1.76 16.33
C THR A 74 8.09 -0.24 16.35
N GLY A 75 7.04 0.54 16.38
CA GLY A 75 7.16 2.04 16.39
C GLY A 75 7.59 2.63 15.06
N ALA A 76 7.85 1.79 14.11
CA ALA A 76 8.28 2.32 12.79
C ALA A 76 7.08 2.92 12.01
N GLN A 77 7.38 3.86 11.15
CA GLN A 77 6.32 4.52 10.34
C GLN A 77 6.87 4.98 8.98
N ILE A 78 6.06 4.84 7.96
CA ILE A 78 6.41 5.24 6.56
C ILE A 78 5.20 5.91 5.84
N THR A 79 5.45 6.52 4.72
CA THR A 79 4.35 7.21 3.93
C THR A 79 4.18 6.44 2.62
N ALA A 80 3.01 5.88 2.41
CA ALA A 80 2.80 5.10 1.15
C ALA A 80 1.77 5.79 0.24
N ARG A 81 1.92 5.60 -1.05
CA ARG A 81 0.94 6.27 -1.97
C ARG A 81 -0.20 5.31 -2.26
N ILE A 82 -1.40 5.79 -2.49
CA ILE A 82 -2.52 4.82 -2.78
C ILE A 82 -2.57 4.59 -4.29
N VAL A 83 -2.78 3.40 -4.78
CA VAL A 83 -2.83 3.27 -6.29
C VAL A 83 -4.04 2.43 -6.76
N ASP A 84 -4.31 1.38 -6.01
CA ASP A 84 -5.46 0.49 -6.37
C ASP A 84 -6.48 0.15 -5.22
N GLN A 85 -7.48 -0.63 -5.52
CA GLN A 85 -8.53 -1.03 -4.51
C GLN A 85 -8.88 -2.56 -4.43
N CYS A 86 -8.86 -3.14 -3.25
CA CYS A 86 -9.21 -4.61 -3.11
C CYS A 86 -10.00 -4.92 -1.81
N ALA A 87 -10.29 -6.17 -1.53
CA ALA A 87 -11.06 -6.54 -0.28
C ALA A 87 -10.74 -7.94 0.33
N ASN A 88 -9.55 -8.40 0.07
CA ASN A 88 -9.06 -9.74 0.55
C ASN A 88 -7.80 -9.62 1.47
N GLY A 89 -7.50 -10.64 2.23
CA GLY A 89 -6.31 -10.75 3.20
C GLY A 89 -5.72 -9.45 3.80
N GLY A 90 -4.49 -9.14 3.48
CA GLY A 90 -3.83 -7.89 4.03
C GLY A 90 -4.13 -6.80 2.99
N LEU A 91 -3.74 -5.57 3.14
CA LEU A 91 -4.13 -4.56 2.08
C LEU A 91 -3.17 -3.82 1.15
N ASP A 92 -2.43 -4.49 0.29
CA ASP A 92 -1.50 -3.63 -0.56
C ASP A 92 -0.73 -4.15 -1.84
N LEU A 93 -0.14 -3.29 -2.69
CA LEU A 93 0.60 -3.90 -3.88
C LEU A 93 2.00 -3.30 -3.69
N ASP A 94 2.55 -3.92 -2.65
CA ASP A 94 3.84 -3.82 -1.96
C ASP A 94 5.18 -4.54 -2.19
N TRP A 95 5.21 -5.47 -1.26
CA TRP A 95 6.20 -6.51 -0.88
C TRP A 95 7.50 -5.91 -0.30
N ASP A 96 7.84 -4.79 -0.83
CA ASP A 96 9.08 -4.08 -0.37
C ASP A 96 8.86 -2.60 -0.10
N THR A 97 7.64 -2.16 -0.23
CA THR A 97 7.27 -0.72 0.02
C THR A 97 6.85 -0.43 1.51
N VAL A 98 5.80 -1.07 1.99
CA VAL A 98 5.26 -0.92 3.40
C VAL A 98 5.73 -1.79 4.59
N PHE A 99 5.26 -3.01 4.55
CA PHE A 99 5.56 -4.04 5.63
C PHE A 99 7.02 -4.32 6.06
N THR A 100 7.72 -5.13 5.28
CA THR A 100 9.16 -5.46 5.61
C THR A 100 9.96 -4.12 5.65
N LYS A 101 9.35 -3.15 5.04
CA LYS A 101 9.92 -1.80 4.96
C LYS A 101 9.96 -1.05 6.27
N ILE A 102 8.79 -0.94 6.86
CA ILE A 102 8.73 -0.23 8.15
C ILE A 102 9.71 -0.93 9.09
N ASP A 103 9.48 -2.17 9.40
CA ASP A 103 10.46 -2.85 10.32
C ASP A 103 10.39 -4.38 10.24
N THR A 104 9.43 -4.76 11.04
CA THR A 104 8.95 -6.13 11.31
C THR A 104 9.39 -7.02 10.15
N ASN A 105 10.48 -7.67 10.39
CA ASN A 105 11.02 -8.58 9.32
C ASN A 105 10.29 -9.91 9.29
N GLY A 106 10.19 -10.48 10.46
CA GLY A 106 9.49 -11.79 10.64
C GLY A 106 8.38 -11.75 11.67
N ILE A 107 8.63 -11.10 12.78
CA ILE A 107 7.67 -10.94 13.92
C ILE A 107 6.24 -11.20 13.45
N GLY A 108 5.73 -10.25 12.72
CA GLY A 108 4.32 -10.38 12.19
C GLY A 108 4.15 -11.65 11.36
N TYR A 109 4.96 -11.77 10.36
CA TYR A 109 4.92 -12.96 9.44
C TYR A 109 4.85 -14.31 10.22
N GLN A 110 5.52 -14.35 11.36
CA GLN A 110 5.55 -15.57 12.21
C GLN A 110 4.22 -15.87 12.95
N GLN A 111 3.43 -14.86 13.13
CA GLN A 111 2.11 -15.04 13.83
C GLN A 111 1.07 -15.21 12.67
N GLY A 112 1.38 -14.50 11.61
CA GLY A 112 0.57 -14.48 10.35
C GLY A 112 0.29 -13.06 9.91
N HIS A 113 -0.05 -12.24 10.86
CA HIS A 113 -0.38 -10.81 10.61
C HIS A 113 -0.03 -9.88 11.79
N LEU A 114 -0.09 -8.60 11.57
CA LEU A 114 0.22 -7.65 12.68
C LEU A 114 -0.96 -6.66 12.69
N ASN A 115 -0.81 -5.67 13.51
CA ASN A 115 -1.84 -4.64 13.63
C ASN A 115 -1.13 -3.30 13.35
N VAL A 116 -1.61 -2.50 12.43
CA VAL A 116 -0.93 -1.19 12.17
C VAL A 116 -2.02 -0.09 12.15
N ASN A 117 -1.59 1.14 12.14
CA ASN A 117 -2.55 2.29 12.12
C ASN A 117 -2.29 3.23 10.92
N TYR A 118 -3.33 3.77 10.32
CA TYR A 118 -3.09 4.69 9.16
C TYR A 118 -4.06 5.88 9.08
N GLN A 119 -3.49 6.92 8.52
CA GLN A 119 -4.23 8.19 8.32
C GLN A 119 -4.24 8.59 6.84
N PHE A 120 -5.37 9.01 6.33
CA PHE A 120 -5.36 9.41 4.88
C PHE A 120 -4.66 10.77 4.94
N VAL A 121 -3.55 10.75 4.30
CA VAL A 121 -2.62 11.94 4.20
C VAL A 121 -2.24 12.20 2.73
N ASP A 122 -2.30 13.41 2.22
CA ASP A 122 -1.90 13.58 0.81
C ASP A 122 -0.36 13.89 0.76
N CYS A 123 0.29 13.34 -0.23
CA CYS A 123 1.78 13.54 -0.41
C CYS A 123 2.18 14.76 -1.29
N ARG A 124 1.23 15.17 -2.08
CA ARG A 124 1.39 16.32 -3.04
C ARG A 124 2.86 16.54 -3.56
N ASP A 125 3.35 15.49 -4.20
CA ASP A 125 4.73 15.48 -4.78
C ASP A 125 4.60 16.00 -6.25
N GLU A 1 -11.05 6.92 7.11
CA GLU A 1 -9.93 7.93 6.97
C GLU A 1 -8.84 7.81 8.06
N GLN A 2 -9.27 7.66 9.28
CA GLN A 2 -8.34 7.52 10.45
C GLN A 2 -8.68 6.25 11.24
N ALA A 3 -7.83 5.26 11.14
CA ALA A 3 -8.06 3.99 11.88
C ALA A 3 -6.80 3.72 12.74
N ASN A 4 -7.00 3.60 14.03
CA ASN A 4 -5.87 3.33 14.97
C ASN A 4 -6.06 1.95 15.62
N ASP A 5 -5.06 1.50 16.33
CA ASP A 5 -5.07 0.17 17.05
C ASP A 5 -5.90 -0.89 16.25
N VAL A 6 -5.45 -1.06 15.03
CA VAL A 6 -6.13 -2.02 14.11
C VAL A 6 -5.39 -3.35 13.92
N ARG A 7 -6.06 -4.41 14.28
CA ARG A 7 -5.47 -5.77 14.13
C ARG A 7 -5.54 -5.95 12.60
N ALA A 8 -4.42 -5.89 11.96
CA ALA A 8 -4.36 -6.04 10.49
C ALA A 8 -3.64 -7.31 10.02
N THR A 9 -4.26 -7.92 9.06
CA THR A 9 -3.74 -9.17 8.43
C THR A 9 -2.75 -8.57 7.40
N TYR A 10 -1.94 -9.35 6.73
CA TYR A 10 -0.99 -8.70 5.74
C TYR A 10 -0.82 -9.37 4.35
N HIS A 11 -1.87 -9.42 3.57
CA HIS A 11 -1.67 -10.08 2.24
C HIS A 11 -1.57 -8.93 1.22
N TYR A 12 -0.74 -9.16 0.24
CA TYR A 12 -0.52 -8.13 -0.80
C TYR A 12 -0.08 -8.67 -2.17
N TYR A 13 -0.06 -7.75 -3.09
CA TYR A 13 0.36 -8.06 -4.51
C TYR A 13 1.80 -7.48 -4.70
N ARG A 14 2.51 -8.02 -5.68
CA ARG A 14 3.93 -7.61 -6.06
C ARG A 14 4.13 -7.17 -7.59
N PRO A 15 3.16 -6.62 -8.29
CA PRO A 15 3.35 -6.02 -9.67
C PRO A 15 4.79 -5.62 -10.08
N ALA A 16 5.49 -5.04 -9.13
CA ALA A 16 6.91 -4.60 -9.33
C ALA A 16 7.74 -5.62 -10.15
N GLN A 17 7.53 -6.89 -9.88
CA GLN A 17 8.28 -7.96 -10.62
C GLN A 17 8.25 -7.73 -12.16
N ASN A 18 7.16 -7.16 -12.63
CA ASN A 18 6.95 -6.85 -14.07
C ASN A 18 7.02 -5.30 -14.12
N ASN A 19 8.05 -4.78 -13.49
CA ASN A 19 8.35 -3.30 -13.37
C ASN A 19 7.00 -2.55 -13.27
N TRP A 20 6.27 -3.12 -12.33
CA TRP A 20 4.90 -2.76 -11.90
C TRP A 20 4.05 -2.41 -13.11
N ASP A 21 3.80 -3.45 -13.80
CA ASP A 21 3.00 -3.39 -15.02
C ASP A 21 1.52 -3.26 -14.63
N LEU A 22 1.26 -2.08 -14.14
CA LEU A 22 -0.09 -1.65 -13.68
C LEU A 22 -1.20 -2.05 -14.68
N GLY A 23 -0.77 -2.24 -15.90
CA GLY A 23 -1.69 -2.64 -17.02
C GLY A 23 -1.62 -4.15 -17.32
N ALA A 24 -1.19 -4.92 -16.35
CA ALA A 24 -1.08 -6.40 -16.51
C ALA A 24 -2.49 -6.93 -16.17
N PRO A 25 -3.22 -7.45 -17.15
CA PRO A 25 -4.64 -7.88 -16.97
C PRO A 25 -4.93 -8.44 -15.57
N ALA A 26 -4.08 -9.36 -15.20
CA ALA A 26 -4.11 -10.08 -13.89
C ALA A 26 -4.50 -9.21 -12.69
N VAL A 27 -4.07 -7.98 -12.81
CA VAL A 27 -4.31 -6.94 -11.78
C VAL A 27 -5.15 -5.76 -12.27
N SER A 28 -4.58 -5.21 -13.30
CA SER A 28 -5.11 -4.01 -14.02
C SER A 28 -5.53 -2.98 -12.95
N ALA A 29 -4.62 -2.08 -12.68
CA ALA A 29 -4.85 -1.00 -11.66
C ALA A 29 -5.50 0.32 -12.10
N TYR A 30 -6.34 0.84 -11.24
CA TYR A 30 -7.05 2.12 -11.53
C TYR A 30 -6.31 3.26 -12.24
N CYS A 31 -5.27 3.72 -11.63
CA CYS A 31 -4.49 4.83 -12.22
C CYS A 31 -3.40 4.33 -13.17
N ALA A 32 -3.52 3.10 -13.62
CA ALA A 32 -2.48 2.56 -14.56
C ALA A 32 -2.39 3.53 -15.74
N THR A 33 -3.51 3.74 -16.38
CA THR A 33 -3.64 4.67 -17.56
C THR A 33 -2.94 6.02 -17.35
N TRP A 34 -2.91 6.45 -16.12
CA TRP A 34 -2.27 7.75 -15.75
C TRP A 34 -0.91 7.67 -15.04
N ASP A 35 -0.48 6.50 -14.65
CA ASP A 35 0.85 6.32 -13.97
C ASP A 35 1.84 5.53 -14.83
N ALA A 36 1.34 4.60 -15.61
CA ALA A 36 2.24 3.79 -16.49
C ALA A 36 2.98 4.74 -17.48
N SER A 37 2.48 5.95 -17.51
CA SER A 37 2.97 7.08 -18.36
C SER A 37 4.06 7.90 -17.62
N LYS A 38 4.11 7.76 -16.31
CA LYS A 38 5.12 8.49 -15.48
C LYS A 38 6.44 7.70 -15.43
N PRO A 39 7.52 8.44 -15.36
CA PRO A 39 8.87 7.83 -15.45
C PRO A 39 9.13 6.81 -14.32
N LEU A 40 9.95 5.84 -14.64
CA LEU A 40 10.32 4.76 -13.67
C LEU A 40 10.65 5.19 -12.22
N SER A 41 11.40 6.26 -12.09
CA SER A 41 11.78 6.78 -10.73
C SER A 41 10.54 6.96 -9.82
N TRP A 42 9.80 8.03 -10.04
CA TRP A 42 8.56 8.33 -9.26
C TRP A 42 7.78 7.04 -9.01
N ARG A 43 7.51 6.36 -10.10
CA ARG A 43 6.76 5.07 -10.08
C ARG A 43 7.07 4.27 -8.79
N SER A 44 8.26 3.76 -8.68
CA SER A 44 8.66 2.95 -7.44
C SER A 44 8.98 3.91 -6.24
N LYS A 45 9.71 4.98 -6.49
CA LYS A 45 10.14 6.02 -5.49
C LYS A 45 9.21 6.16 -4.27
N TYR A 46 7.97 6.47 -4.53
CA TYR A 46 6.99 6.62 -3.42
C TYR A 46 6.30 5.34 -3.00
N GLY A 47 6.23 5.17 -1.71
CA GLY A 47 5.59 3.99 -1.01
C GLY A 47 5.08 3.00 -2.00
N TRP A 48 4.11 3.43 -2.78
CA TRP A 48 3.49 2.56 -3.83
C TRP A 48 2.68 1.54 -3.11
N THR A 49 1.42 1.72 -3.26
CA THR A 49 0.53 0.75 -2.61
C THR A 49 -0.88 0.66 -3.17
N ALA A 50 -1.33 -0.53 -3.35
CA ALA A 50 -2.79 -0.59 -3.86
C ALA A 50 -3.49 -0.80 -2.48
N PHE A 51 -4.77 -0.58 -2.26
CA PHE A 51 -5.30 -0.85 -0.86
C PHE A 51 -6.69 -1.54 -0.72
N CYS A 52 -6.86 -2.20 0.40
CA CYS A 52 -8.14 -2.94 0.74
C CYS A 52 -8.61 -2.89 2.24
N GLY A 53 -9.03 -1.76 2.78
CA GLY A 53 -9.47 -1.75 4.24
C GLY A 53 -10.92 -1.30 4.54
N PRO A 54 -11.44 -1.73 5.68
CA PRO A 54 -12.80 -1.33 6.16
C PRO A 54 -13.00 0.20 6.28
N ALA A 55 -12.35 0.79 7.25
CA ALA A 55 -12.47 2.27 7.45
C ALA A 55 -11.50 2.99 6.50
N GLY A 56 -11.71 2.67 5.24
CA GLY A 56 -10.90 3.24 4.09
C GLY A 56 -11.73 3.75 2.89
N PRO A 57 -12.46 4.84 3.02
CA PRO A 57 -13.29 5.33 1.90
C PRO A 57 -12.41 5.81 0.72
N ARG A 58 -12.26 4.99 -0.30
CA ARG A 58 -11.40 5.38 -1.48
C ARG A 58 -11.92 4.81 -2.82
N GLY A 59 -11.22 5.08 -3.91
CA GLY A 59 -11.63 4.57 -5.28
C GLY A 59 -11.34 5.54 -6.43
N GLN A 60 -12.17 6.55 -6.61
CA GLN A 60 -11.95 7.54 -7.72
C GLN A 60 -11.05 8.70 -7.20
N ALA A 61 -11.67 9.57 -6.44
CA ALA A 61 -10.99 10.76 -5.82
C ALA A 61 -9.76 10.44 -4.91
N ALA A 62 -9.31 9.21 -4.95
CA ALA A 62 -8.14 8.77 -4.15
C ALA A 62 -6.91 8.46 -5.05
N CYS A 63 -7.16 8.37 -6.33
CA CYS A 63 -6.10 8.07 -7.38
C CYS A 63 -4.73 8.74 -7.11
N GLY A 64 -4.75 9.89 -6.47
CA GLY A 64 -3.51 10.65 -6.14
C GLY A 64 -3.35 10.82 -4.62
N LYS A 65 -3.66 9.79 -3.90
CA LYS A 65 -3.55 9.81 -2.39
C LYS A 65 -2.56 8.78 -1.82
N CYS A 66 -2.17 9.06 -0.61
CA CYS A 66 -1.23 8.20 0.14
C CYS A 66 -1.87 7.75 1.47
N LEU A 67 -1.32 6.71 1.99
CA LEU A 67 -1.78 6.10 3.27
C LEU A 67 -0.57 6.25 4.21
N ARG A 68 -0.68 6.92 5.31
CA ARG A 68 0.49 7.07 6.23
C ARG A 68 0.37 5.88 7.16
N VAL A 69 1.42 5.10 7.25
CA VAL A 69 1.39 3.90 8.14
C VAL A 69 2.48 3.92 9.20
N THR A 70 2.03 3.60 10.38
CA THR A 70 2.93 3.55 11.58
C THR A 70 2.80 2.27 12.39
N ASN A 71 3.94 1.92 12.92
CA ASN A 71 4.11 0.71 13.77
C ASN A 71 4.42 1.13 15.25
N PRO A 72 3.42 1.30 16.09
CA PRO A 72 3.60 1.78 17.50
C PRO A 72 4.38 0.80 18.39
N ALA A 73 4.67 -0.34 17.85
CA ALA A 73 5.43 -1.37 18.63
C ALA A 73 6.93 -1.00 18.55
N THR A 74 7.25 -0.30 17.49
CA THR A 74 8.67 0.15 17.25
C THR A 74 8.84 1.68 17.22
N GLY A 75 7.94 2.32 16.52
CA GLY A 75 7.94 3.80 16.36
C GLY A 75 8.23 4.13 14.89
N ALA A 76 8.50 3.10 14.13
CA ALA A 76 8.81 3.26 12.68
C ALA A 76 7.52 3.52 11.87
N GLN A 77 7.70 4.27 10.81
CA GLN A 77 6.56 4.61 9.91
C GLN A 77 7.02 4.86 8.46
N ILE A 78 6.07 4.69 7.57
CA ILE A 78 6.29 4.89 6.09
C ILE A 78 5.08 5.60 5.39
N THR A 79 5.24 6.16 4.20
CA THR A 79 4.09 6.84 3.48
C THR A 79 3.81 5.88 2.31
N ALA A 80 2.67 5.22 2.29
CA ALA A 80 2.35 4.25 1.18
C ALA A 80 1.55 5.00 0.09
N ARG A 81 1.70 4.64 -1.16
CA ARG A 81 0.94 5.38 -2.22
C ARG A 81 -0.36 4.69 -2.66
N ILE A 82 -1.48 5.22 -2.23
CA ILE A 82 -2.85 4.69 -2.56
C ILE A 82 -3.02 4.92 -4.06
N VAL A 83 -2.39 4.07 -4.81
CA VAL A 83 -2.44 4.15 -6.31
C VAL A 83 -3.57 3.29 -6.87
N ASP A 84 -3.71 2.14 -6.27
CA ASP A 84 -4.79 1.21 -6.75
C ASP A 84 -5.66 0.56 -5.64
N GLN A 85 -6.61 -0.23 -6.05
CA GLN A 85 -7.54 -0.97 -5.16
C GLN A 85 -7.41 -2.47 -5.52
N CYS A 86 -7.49 -3.23 -4.47
CA CYS A 86 -7.39 -4.72 -4.59
C CYS A 86 -8.77 -5.43 -4.63
N ALA A 87 -8.68 -6.71 -4.87
CA ALA A 87 -9.91 -7.59 -4.94
C ALA A 87 -9.94 -8.53 -3.74
N ASN A 88 -8.96 -9.39 -3.67
CA ASN A 88 -8.88 -10.37 -2.54
C ASN A 88 -7.45 -10.40 -1.97
N GLY A 89 -7.01 -9.26 -1.53
CA GLY A 89 -5.64 -9.14 -0.93
C GLY A 89 -5.80 -9.06 0.58
N GLY A 90 -4.77 -8.67 1.26
CA GLY A 90 -4.88 -8.59 2.76
C GLY A 90 -4.43 -7.26 3.32
N LEU A 91 -4.26 -6.31 2.42
CA LEU A 91 -3.82 -4.90 2.76
C LEU A 91 -3.46 -3.94 1.64
N ASP A 92 -2.60 -4.47 0.87
CA ASP A 92 -2.01 -3.73 -0.33
C ASP A 92 -1.22 -4.38 -1.50
N LEU A 93 -0.60 -3.56 -2.31
CA LEU A 93 0.24 -4.03 -3.47
C LEU A 93 1.54 -3.38 -2.99
N ASP A 94 2.11 -4.11 -2.05
CA ASP A 94 3.37 -3.88 -1.30
C ASP A 94 4.65 -4.47 -1.90
N TRP A 95 4.95 -5.56 -1.22
CA TRP A 95 6.09 -6.53 -1.34
C TRP A 95 7.35 -5.88 -0.79
N ASP A 96 7.52 -4.62 -1.07
CA ASP A 96 8.73 -3.89 -0.54
C ASP A 96 8.41 -2.52 0.07
N THR A 97 7.17 -2.19 0.10
CA THR A 97 6.69 -0.89 0.66
C THR A 97 6.33 -0.84 2.18
N VAL A 98 5.19 -1.31 2.61
CA VAL A 98 4.87 -1.24 4.08
C VAL A 98 5.31 -2.46 4.91
N PHE A 99 4.67 -3.58 4.65
CA PHE A 99 5.01 -4.81 5.44
C PHE A 99 6.52 -5.04 5.45
N THR A 100 7.08 -5.30 4.32
CA THR A 100 8.56 -5.55 4.18
C THR A 100 9.50 -4.55 4.80
N LYS A 101 8.98 -3.47 5.30
CA LYS A 101 9.85 -2.45 5.93
C LYS A 101 9.45 -2.13 7.39
N ILE A 102 8.18 -2.18 7.71
CA ILE A 102 7.74 -1.88 9.11
C ILE A 102 7.73 -3.20 9.94
N ASP A 103 8.04 -4.34 9.34
CA ASP A 103 8.05 -5.65 10.06
C ASP A 103 9.47 -6.00 10.61
N THR A 104 10.12 -4.97 11.07
CA THR A 104 11.51 -5.00 11.68
C THR A 104 11.70 -6.17 12.66
N ASN A 105 10.57 -6.55 13.18
CA ASN A 105 10.50 -7.67 14.17
C ASN A 105 10.53 -9.04 13.46
N GLY A 106 9.99 -9.17 12.28
CA GLY A 106 10.02 -10.50 11.57
C GLY A 106 8.79 -11.36 11.83
N ILE A 107 8.45 -11.45 13.09
CA ILE A 107 7.26 -12.26 13.53
C ILE A 107 6.14 -12.30 12.46
N GLY A 108 5.72 -11.14 12.03
CA GLY A 108 4.63 -11.00 11.00
C GLY A 108 4.90 -11.91 9.79
N TYR A 109 6.05 -11.68 9.19
CA TYR A 109 6.46 -12.49 8.00
C TYR A 109 6.22 -13.98 8.31
N GLN A 110 6.62 -14.36 9.50
CA GLN A 110 6.44 -15.78 9.97
C GLN A 110 4.96 -16.14 10.31
N GLN A 111 4.06 -15.56 9.56
CA GLN A 111 2.57 -15.75 9.71
C GLN A 111 1.97 -15.31 11.07
N GLY A 112 1.18 -14.26 11.05
CA GLY A 112 0.58 -13.77 12.33
C GLY A 112 0.23 -12.28 12.35
N HIS A 113 -0.90 -11.99 11.75
CA HIS A 113 -1.44 -10.56 11.66
C HIS A 113 -1.04 -9.69 12.91
N LEU A 114 -0.68 -8.47 12.67
CA LEU A 114 -0.26 -7.58 13.81
C LEU A 114 -1.18 -6.38 14.02
N ASN A 115 -0.90 -5.53 14.97
CA ASN A 115 -1.78 -4.35 15.19
C ASN A 115 -0.99 -3.10 14.74
N VAL A 116 -1.54 -2.38 13.78
CA VAL A 116 -0.86 -1.15 13.25
C VAL A 116 -1.80 0.07 13.25
N ASN A 117 -1.25 1.18 12.85
CA ASN A 117 -2.06 2.43 12.77
C ASN A 117 -1.94 3.01 11.34
N TYR A 118 -3.07 3.37 10.77
CA TYR A 118 -3.01 3.92 9.40
C TYR A 118 -3.95 5.14 9.25
N GLN A 119 -3.41 6.14 8.64
CA GLN A 119 -4.16 7.42 8.41
C GLN A 119 -4.13 7.84 6.92
N PHE A 120 -5.26 8.16 6.33
CA PHE A 120 -5.25 8.58 4.89
C PHE A 120 -4.57 9.97 4.86
N VAL A 121 -3.54 10.00 4.09
CA VAL A 121 -2.71 11.24 3.91
C VAL A 121 -2.53 11.59 2.43
N ASP A 122 -2.61 12.84 2.10
CA ASP A 122 -2.43 13.23 0.69
C ASP A 122 -0.93 13.51 0.42
N CYS A 123 -0.42 12.99 -0.67
CA CYS A 123 1.03 13.25 -0.97
C CYS A 123 1.10 14.52 -1.80
N ARG A 124 0.22 14.53 -2.76
CA ARG A 124 0.04 15.64 -3.77
C ARG A 124 1.38 16.29 -4.17
N ASP A 125 2.04 15.42 -4.88
CA ASP A 125 3.38 15.64 -5.48
C ASP A 125 3.21 16.67 -6.64
N GLU A 1 -11.16 6.14 5.30
CA GLU A 1 -9.97 7.05 5.27
C GLU A 1 -9.21 7.19 6.62
N GLN A 2 -9.89 7.05 7.72
CA GLN A 2 -9.22 7.17 9.06
C GLN A 2 -9.56 5.99 10.01
N ALA A 3 -8.70 5.00 10.11
CA ALA A 3 -8.99 3.85 11.02
C ALA A 3 -7.75 3.43 11.86
N ASN A 4 -8.05 2.79 12.95
CA ASN A 4 -7.00 2.30 13.90
C ASN A 4 -7.23 0.84 14.33
N ASP A 5 -6.33 0.41 15.16
CA ASP A 5 -6.31 -0.98 15.73
C ASP A 5 -6.83 -2.06 14.76
N VAL A 6 -6.17 -2.14 13.64
CA VAL A 6 -6.62 -3.17 12.66
C VAL A 6 -5.60 -4.30 12.53
N ARG A 7 -6.13 -5.49 12.45
CA ARG A 7 -5.26 -6.71 12.31
C ARG A 7 -4.99 -6.78 10.81
N ALA A 8 -3.77 -6.59 10.43
CA ALA A 8 -3.43 -6.63 8.99
C ALA A 8 -2.52 -7.82 8.68
N THR A 9 -2.79 -8.45 7.58
CA THR A 9 -1.96 -9.62 7.19
C THR A 9 -1.09 -9.00 6.08
N TYR A 10 -0.80 -9.67 5.02
CA TYR A 10 0.05 -9.06 3.94
C TYR A 10 -0.21 -9.62 2.53
N HIS A 11 -1.28 -9.16 1.95
CA HIS A 11 -1.63 -9.62 0.58
C HIS A 11 -1.08 -8.49 -0.31
N TYR A 12 0.16 -8.77 -0.62
CA TYR A 12 0.97 -7.87 -1.48
C TYR A 12 1.07 -8.37 -2.93
N TYR A 13 1.15 -7.40 -3.80
CA TYR A 13 1.26 -7.69 -5.25
C TYR A 13 2.77 -7.48 -5.26
N ARG A 14 3.25 -8.54 -5.91
CA ARG A 14 4.58 -9.13 -6.35
C ARG A 14 5.96 -8.44 -6.30
N PRO A 15 6.19 -7.34 -6.96
CA PRO A 15 5.32 -6.71 -7.99
C PRO A 15 5.89 -6.92 -9.45
N ALA A 16 6.96 -6.21 -9.61
CA ALA A 16 7.85 -6.06 -10.81
C ALA A 16 7.83 -7.22 -11.84
N GLN A 17 7.41 -8.41 -11.45
CA GLN A 17 7.32 -9.64 -12.34
C GLN A 17 6.80 -9.08 -13.70
N ASN A 18 5.69 -8.39 -13.64
CA ASN A 18 5.11 -7.77 -14.89
C ASN A 18 5.14 -6.26 -14.58
N ASN A 19 6.31 -5.75 -14.27
CA ASN A 19 6.50 -4.29 -13.93
C ASN A 19 5.30 -3.89 -13.02
N TRP A 20 5.14 -4.69 -11.98
CA TRP A 20 4.05 -4.53 -10.97
C TRP A 20 2.80 -4.39 -11.88
N ASP A 21 2.41 -5.38 -12.63
CA ASP A 21 1.25 -5.42 -13.61
C ASP A 21 0.23 -4.18 -13.54
N LEU A 22 0.82 -3.01 -13.55
CA LEU A 22 0.21 -1.64 -13.50
C LEU A 22 -1.08 -1.57 -14.28
N GLY A 23 -0.86 -1.43 -15.54
CA GLY A 23 -1.96 -1.33 -16.53
C GLY A 23 -1.92 -2.58 -17.37
N ALA A 24 -1.82 -3.76 -16.77
CA ALA A 24 -1.80 -4.99 -17.64
C ALA A 24 -3.30 -5.31 -17.97
N PRO A 25 -3.60 -5.63 -19.22
CA PRO A 25 -4.99 -5.91 -19.70
C PRO A 25 -5.88 -6.71 -18.70
N ALA A 26 -5.25 -7.61 -17.99
CA ALA A 26 -5.96 -8.49 -16.99
C ALA A 26 -6.20 -7.90 -15.57
N VAL A 27 -5.62 -6.77 -15.30
CA VAL A 27 -5.78 -6.12 -13.96
C VAL A 27 -6.11 -4.62 -14.00
N SER A 28 -5.24 -4.00 -14.72
CA SER A 28 -5.19 -2.54 -14.99
C SER A 28 -5.75 -1.73 -13.80
N ALA A 29 -4.91 -1.51 -12.83
CA ALA A 29 -5.31 -0.75 -11.59
C ALA A 29 -5.79 0.70 -11.85
N TYR A 30 -6.68 1.15 -10.98
CA TYR A 30 -7.24 2.54 -11.08
C TYR A 30 -6.25 3.59 -11.60
N CYS A 31 -5.33 3.91 -10.73
CA CYS A 31 -4.31 4.91 -11.10
C CYS A 31 -3.33 4.40 -12.16
N ALA A 32 -3.19 3.11 -12.41
CA ALA A 32 -2.21 2.67 -13.47
C ALA A 32 -2.45 3.46 -14.77
N THR A 33 -3.70 3.45 -15.17
CA THR A 33 -4.21 4.15 -16.42
C THR A 33 -3.53 5.49 -16.73
N TRP A 34 -3.22 6.17 -15.66
CA TRP A 34 -2.57 7.52 -15.69
C TRP A 34 -1.13 7.58 -15.08
N ASP A 35 -0.85 6.85 -14.03
CA ASP A 35 0.50 6.85 -13.39
C ASP A 35 1.48 5.86 -14.10
N ALA A 36 0.98 4.78 -14.65
CA ALA A 36 1.83 3.75 -15.38
C ALA A 36 2.82 4.44 -16.36
N SER A 37 2.43 5.61 -16.78
CA SER A 37 3.22 6.46 -17.74
C SER A 37 4.43 7.21 -17.11
N LYS A 38 4.54 7.23 -15.81
CA LYS A 38 5.70 7.94 -15.16
C LYS A 38 6.90 6.99 -14.96
N PRO A 39 8.10 7.51 -15.09
CA PRO A 39 9.33 6.68 -14.91
C PRO A 39 9.36 5.76 -13.65
N LEU A 40 10.14 4.71 -13.77
CA LEU A 40 10.28 3.74 -12.65
C LEU A 40 10.83 4.41 -11.39
N SER A 41 11.66 5.40 -11.60
CA SER A 41 12.28 6.16 -10.48
C SER A 41 11.15 6.65 -9.51
N TRP A 42 10.34 7.59 -9.95
CA TRP A 42 9.23 8.08 -9.06
C TRP A 42 8.37 6.92 -8.54
N ARG A 43 7.90 6.11 -9.47
CA ARG A 43 7.06 4.92 -9.14
C ARG A 43 7.60 4.14 -7.93
N SER A 44 8.80 3.67 -8.01
CA SER A 44 9.40 2.90 -6.86
C SER A 44 9.74 3.87 -5.71
N LYS A 45 10.19 5.07 -6.01
CA LYS A 45 10.54 6.10 -4.96
C LYS A 45 9.42 6.18 -3.90
N TYR A 46 8.22 6.30 -4.40
CA TYR A 46 7.02 6.35 -3.50
C TYR A 46 6.33 4.98 -3.53
N GLY A 47 5.12 4.95 -3.08
CA GLY A 47 4.37 3.64 -3.10
C GLY A 47 3.69 3.56 -4.47
N TRP A 48 2.40 3.26 -4.40
CA TRP A 48 1.43 3.10 -5.55
C TRP A 48 0.76 1.80 -5.11
N THR A 49 0.41 1.71 -3.89
CA THR A 49 -0.17 0.41 -3.48
C THR A 49 -1.58 0.13 -3.80
N ALA A 50 -1.79 -1.10 -4.28
CA ALA A 50 -3.28 -1.32 -4.52
C ALA A 50 -3.53 -1.61 -3.01
N PHE A 51 -4.43 -0.92 -2.39
CA PHE A 51 -4.74 -1.13 -0.94
C PHE A 51 -5.84 -2.23 -0.77
N CYS A 52 -5.58 -3.21 0.04
CA CYS A 52 -6.59 -4.34 0.25
C CYS A 52 -7.28 -4.54 1.63
N GLY A 53 -7.63 -3.44 2.24
CA GLY A 53 -8.29 -3.47 3.59
C GLY A 53 -9.66 -2.77 3.61
N PRO A 54 -10.49 -3.13 4.56
CA PRO A 54 -11.93 -2.74 4.58
C PRO A 54 -12.22 -1.23 4.47
N ALA A 55 -11.82 -0.51 5.49
CA ALA A 55 -12.04 0.98 5.53
C ALA A 55 -10.79 1.71 4.99
N GLY A 56 -11.01 2.75 4.23
CA GLY A 56 -9.86 3.52 3.66
C GLY A 56 -10.17 4.01 2.24
N PRO A 57 -10.22 3.14 1.27
CA PRO A 57 -10.34 3.55 -0.17
C PRO A 57 -11.40 4.66 -0.46
N ARG A 58 -10.91 5.86 -0.58
CA ARG A 58 -11.81 7.03 -0.86
C ARG A 58 -12.06 7.16 -2.38
N GLY A 59 -12.65 6.10 -2.92
CA GLY A 59 -13.00 5.99 -4.38
C GLY A 59 -12.14 6.84 -5.33
N GLN A 60 -12.74 7.43 -6.34
CA GLN A 60 -11.95 8.29 -7.31
C GLN A 60 -10.97 9.21 -6.51
N ALA A 61 -11.56 9.93 -5.60
CA ALA A 61 -10.83 10.89 -4.71
C ALA A 61 -9.54 10.32 -4.05
N ALA A 62 -9.50 9.03 -3.90
CA ALA A 62 -8.36 8.28 -3.30
C ALA A 62 -7.24 8.02 -4.35
N CYS A 63 -7.63 7.83 -5.59
CA CYS A 63 -6.62 7.57 -6.66
C CYS A 63 -5.96 8.90 -7.05
N GLY A 64 -5.11 9.30 -6.13
CA GLY A 64 -4.32 10.59 -6.25
C GLY A 64 -3.89 11.10 -4.87
N LYS A 65 -4.02 10.23 -3.89
CA LYS A 65 -3.65 10.52 -2.47
C LYS A 65 -2.67 9.44 -1.97
N CYS A 66 -2.15 9.67 -0.80
CA CYS A 66 -1.18 8.73 -0.19
C CYS A 66 -1.65 8.39 1.23
N LEU A 67 -1.15 7.32 1.75
CA LEU A 67 -1.56 6.92 3.13
C LEU A 67 -0.35 6.81 4.05
N ARG A 68 -0.52 7.20 5.28
CA ARG A 68 0.63 7.09 6.21
C ARG A 68 0.25 5.91 7.11
N VAL A 69 1.13 4.95 7.17
CA VAL A 69 0.91 3.71 8.01
C VAL A 69 1.89 3.72 9.18
N THR A 70 1.37 3.46 10.35
CA THR A 70 2.20 3.42 11.60
C THR A 70 2.02 2.12 12.38
N ASN A 71 3.12 1.72 12.95
CA ASN A 71 3.24 0.47 13.77
C ASN A 71 3.45 0.79 15.28
N PRO A 72 2.40 0.74 16.08
CA PRO A 72 2.44 1.30 17.47
C PRO A 72 3.62 0.72 18.26
N ALA A 73 3.61 -0.58 18.41
CA ALA A 73 4.66 -1.36 19.14
C ALA A 73 6.08 -0.74 19.11
N THR A 74 6.49 -0.44 17.91
CA THR A 74 7.85 0.16 17.66
C THR A 74 7.82 1.66 17.44
N GLY A 75 6.86 2.07 16.67
CA GLY A 75 6.65 3.51 16.33
C GLY A 75 7.10 3.74 14.89
N ALA A 76 7.40 2.70 14.16
CA ALA A 76 7.82 2.93 12.75
C ALA A 76 6.61 3.32 11.87
N GLN A 77 6.89 4.20 10.95
CA GLN A 77 5.83 4.70 9.99
C GLN A 77 6.32 5.00 8.56
N ILE A 78 5.48 4.70 7.62
CA ILE A 78 5.78 4.93 6.16
C ILE A 78 4.66 5.71 5.43
N THR A 79 5.02 6.39 4.37
CA THR A 79 4.04 7.19 3.56
C THR A 79 4.00 6.39 2.23
N ALA A 80 2.88 5.78 1.98
CA ALA A 80 2.68 4.94 0.75
C ALA A 80 1.78 5.70 -0.24
N ARG A 81 1.74 5.29 -1.48
CA ARG A 81 0.88 6.02 -2.47
C ARG A 81 -0.38 5.17 -2.68
N ILE A 82 -1.56 5.73 -2.80
CA ILE A 82 -2.78 4.86 -3.01
C ILE A 82 -2.98 4.67 -4.53
N VAL A 83 -3.02 3.47 -5.04
CA VAL A 83 -3.21 3.28 -6.54
C VAL A 83 -4.51 2.57 -6.89
N ASP A 84 -4.86 1.61 -6.08
CA ASP A 84 -6.13 0.86 -6.37
C ASP A 84 -6.93 0.46 -5.09
N GLN A 85 -8.11 -0.04 -5.32
CA GLN A 85 -9.02 -0.48 -4.21
C GLN A 85 -9.34 -2.00 -4.21
N CYS A 86 -8.90 -2.73 -3.22
CA CYS A 86 -9.19 -4.20 -3.15
C CYS A 86 -9.49 -4.64 -1.70
N ALA A 87 -9.74 -5.91 -1.45
CA ALA A 87 -10.03 -6.34 -0.03
C ALA A 87 -9.72 -7.83 0.38
N ASN A 88 -8.47 -8.20 0.46
CA ASN A 88 -8.15 -9.63 0.86
C ASN A 88 -7.21 -9.78 2.09
N GLY A 89 -7.07 -8.72 2.83
CA GLY A 89 -6.20 -8.72 4.06
C GLY A 89 -4.85 -8.14 3.64
N GLY A 90 -4.09 -7.60 4.55
CA GLY A 90 -2.74 -7.02 4.16
C GLY A 90 -2.83 -6.23 2.86
N LEU A 91 -3.45 -5.12 3.09
CA LEU A 91 -3.73 -4.08 2.08
C LEU A 91 -2.69 -3.44 1.15
N ASP A 92 -1.99 -4.13 0.28
CA ASP A 92 -0.99 -3.35 -0.58
C ASP A 92 -0.54 -3.96 -2.00
N LEU A 93 -0.32 -3.22 -3.08
CA LEU A 93 0.09 -3.98 -4.35
C LEU A 93 1.51 -3.53 -4.63
N ASP A 94 2.34 -3.76 -3.61
CA ASP A 94 3.81 -3.54 -3.36
C ASP A 94 4.80 -4.58 -3.69
N TRP A 95 4.92 -5.21 -2.53
CA TRP A 95 5.77 -6.36 -2.12
C TRP A 95 6.72 -6.03 -0.96
N ASP A 96 7.39 -4.96 -1.22
CA ASP A 96 8.43 -4.43 -0.28
C ASP A 96 8.38 -3.01 0.27
N THR A 97 7.37 -2.30 -0.10
CA THR A 97 7.25 -0.88 0.38
C THR A 97 6.52 -0.65 1.70
N VAL A 98 5.49 -1.43 1.90
CA VAL A 98 4.64 -1.35 3.11
C VAL A 98 5.02 -2.22 4.31
N PHE A 99 4.65 -3.46 4.21
CA PHE A 99 4.93 -4.42 5.35
C PHE A 99 6.40 -4.61 5.74
N THR A 100 7.13 -5.51 5.10
CA THR A 100 8.60 -5.79 5.42
C THR A 100 9.41 -4.53 5.86
N LYS A 101 8.90 -3.37 5.54
CA LYS A 101 9.53 -2.06 5.86
C LYS A 101 9.21 -1.61 7.30
N ILE A 102 7.96 -1.70 7.64
CA ILE A 102 7.52 -1.29 9.01
C ILE A 102 7.78 -2.42 10.02
N ASP A 103 8.22 -3.55 9.51
CA ASP A 103 8.52 -4.75 10.37
C ASP A 103 9.96 -4.62 10.96
N THR A 104 10.08 -3.72 11.88
CA THR A 104 11.41 -3.48 12.54
C THR A 104 11.77 -4.54 13.58
N ASN A 105 10.78 -5.14 14.17
CA ASN A 105 11.02 -6.21 15.22
C ASN A 105 11.16 -7.65 14.68
N GLY A 106 10.31 -8.05 13.77
CA GLY A 106 10.40 -9.44 13.20
C GLY A 106 9.23 -10.35 13.54
N ILE A 107 8.81 -10.38 14.78
CA ILE A 107 7.66 -11.25 15.21
C ILE A 107 6.52 -11.33 14.15
N GLY A 108 6.02 -10.21 13.67
CA GLY A 108 4.92 -10.22 12.63
C GLY A 108 5.24 -11.25 11.54
N TYR A 109 6.40 -11.10 10.95
CA TYR A 109 6.82 -12.06 9.87
C TYR A 109 6.84 -13.47 10.47
N GLN A 110 7.40 -13.58 11.65
CA GLN A 110 7.46 -14.93 12.31
C GLN A 110 6.13 -15.25 13.06
N GLN A 111 5.06 -14.62 12.62
CA GLN A 111 3.71 -14.84 13.22
C GLN A 111 2.64 -15.06 12.14
N GLY A 112 2.64 -14.19 11.16
CA GLY A 112 1.68 -14.24 10.02
C GLY A 112 1.01 -12.87 9.83
N HIS A 113 0.61 -12.28 10.92
CA HIS A 113 -0.05 -10.92 10.88
C HIS A 113 0.31 -9.97 12.06
N LEU A 114 0.01 -8.71 11.89
CA LEU A 114 0.30 -7.66 12.94
C LEU A 114 -0.88 -6.67 13.15
N ASN A 115 -0.79 -5.77 14.09
CA ASN A 115 -1.90 -4.80 14.33
C ASN A 115 -1.26 -3.44 14.00
N VAL A 116 -1.91 -2.77 13.08
CA VAL A 116 -1.41 -1.43 12.63
C VAL A 116 -2.51 -0.33 12.69
N ASN A 117 -2.06 0.89 12.46
CA ASN A 117 -2.94 2.10 12.44
C ASN A 117 -2.70 2.86 11.13
N TYR A 118 -3.69 3.43 10.51
CA TYR A 118 -3.40 4.17 9.24
C TYR A 118 -4.32 5.37 9.09
N GLN A 119 -3.76 6.45 8.61
CA GLN A 119 -4.58 7.69 8.44
C GLN A 119 -4.31 8.33 7.06
N PHE A 120 -5.34 8.62 6.30
CA PHE A 120 -5.10 9.23 4.96
C PHE A 120 -4.20 10.49 5.02
N VAL A 121 -3.34 10.58 4.03
CA VAL A 121 -2.38 11.71 3.93
C VAL A 121 -2.19 12.23 2.46
N ASP A 122 -1.53 13.35 2.38
CA ASP A 122 -1.27 13.95 1.03
C ASP A 122 0.09 13.39 0.55
N CYS A 123 0.32 13.46 -0.72
CA CYS A 123 1.62 12.94 -1.23
C CYS A 123 2.68 14.02 -1.23
N ARG A 124 2.20 15.23 -1.36
CA ARG A 124 3.06 16.46 -1.41
C ARG A 124 4.47 16.24 -2.04
N ASP A 125 4.51 15.58 -3.19
CA ASP A 125 5.82 15.34 -3.89
C ASP A 125 6.03 16.58 -4.80
N GLU A 1 -11.02 6.83 6.28
CA GLU A 1 -9.91 7.83 6.36
C GLU A 1 -8.99 7.67 7.60
N GLN A 2 -9.51 7.49 8.80
CA GLN A 2 -8.58 7.34 9.98
C GLN A 2 -8.92 6.15 10.92
N ALA A 3 -8.04 5.18 11.00
CA ALA A 3 -8.30 4.01 11.91
C ALA A 3 -7.07 3.82 12.82
N ASN A 4 -7.24 3.42 14.06
CA ASN A 4 -6.07 3.22 14.98
C ASN A 4 -6.17 1.82 15.63
N ASP A 5 -5.12 1.43 16.32
CA ASP A 5 -5.03 0.09 17.02
C ASP A 5 -5.86 -0.98 16.25
N VAL A 6 -5.48 -1.13 15.01
CA VAL A 6 -6.18 -2.10 14.10
C VAL A 6 -5.42 -3.44 13.93
N ARG A 7 -6.16 -4.50 14.08
CA ARG A 7 -5.56 -5.86 13.94
C ARG A 7 -5.51 -6.07 12.42
N ALA A 8 -4.47 -5.54 11.84
CA ALA A 8 -4.25 -5.63 10.38
C ALA A 8 -3.64 -6.96 9.92
N THR A 9 -4.20 -7.46 8.85
CA THR A 9 -3.72 -8.76 8.27
C THR A 9 -2.74 -8.28 7.19
N TYR A 10 -1.97 -9.16 6.57
CA TYR A 10 -1.03 -8.61 5.54
C TYR A 10 -0.84 -9.34 4.17
N HIS A 11 -1.46 -8.80 3.16
CA HIS A 11 -1.28 -9.44 1.81
C HIS A 11 -0.95 -8.24 0.90
N TYR A 12 0.16 -8.50 0.29
CA TYR A 12 0.81 -7.59 -0.67
C TYR A 12 0.88 -8.12 -2.09
N TYR A 13 0.63 -7.22 -2.99
CA TYR A 13 0.68 -7.59 -4.44
C TYR A 13 2.04 -6.90 -4.82
N ARG A 14 2.78 -7.66 -5.63
CA ARG A 14 4.16 -7.42 -6.23
C ARG A 14 4.36 -6.64 -7.56
N PRO A 15 4.34 -5.32 -7.50
CA PRO A 15 4.41 -4.45 -8.71
C PRO A 15 5.70 -4.81 -9.47
N ALA A 16 6.73 -4.97 -8.68
CA ALA A 16 8.09 -5.33 -9.19
C ALA A 16 7.98 -6.33 -10.35
N GLN A 17 7.03 -7.22 -10.22
CA GLN A 17 6.74 -8.28 -11.24
C GLN A 17 7.23 -7.97 -12.66
N ASN A 18 6.67 -6.92 -13.19
CA ASN A 18 7.00 -6.46 -14.57
C ASN A 18 7.25 -4.93 -14.64
N ASN A 19 8.36 -4.49 -14.11
CA ASN A 19 8.73 -3.01 -14.11
C ASN A 19 7.45 -2.13 -13.95
N TRP A 20 6.74 -2.48 -12.90
CA TRP A 20 5.44 -1.83 -12.45
C TRP A 20 4.57 -1.37 -13.64
N ASP A 21 4.58 -2.12 -14.72
CA ASP A 21 3.77 -1.77 -15.91
C ASP A 21 2.44 -2.49 -15.64
N LEU A 22 1.93 -2.35 -14.46
CA LEU A 22 0.65 -3.03 -14.13
C LEU A 22 -0.49 -2.86 -15.15
N GLY A 23 -0.29 -2.02 -16.15
CA GLY A 23 -1.35 -1.81 -17.22
C GLY A 23 -1.56 -3.20 -17.87
N ALA A 24 -0.48 -3.95 -17.83
CA ALA A 24 -0.40 -5.34 -18.36
C ALA A 24 -1.68 -6.19 -17.98
N PRO A 25 -2.47 -6.61 -18.96
CA PRO A 25 -3.82 -7.23 -18.73
C PRO A 25 -3.94 -8.02 -17.41
N ALA A 26 -3.08 -9.01 -17.34
CA ALA A 26 -2.91 -9.99 -16.21
C ALA A 26 -3.04 -9.41 -14.78
N VAL A 27 -2.77 -8.14 -14.74
CA VAL A 27 -2.81 -7.35 -13.48
C VAL A 27 -3.97 -6.35 -13.39
N SER A 28 -3.90 -5.55 -14.42
CA SER A 28 -4.84 -4.43 -14.71
C SER A 28 -5.51 -3.71 -13.51
N ALA A 29 -4.75 -2.86 -12.84
CA ALA A 29 -5.25 -2.08 -11.65
C ALA A 29 -5.92 -0.72 -11.99
N TYR A 30 -6.70 -0.15 -11.09
CA TYR A 30 -7.41 1.17 -11.34
C TYR A 30 -6.89 2.29 -12.24
N CYS A 31 -5.72 2.76 -11.94
CA CYS A 31 -5.11 3.87 -12.74
C CYS A 31 -4.02 3.38 -13.69
N ALA A 32 -3.72 2.10 -13.63
CA ALA A 32 -2.66 1.46 -14.50
C ALA A 32 -2.69 2.17 -15.89
N THR A 33 -3.80 2.07 -16.58
CA THR A 33 -4.00 2.71 -17.94
C THR A 33 -3.37 4.13 -18.06
N TRP A 34 -3.50 4.82 -16.96
CA TRP A 34 -3.01 6.23 -16.78
C TRP A 34 -1.77 6.43 -15.87
N ASP A 35 -1.35 5.40 -15.16
CA ASP A 35 -0.16 5.42 -14.24
C ASP A 35 1.02 4.61 -14.77
N ALA A 36 0.71 3.48 -15.33
CA ALA A 36 1.77 2.58 -15.91
C ALA A 36 2.61 3.42 -16.89
N SER A 37 1.98 4.47 -17.40
CA SER A 37 2.66 5.38 -18.37
C SER A 37 3.43 6.52 -17.67
N LYS A 38 3.18 6.74 -16.40
CA LYS A 38 3.94 7.84 -15.70
C LYS A 38 5.46 7.49 -15.62
N PRO A 39 6.28 8.51 -15.55
CA PRO A 39 7.77 8.35 -15.52
C PRO A 39 8.19 7.48 -14.32
N LEU A 40 8.84 6.37 -14.57
CA LEU A 40 9.32 5.41 -13.52
C LEU A 40 9.44 6.00 -12.11
N SER A 41 10.20 7.06 -12.04
CA SER A 41 10.48 7.80 -10.77
C SER A 41 9.23 8.01 -9.87
N TRP A 42 8.19 8.53 -10.46
CA TRP A 42 6.96 8.76 -9.64
C TRP A 42 6.30 7.41 -9.30
N ARG A 43 6.26 6.52 -10.26
CA ARG A 43 5.64 5.16 -10.04
C ARG A 43 6.24 4.45 -8.80
N SER A 44 7.54 4.24 -8.83
CA SER A 44 8.33 3.58 -7.72
C SER A 44 8.20 4.39 -6.37
N LYS A 45 8.04 5.68 -6.53
CA LYS A 45 7.89 6.72 -5.42
C LYS A 45 6.53 6.74 -4.66
N TYR A 46 5.50 7.35 -5.19
CA TYR A 46 4.16 7.38 -4.48
C TYR A 46 2.97 7.15 -5.45
N GLY A 47 1.76 7.12 -4.93
CA GLY A 47 0.57 6.87 -5.83
C GLY A 47 0.76 5.41 -6.28
N TRP A 48 0.95 4.55 -5.33
CA TRP A 48 1.19 3.12 -5.67
C TRP A 48 1.08 2.07 -4.64
N THR A 49 -0.11 1.72 -4.42
CA THR A 49 -0.28 0.66 -3.46
C THR A 49 -1.62 0.12 -3.74
N ALA A 50 -1.65 -1.15 -4.12
CA ALA A 50 -3.14 -1.54 -4.32
C ALA A 50 -3.48 -1.80 -2.86
N PHE A 51 -4.38 -1.01 -2.33
CA PHE A 51 -4.81 -1.12 -0.88
C PHE A 51 -6.06 -2.02 -0.57
N CYS A 52 -5.95 -2.88 0.43
CA CYS A 52 -7.13 -3.78 0.78
C CYS A 52 -7.30 -4.13 2.31
N GLY A 53 -7.71 -3.14 3.06
CA GLY A 53 -7.92 -3.30 4.55
C GLY A 53 -9.32 -2.89 5.06
N PRO A 54 -9.60 -3.20 6.32
CA PRO A 54 -10.98 -3.19 6.88
C PRO A 54 -11.70 -1.83 6.74
N ALA A 55 -11.04 -0.74 7.06
CA ALA A 55 -11.66 0.61 6.94
C ALA A 55 -10.79 1.55 6.06
N GLY A 56 -10.99 1.47 4.77
CA GLY A 56 -10.21 2.33 3.81
C GLY A 56 -10.81 2.52 2.40
N PRO A 57 -12.02 3.00 2.26
CA PRO A 57 -12.62 3.24 0.89
C PRO A 57 -11.97 4.50 0.23
N ARG A 58 -11.04 4.27 -0.65
CA ARG A 58 -10.35 5.38 -1.34
C ARG A 58 -9.91 5.01 -2.78
N GLY A 59 -10.78 5.04 -3.75
CA GLY A 59 -10.35 4.67 -5.15
C GLY A 59 -10.32 5.92 -6.02
N GLN A 60 -11.45 6.23 -6.60
CA GLN A 60 -11.63 7.43 -7.49
C GLN A 60 -10.63 8.57 -7.19
N ALA A 61 -10.90 9.22 -6.10
CA ALA A 61 -10.07 10.37 -5.59
C ALA A 61 -8.89 9.97 -4.66
N ALA A 62 -8.28 8.87 -5.00
CA ALA A 62 -7.12 8.33 -4.24
C ALA A 62 -5.92 8.45 -5.16
N CYS A 63 -6.10 7.95 -6.35
CA CYS A 63 -5.07 7.95 -7.45
C CYS A 63 -4.08 9.15 -7.29
N GLY A 64 -3.06 8.98 -6.50
CA GLY A 64 -2.06 10.11 -6.31
C GLY A 64 -1.74 10.46 -4.86
N LYS A 65 -2.51 9.94 -3.94
CA LYS A 65 -2.26 10.23 -2.50
C LYS A 65 -1.22 9.22 -1.95
N CYS A 66 -1.02 9.34 -0.67
CA CYS A 66 -0.10 8.49 0.13
C CYS A 66 -0.86 8.00 1.41
N LEU A 67 -0.35 7.02 2.11
CA LEU A 67 -1.07 6.53 3.35
C LEU A 67 -0.01 6.59 4.45
N ARG A 68 -0.27 7.02 5.63
CA ARG A 68 0.83 7.03 6.64
C ARG A 68 0.50 5.90 7.60
N VAL A 69 1.50 5.08 7.74
CA VAL A 69 1.42 3.89 8.63
C VAL A 69 2.56 3.94 9.64
N THR A 70 2.17 3.77 10.87
CA THR A 70 3.18 3.77 12.00
C THR A 70 2.98 2.45 12.78
N ASN A 71 4.05 1.96 13.36
CA ASN A 71 4.09 0.68 14.16
C ASN A 71 4.37 0.85 15.68
N PRO A 72 3.32 0.93 16.49
CA PRO A 72 3.44 1.30 17.94
C PRO A 72 4.33 0.33 18.75
N ALA A 73 4.71 -0.77 18.14
CA ALA A 73 5.58 -1.76 18.83
C ALA A 73 7.07 -1.35 18.83
N THR A 74 7.51 -0.77 17.75
CA THR A 74 8.96 -0.35 17.67
C THR A 74 9.10 1.17 17.55
N GLY A 75 8.10 1.77 16.94
CA GLY A 75 8.11 3.26 16.75
C GLY A 75 8.35 3.55 15.28
N ALA A 76 8.63 2.51 14.53
CA ALA A 76 8.88 2.64 13.06
C ALA A 76 7.63 3.16 12.32
N GLN A 77 7.86 3.81 11.22
CA GLN A 77 6.72 4.35 10.41
C GLN A 77 7.16 4.61 8.97
N ILE A 78 6.21 4.58 8.07
CA ILE A 78 6.46 4.82 6.61
C ILE A 78 5.27 5.50 5.84
N THR A 79 5.44 5.77 4.56
CA THR A 79 4.35 6.42 3.72
C THR A 79 4.00 5.57 2.45
N ALA A 80 2.78 5.15 2.29
CA ALA A 80 2.38 4.33 1.07
C ALA A 80 2.07 5.26 -0.09
N ARG A 81 1.84 4.66 -1.23
CA ARG A 81 1.53 5.39 -2.44
C ARG A 81 0.01 5.01 -2.66
N ILE A 82 -1.02 5.80 -2.48
CA ILE A 82 -2.39 5.21 -2.76
C ILE A 82 -2.91 5.35 -4.21
N VAL A 83 -3.40 4.28 -4.77
CA VAL A 83 -3.91 4.40 -6.17
C VAL A 83 -4.96 3.33 -6.58
N ASP A 84 -4.68 2.09 -6.22
CA ASP A 84 -5.60 0.96 -6.57
C ASP A 84 -6.40 0.48 -5.35
N GLN A 85 -7.63 0.16 -5.62
CA GLN A 85 -8.54 -0.32 -4.55
C GLN A 85 -8.75 -1.81 -4.87
N CYS A 86 -8.32 -2.65 -3.98
CA CYS A 86 -8.47 -4.11 -4.22
C CYS A 86 -9.59 -4.71 -3.35
N ALA A 87 -9.95 -5.93 -3.65
CA ALA A 87 -11.04 -6.65 -2.90
C ALA A 87 -10.59 -7.95 -2.19
N ASN A 88 -9.39 -8.39 -2.45
CA ASN A 88 -8.88 -9.64 -1.80
C ASN A 88 -8.14 -9.21 -0.53
N GLY A 89 -8.41 -9.91 0.55
CA GLY A 89 -7.74 -9.59 1.87
C GLY A 89 -6.24 -9.30 1.75
N GLY A 90 -5.82 -8.07 1.96
CA GLY A 90 -4.34 -7.75 1.86
C GLY A 90 -3.99 -6.51 2.65
N LEU A 91 -3.76 -5.47 1.90
CA LEU A 91 -3.40 -4.10 2.47
C LEU A 91 -2.75 -3.14 1.53
N ASP A 92 -2.00 -3.77 0.71
CA ASP A 92 -1.17 -3.09 -0.38
C ASP A 92 -0.62 -3.81 -1.71
N LEU A 93 -0.37 -3.13 -2.82
CA LEU A 93 0.17 -3.86 -4.05
C LEU A 93 1.59 -3.31 -4.10
N ASP A 94 2.21 -3.44 -2.99
CA ASP A 94 3.62 -3.04 -2.71
C ASP A 94 4.76 -4.08 -2.95
N TRP A 95 5.94 -3.66 -2.62
CA TRP A 95 7.18 -4.53 -2.72
C TRP A 95 7.38 -4.51 -1.19
N ASP A 96 6.25 -4.87 -0.62
CA ASP A 96 6.01 -4.97 0.83
C ASP A 96 6.42 -3.65 1.54
N THR A 97 6.81 -2.65 0.77
CA THR A 97 7.27 -1.25 1.20
C THR A 97 6.94 -0.79 2.62
N VAL A 98 5.78 -1.20 3.03
CA VAL A 98 5.24 -0.88 4.38
C VAL A 98 5.75 -2.00 5.30
N PHE A 99 5.30 -3.21 5.03
CA PHE A 99 5.74 -4.39 5.87
C PHE A 99 7.29 -4.44 5.76
N THR A 100 7.83 -4.72 4.58
CA THR A 100 9.33 -4.81 4.36
C THR A 100 10.20 -4.04 5.34
N LYS A 101 9.76 -2.83 5.50
CA LYS A 101 10.45 -1.88 6.39
C LYS A 101 9.96 -1.71 7.84
N ILE A 102 8.68 -1.78 8.13
CA ILE A 102 8.26 -1.60 9.57
C ILE A 102 8.21 -2.93 10.35
N ASP A 103 8.61 -3.95 9.63
CA ASP A 103 8.69 -5.35 10.09
C ASP A 103 10.17 -5.66 10.47
N THR A 104 10.59 -5.04 11.53
CA THR A 104 12.00 -5.24 12.04
C THR A 104 12.29 -6.66 12.57
N ASN A 105 11.25 -7.20 13.14
CA ASN A 105 11.30 -8.57 13.74
C ASN A 105 10.51 -9.72 13.07
N GLY A 106 9.32 -9.50 12.56
CA GLY A 106 8.60 -10.66 11.91
C GLY A 106 7.41 -11.25 12.66
N ILE A 107 7.27 -11.00 13.95
CA ILE A 107 6.10 -11.55 14.75
C ILE A 107 4.84 -11.75 13.88
N GLY A 108 4.48 -10.69 13.21
CA GLY A 108 3.29 -10.69 12.30
C GLY A 108 3.26 -11.99 11.50
N TYR A 109 4.29 -12.20 10.72
CA TYR A 109 4.40 -13.44 9.86
C TYR A 109 4.06 -14.72 10.64
N GLN A 110 4.50 -14.72 11.87
CA GLN A 110 4.29 -15.87 12.81
C GLN A 110 2.76 -16.13 13.03
N GLN A 111 2.02 -15.08 13.27
CA GLN A 111 0.54 -15.27 13.50
C GLN A 111 -0.32 -15.09 12.19
N GLY A 112 0.15 -14.26 11.31
CA GLY A 112 -0.52 -13.96 9.98
C GLY A 112 -0.93 -12.48 9.81
N HIS A 113 -1.11 -11.87 10.95
CA HIS A 113 -1.53 -10.42 11.08
C HIS A 113 -0.92 -9.69 12.31
N LEU A 114 -0.89 -8.37 12.29
CA LEU A 114 -0.32 -7.56 13.43
C LEU A 114 -1.18 -6.31 13.80
N ASN A 115 -0.72 -5.51 14.75
CA ASN A 115 -1.48 -4.28 15.15
C ASN A 115 -0.71 -3.00 14.75
N VAL A 116 -1.32 -2.28 13.85
CA VAL A 116 -0.71 -1.01 13.33
C VAL A 116 -1.77 0.12 13.28
N ASN A 117 -1.28 1.31 13.04
CA ASN A 117 -2.17 2.51 12.94
C ASN A 117 -1.99 3.08 11.54
N TYR A 118 -3.07 3.38 10.88
CA TYR A 118 -2.94 3.93 9.51
C TYR A 118 -3.91 5.10 9.32
N GLN A 119 -3.30 6.14 8.84
CA GLN A 119 -4.06 7.39 8.59
C GLN A 119 -3.83 7.81 7.13
N PHE A 120 -4.86 8.18 6.43
CA PHE A 120 -4.60 8.58 5.01
C PHE A 120 -3.75 9.88 4.99
N VAL A 121 -2.83 9.99 4.07
CA VAL A 121 -1.97 11.21 4.00
C VAL A 121 -1.70 11.73 2.58
N ASP A 122 -1.48 13.01 2.51
CA ASP A 122 -1.19 13.67 1.21
C ASP A 122 0.33 13.60 1.06
N CYS A 123 0.80 13.29 -0.11
CA CYS A 123 2.28 13.22 -0.29
C CYS A 123 2.91 14.62 -0.22
N ARG A 124 2.36 15.46 -1.05
CA ARG A 124 2.77 16.91 -1.19
C ARG A 124 4.19 16.94 -1.82
N ASP A 125 4.21 16.39 -3.00
CA ASP A 125 5.42 16.27 -3.86
C ASP A 125 5.58 17.52 -4.77
N GLU A 1 -10.45 7.83 5.69
CA GLU A 1 -10.83 8.12 7.10
C GLU A 1 -9.57 7.83 7.95
N GLN A 2 -9.74 7.62 9.23
CA GLN A 2 -8.57 7.32 10.12
C GLN A 2 -8.94 6.05 10.93
N ALA A 3 -8.03 5.09 10.90
CA ALA A 3 -8.22 3.81 11.63
C ALA A 3 -6.93 3.56 12.48
N ASN A 4 -7.10 3.29 13.75
CA ASN A 4 -5.92 3.06 14.64
C ASN A 4 -5.82 1.64 15.25
N ASP A 5 -4.59 1.29 15.62
CA ASP A 5 -4.20 -0.02 16.21
C ASP A 5 -5.14 -1.11 15.67
N VAL A 6 -4.92 -1.27 14.39
CA VAL A 6 -5.69 -2.25 13.60
C VAL A 6 -4.82 -3.48 13.28
N ARG A 7 -5.42 -4.61 13.49
CA ARG A 7 -4.78 -5.95 13.25
C ARG A 7 -4.69 -6.16 11.74
N ALA A 8 -3.69 -5.57 11.15
CA ALA A 8 -3.50 -5.69 9.68
C ALA A 8 -2.81 -7.01 9.27
N THR A 9 -3.42 -7.69 8.34
CA THR A 9 -2.88 -9.00 7.81
C THR A 9 -2.02 -8.61 6.59
N TYR A 10 -1.55 -9.55 5.80
CA TYR A 10 -0.73 -9.15 4.61
C TYR A 10 -1.04 -9.78 3.21
N HIS A 11 -2.11 -9.33 2.57
CA HIS A 11 -2.44 -9.89 1.23
C HIS A 11 -1.88 -8.72 0.43
N TYR A 12 -0.61 -8.91 0.16
CA TYR A 12 0.14 -7.91 -0.60
C TYR A 12 0.41 -8.29 -2.05
N TYR A 13 -0.22 -7.54 -2.90
CA TYR A 13 -0.03 -7.79 -4.35
C TYR A 13 1.37 -7.19 -4.58
N ARG A 14 2.15 -7.94 -5.32
CA ARG A 14 3.59 -7.60 -5.70
C ARG A 14 3.95 -7.17 -7.17
N PRO A 15 3.12 -6.39 -7.81
CA PRO A 15 3.35 -5.90 -9.20
C PRO A 15 4.84 -5.66 -9.52
N ALA A 16 5.55 -5.06 -8.60
CA ALA A 16 7.02 -4.79 -8.81
C ALA A 16 7.79 -5.96 -9.48
N GLN A 17 7.37 -7.20 -9.28
CA GLN A 17 8.07 -8.40 -9.91
C GLN A 17 8.47 -8.04 -11.35
N ASN A 18 7.55 -7.45 -12.06
CA ASN A 18 7.82 -7.05 -13.48
C ASN A 18 7.90 -5.51 -13.42
N ASN A 19 8.78 -5.00 -12.60
CA ASN A 19 8.97 -3.51 -12.42
C ASN A 19 7.56 -2.86 -12.51
N TRP A 20 6.71 -3.45 -11.72
CA TRP A 20 5.27 -3.07 -11.61
C TRP A 20 4.69 -2.58 -12.95
N ASP A 21 4.73 -3.55 -13.80
CA ASP A 21 4.24 -3.45 -15.19
C ASP A 21 2.72 -3.57 -15.04
N LEU A 22 2.19 -2.53 -14.45
CA LEU A 22 0.73 -2.46 -14.23
C LEU A 22 0.03 -2.82 -15.56
N GLY A 23 0.72 -2.52 -16.64
CA GLY A 23 0.21 -2.80 -18.02
C GLY A 23 -0.26 -4.26 -18.11
N ALA A 24 0.54 -5.15 -17.58
CA ALA A 24 0.22 -6.62 -17.58
C ALA A 24 -1.24 -6.97 -17.08
N PRO A 25 -2.19 -7.17 -17.98
CA PRO A 25 -3.65 -7.22 -17.68
C PRO A 25 -4.01 -7.61 -16.22
N ALA A 26 -3.48 -8.76 -15.91
CA ALA A 26 -3.60 -9.45 -14.58
C ALA A 26 -3.68 -8.54 -13.36
N VAL A 27 -2.93 -7.48 -13.45
CA VAL A 27 -2.86 -6.46 -12.36
C VAL A 27 -3.76 -5.23 -12.65
N SER A 28 -3.38 -4.64 -13.74
CA SER A 28 -3.99 -3.41 -14.37
C SER A 28 -4.64 -2.37 -13.43
N ALA A 29 -4.05 -2.26 -12.27
CA ALA A 29 -4.45 -1.32 -11.17
C ALA A 29 -5.16 0.00 -11.59
N TYR A 30 -6.28 0.33 -11.01
CA TYR A 30 -7.03 1.57 -11.36
C TYR A 30 -6.50 2.70 -12.27
N CYS A 31 -5.46 3.39 -11.91
CA CYS A 31 -4.96 4.50 -12.79
C CYS A 31 -3.75 4.16 -13.67
N ALA A 32 -3.34 2.90 -13.61
CA ALA A 32 -2.17 2.38 -14.40
C ALA A 32 -2.05 3.13 -15.72
N THR A 33 -3.08 2.97 -16.51
CA THR A 33 -3.26 3.59 -17.86
C THR A 33 -2.76 5.06 -17.93
N TRP A 34 -3.17 5.76 -16.90
CA TRP A 34 -2.89 7.21 -16.64
C TRP A 34 -1.67 7.57 -15.74
N ASP A 35 -1.25 6.65 -14.92
CA ASP A 35 -0.08 6.84 -13.99
C ASP A 35 1.24 6.19 -14.46
N ALA A 36 1.13 4.97 -14.94
CA ALA A 36 2.29 4.15 -15.45
C ALA A 36 3.15 4.93 -16.45
N SER A 37 2.48 5.88 -17.05
CA SER A 37 3.08 6.78 -18.07
C SER A 37 4.11 7.68 -17.38
N LYS A 38 3.85 8.08 -16.15
CA LYS A 38 4.83 8.96 -15.45
C LYS A 38 6.15 8.21 -15.27
N PRO A 39 7.26 8.91 -15.25
CA PRO A 39 8.60 8.30 -15.03
C PRO A 39 8.49 7.33 -13.84
N LEU A 40 8.62 6.05 -14.12
CA LEU A 40 8.54 5.04 -13.04
C LEU A 40 9.19 5.45 -11.76
N SER A 41 10.26 6.19 -11.84
CA SER A 41 10.93 6.61 -10.57
C SER A 41 9.87 7.15 -9.59
N TRP A 42 9.25 8.26 -9.90
CA TRP A 42 8.21 8.81 -8.96
C TRP A 42 7.28 7.70 -8.42
N ARG A 43 6.85 6.92 -9.37
CA ARG A 43 5.91 5.77 -9.14
C ARG A 43 6.37 4.68 -8.12
N SER A 44 7.49 4.09 -8.44
CA SER A 44 8.13 3.01 -7.60
C SER A 44 8.78 3.65 -6.33
N LYS A 45 9.31 4.84 -6.52
CA LYS A 45 9.98 5.67 -5.46
C LYS A 45 9.19 5.70 -4.17
N TYR A 46 7.94 6.09 -4.31
CA TYR A 46 7.11 6.14 -3.06
C TYR A 46 6.61 4.72 -2.70
N GLY A 47 5.91 4.58 -1.60
CA GLY A 47 5.44 3.20 -1.25
C GLY A 47 4.64 2.56 -2.40
N TRP A 48 3.47 3.12 -2.64
CA TRP A 48 2.55 2.69 -3.70
C TRP A 48 1.90 1.49 -3.02
N THR A 49 0.63 1.54 -3.14
CA THR A 49 -0.17 0.43 -2.54
C THR A 49 -1.53 0.18 -3.10
N ALA A 50 -1.84 -1.08 -3.36
CA ALA A 50 -3.28 -1.20 -3.85
C ALA A 50 -3.92 -1.13 -2.43
N PHE A 51 -5.20 -1.01 -2.25
CA PHE A 51 -5.71 -0.94 -0.84
C PHE A 51 -7.12 -1.54 -0.54
N CYS A 52 -7.31 -2.05 0.65
CA CYS A 52 -8.65 -2.65 1.06
C CYS A 52 -9.40 -1.86 2.15
N GLY A 53 -8.75 -1.68 3.26
CA GLY A 53 -9.34 -0.93 4.41
C GLY A 53 -9.58 -1.96 5.51
N PRO A 54 -10.80 -2.20 5.91
CA PRO A 54 -12.07 -1.69 5.28
C PRO A 54 -12.44 -0.25 5.70
N ALA A 55 -11.91 0.18 6.81
CA ALA A 55 -12.21 1.56 7.30
C ALA A 55 -11.31 2.55 6.52
N GLY A 56 -11.79 2.87 5.34
CA GLY A 56 -11.08 3.83 4.41
C GLY A 56 -11.81 4.14 3.06
N PRO A 57 -12.85 4.96 3.05
CA PRO A 57 -13.67 5.15 1.83
C PRO A 57 -12.99 6.08 0.78
N ARG A 58 -12.44 5.39 -0.19
CA ARG A 58 -11.70 5.98 -1.35
C ARG A 58 -12.12 5.37 -2.72
N GLY A 59 -12.37 6.23 -3.67
CA GLY A 59 -12.79 5.80 -5.07
C GLY A 59 -12.10 6.67 -6.09
N GLN A 60 -12.61 6.71 -7.30
CA GLN A 60 -12.01 7.55 -8.41
C GLN A 60 -11.21 8.76 -7.83
N ALA A 61 -11.90 9.54 -7.04
CA ALA A 61 -11.32 10.74 -6.37
C ALA A 61 -10.06 10.50 -5.47
N ALA A 62 -9.47 9.34 -5.53
CA ALA A 62 -8.26 9.00 -4.72
C ALA A 62 -7.01 8.92 -5.68
N CYS A 63 -7.27 8.96 -6.97
CA CYS A 63 -6.20 8.90 -8.03
C CYS A 63 -5.32 10.17 -7.96
N GLY A 64 -4.46 10.11 -6.99
CA GLY A 64 -3.45 11.18 -6.65
C GLY A 64 -3.31 11.44 -5.14
N LYS A 65 -3.43 10.39 -4.37
CA LYS A 65 -3.30 10.48 -2.87
C LYS A 65 -2.40 9.36 -2.28
N CYS A 66 -2.09 9.51 -1.00
CA CYS A 66 -1.23 8.55 -0.24
C CYS A 66 -1.84 8.08 1.13
N LEU A 67 -1.17 7.20 1.80
CA LEU A 67 -1.70 6.71 3.14
C LEU A 67 -0.53 6.75 4.17
N ARG A 68 -0.73 7.23 5.37
CA ARG A 68 0.40 7.27 6.33
C ARG A 68 0.16 6.09 7.26
N VAL A 69 1.17 5.26 7.34
CA VAL A 69 1.11 4.03 8.19
C VAL A 69 2.29 3.96 9.18
N THR A 70 1.95 3.64 10.39
CA THR A 70 2.99 3.51 11.49
C THR A 70 2.81 2.17 12.21
N ASN A 71 3.87 1.61 12.72
CA ASN A 71 3.82 0.30 13.46
C ASN A 71 4.20 0.32 14.98
N PRO A 72 3.33 0.82 15.84
CA PRO A 72 3.70 1.20 17.26
C PRO A 72 4.71 0.21 17.89
N ALA A 73 4.29 -1.02 17.85
CA ALA A 73 5.04 -2.21 18.36
C ALA A 73 6.57 -2.17 18.15
N THR A 74 7.02 -1.64 17.04
CA THR A 74 8.50 -1.56 16.74
C THR A 74 8.83 -0.07 16.81
N GLY A 75 7.89 0.73 16.37
CA GLY A 75 8.08 2.23 16.38
C GLY A 75 8.33 2.75 14.97
N ALA A 76 8.47 1.81 14.10
CA ALA A 76 8.74 2.09 12.66
C ALA A 76 7.55 2.70 11.89
N GLN A 77 7.82 3.46 10.86
CA GLN A 77 6.68 4.08 10.08
C GLN A 77 7.05 4.39 8.63
N ILE A 78 6.02 4.43 7.81
CA ILE A 78 6.14 4.70 6.34
C ILE A 78 4.92 5.40 5.69
N THR A 79 5.07 5.90 4.48
CA THR A 79 3.94 6.56 3.75
C THR A 79 3.73 5.84 2.41
N ALA A 80 2.52 5.39 2.22
CA ALA A 80 2.15 4.66 0.98
C ALA A 80 1.62 5.60 -0.07
N ARG A 81 1.56 5.08 -1.26
CA ARG A 81 1.07 5.88 -2.40
C ARG A 81 -0.22 5.13 -2.72
N ILE A 82 -1.37 5.72 -2.61
CA ILE A 82 -2.60 4.90 -2.94
C ILE A 82 -2.57 4.56 -4.45
N VAL A 83 -2.88 3.35 -4.86
CA VAL A 83 -2.85 3.02 -6.35
C VAL A 83 -4.10 2.25 -6.85
N ASP A 84 -4.30 1.18 -6.15
CA ASP A 84 -5.47 0.28 -6.48
C ASP A 84 -6.25 -0.21 -5.24
N GLN A 85 -7.01 -1.26 -5.37
CA GLN A 85 -7.82 -1.86 -4.29
C GLN A 85 -7.29 -3.28 -3.97
N CYS A 86 -7.59 -3.82 -2.82
CA CYS A 86 -7.06 -5.19 -2.51
C CYS A 86 -8.25 -6.17 -2.54
N ALA A 87 -8.07 -7.39 -2.13
CA ALA A 87 -9.23 -8.35 -2.16
C ALA A 87 -9.62 -8.82 -0.74
N ASN A 88 -8.71 -9.47 -0.09
CA ASN A 88 -8.97 -9.98 1.30
C ASN A 88 -7.64 -10.12 2.04
N GLY A 89 -7.66 -10.27 3.33
CA GLY A 89 -6.36 -10.42 4.05
C GLY A 89 -5.80 -9.03 4.27
N GLY A 90 -4.48 -8.93 4.22
CA GLY A 90 -3.81 -7.59 4.42
C GLY A 90 -4.33 -6.71 3.33
N LEU A 91 -4.40 -5.43 3.56
CA LEU A 91 -4.93 -4.46 2.54
C LEU A 91 -4.06 -3.76 1.49
N ASP A 92 -3.34 -4.51 0.69
CA ASP A 92 -2.48 -3.76 -0.34
C ASP A 92 -1.74 -4.38 -1.55
N LEU A 93 -1.07 -3.53 -2.31
CA LEU A 93 -0.27 -4.03 -3.49
C LEU A 93 1.11 -3.53 -3.05
N ASP A 94 1.63 -4.26 -2.09
CA ASP A 94 2.93 -4.10 -1.40
C ASP A 94 4.20 -4.81 -1.95
N TRP A 95 4.45 -5.82 -1.14
CA TRP A 95 5.54 -6.83 -1.18
C TRP A 95 6.77 -6.30 -0.42
N ASP A 96 6.98 -5.06 -0.68
CA ASP A 96 8.14 -4.34 -0.07
C ASP A 96 7.70 -3.13 0.77
N THR A 97 7.22 -2.15 0.05
CA THR A 97 6.73 -0.84 0.58
C THR A 97 6.30 -0.79 2.07
N VAL A 98 5.38 -1.63 2.44
CA VAL A 98 4.89 -1.68 3.84
C VAL A 98 5.62 -2.61 4.82
N PHE A 99 5.35 -3.89 4.68
CA PHE A 99 5.98 -4.89 5.64
C PHE A 99 7.52 -4.97 5.88
N THR A 100 8.22 -5.49 4.89
CA THR A 100 9.71 -5.62 4.98
C THR A 100 10.32 -4.21 5.09
N LYS A 101 9.59 -3.26 4.56
CA LYS A 101 10.03 -1.83 4.59
C LYS A 101 9.93 -1.15 5.95
N ILE A 102 8.79 -1.28 6.57
CA ILE A 102 8.60 -0.66 7.91
C ILE A 102 9.61 -1.20 8.88
N ASP A 103 9.70 -2.47 9.14
CA ASP A 103 10.78 -2.82 10.15
C ASP A 103 11.30 -4.26 10.21
N THR A 104 11.57 -4.61 11.44
CA THR A 104 12.08 -5.93 11.93
C THR A 104 12.03 -7.00 10.79
N ASN A 105 10.93 -7.66 10.73
CA ASN A 105 10.64 -8.73 9.72
C ASN A 105 9.12 -8.73 9.48
N GLY A 106 8.41 -7.76 10.03
CA GLY A 106 6.93 -7.74 9.83
C GLY A 106 6.42 -8.99 10.54
N ILE A 107 6.78 -9.12 11.81
CA ILE A 107 6.39 -10.27 12.70
C ILE A 107 5.26 -11.10 12.14
N GLY A 108 4.20 -10.40 11.77
CA GLY A 108 2.99 -11.03 11.18
C GLY A 108 3.30 -12.22 10.31
N TYR A 109 4.29 -12.14 9.46
CA TYR A 109 4.61 -13.32 8.59
C TYR A 109 4.59 -14.66 9.37
N GLN A 110 5.12 -14.55 10.56
CA GLN A 110 5.28 -15.66 11.57
C GLN A 110 3.96 -16.04 12.32
N GLN A 111 3.07 -15.11 12.48
CA GLN A 111 1.77 -15.39 13.22
C GLN A 111 0.48 -15.42 12.36
N GLY A 112 0.61 -14.72 11.26
CA GLY A 112 -0.44 -14.53 10.22
C GLY A 112 -0.69 -13.02 9.99
N HIS A 113 -0.57 -12.22 11.02
CA HIS A 113 -0.81 -10.72 10.91
C HIS A 113 -0.02 -9.79 11.87
N LEU A 114 -0.19 -8.51 11.72
CA LEU A 114 0.49 -7.48 12.57
C LEU A 114 -0.54 -6.38 13.01
N ASN A 115 -0.12 -5.42 13.78
CA ASN A 115 -1.05 -4.34 14.22
C ASN A 115 -0.40 -3.00 13.84
N VAL A 116 -1.10 -2.20 13.09
CA VAL A 116 -0.49 -0.88 12.70
C VAL A 116 -1.57 0.24 12.77
N ASN A 117 -1.12 1.44 12.63
CA ASN A 117 -2.03 2.64 12.67
C ASN A 117 -2.02 3.23 11.25
N TYR A 118 -3.19 3.48 10.68
CA TYR A 118 -3.21 4.05 9.30
C TYR A 118 -4.24 5.17 9.14
N GLN A 119 -3.72 6.26 8.63
CA GLN A 119 -4.55 7.48 8.39
C GLN A 119 -4.36 7.96 6.93
N PHE A 120 -5.43 8.31 6.28
CA PHE A 120 -5.27 8.79 4.85
C PHE A 120 -4.36 10.05 4.83
N VAL A 121 -3.54 10.17 3.82
CA VAL A 121 -2.64 11.35 3.72
C VAL A 121 -2.33 11.78 2.27
N ASP A 122 -2.32 13.06 2.03
CA ASP A 122 -2.02 13.47 0.65
C ASP A 122 -0.47 13.66 0.56
N CYS A 123 0.11 13.22 -0.52
CA CYS A 123 1.60 13.37 -0.70
C CYS A 123 1.85 14.71 -1.39
N ARG A 124 0.87 15.03 -2.20
CA ARG A 124 0.79 16.26 -3.05
C ARG A 124 2.19 16.74 -3.49
N ASP A 125 2.81 15.89 -4.26
CA ASP A 125 4.16 16.11 -4.81
C ASP A 125 3.96 17.30 -5.81
N GLU A 1 -11.17 7.20 6.62
CA GLU A 1 -10.26 8.37 6.91
C GLU A 1 -9.14 8.03 7.90
N GLN A 2 -9.43 7.95 9.18
CA GLN A 2 -8.35 7.63 10.18
C GLN A 2 -8.70 6.42 11.08
N ALA A 3 -7.99 5.33 10.98
CA ALA A 3 -8.29 4.14 11.83
C ALA A 3 -7.00 3.74 12.64
N ASN A 4 -7.15 3.49 13.91
CA ASN A 4 -5.97 3.10 14.75
C ASN A 4 -6.20 1.75 15.43
N ASP A 5 -5.19 1.30 16.11
CA ASP A 5 -5.22 0.01 16.83
C ASP A 5 -6.04 -1.05 16.04
N VAL A 6 -5.64 -1.19 14.79
CA VAL A 6 -6.33 -2.15 13.88
C VAL A 6 -5.43 -3.38 13.63
N ARG A 7 -6.06 -4.52 13.62
CA ARG A 7 -5.28 -5.77 13.38
C ARG A 7 -5.11 -5.77 11.85
N ALA A 8 -3.99 -5.30 11.41
CA ALA A 8 -3.73 -5.23 9.95
C ALA A 8 -3.20 -6.57 9.43
N THR A 9 -3.92 -7.03 8.44
CA THR A 9 -3.61 -8.32 7.75
C THR A 9 -2.50 -7.87 6.81
N TYR A 10 -1.32 -8.37 7.01
CA TYR A 10 -0.23 -7.91 6.09
C TYR A 10 -0.28 -8.64 4.73
N HIS A 11 -1.36 -8.45 4.03
CA HIS A 11 -1.43 -9.15 2.70
C HIS A 11 -1.40 -7.98 1.71
N TYR A 12 -0.52 -8.12 0.81
CA TYR A 12 -0.35 -7.09 -0.22
C TYR A 12 0.18 -7.77 -1.46
N TYR A 13 0.18 -7.06 -2.53
CA TYR A 13 0.71 -7.66 -3.79
C TYR A 13 2.12 -7.01 -3.84
N ARG A 14 3.01 -7.76 -4.46
CA ARG A 14 4.44 -7.30 -4.62
C ARG A 14 4.80 -7.20 -6.13
N PRO A 15 4.05 -6.45 -6.90
CA PRO A 15 3.98 -6.65 -8.37
C PRO A 15 5.35 -6.56 -9.07
N ALA A 16 6.24 -5.81 -8.48
CA ALA A 16 7.62 -5.61 -9.04
C ALA A 16 8.20 -6.79 -9.84
N GLN A 17 7.93 -8.02 -9.45
CA GLN A 17 8.46 -9.23 -10.20
C GLN A 17 8.61 -9.03 -11.73
N ASN A 18 7.58 -8.52 -12.38
CA ASN A 18 7.64 -8.28 -13.87
C ASN A 18 7.67 -6.73 -13.90
N ASN A 19 8.69 -6.26 -13.23
CA ASN A 19 9.02 -4.80 -13.03
C ASN A 19 7.69 -4.04 -12.84
N TRP A 20 6.82 -4.71 -12.12
CA TRP A 20 5.45 -4.21 -11.79
C TRP A 20 4.83 -3.28 -12.82
N ASP A 21 4.87 -3.73 -14.05
CA ASP A 21 4.27 -2.86 -15.06
C ASP A 21 2.76 -3.13 -14.99
N LEU A 22 2.10 -2.36 -14.15
CA LEU A 22 0.62 -2.43 -13.92
C LEU A 22 -0.20 -2.88 -15.15
N GLY A 23 0.31 -2.57 -16.32
CA GLY A 23 -0.38 -2.95 -17.60
C GLY A 23 -0.67 -4.46 -17.65
N ALA A 24 0.28 -5.22 -17.17
CA ALA A 24 0.23 -6.71 -17.11
C ALA A 24 -1.16 -7.31 -16.76
N PRO A 25 -1.90 -7.77 -17.76
CA PRO A 25 -3.39 -7.97 -17.66
C PRO A 25 -3.91 -8.33 -16.26
N ALA A 26 -3.42 -9.44 -15.79
CA ALA A 26 -3.72 -10.05 -14.45
C ALA A 26 -3.88 -9.10 -13.24
N VAL A 27 -3.26 -7.96 -13.36
CA VAL A 27 -3.30 -6.95 -12.26
C VAL A 27 -4.23 -5.78 -12.59
N SER A 28 -3.83 -5.13 -13.66
CA SER A 28 -4.55 -3.93 -14.23
C SER A 28 -5.32 -3.01 -13.21
N ALA A 29 -4.63 -2.03 -12.68
CA ALA A 29 -5.22 -1.08 -11.68
C ALA A 29 -5.90 0.23 -12.24
N TYR A 30 -6.65 0.91 -11.40
CA TYR A 30 -7.39 2.17 -11.80
C TYR A 30 -6.78 3.18 -12.73
N CYS A 31 -5.75 3.77 -12.21
CA CYS A 31 -5.02 4.82 -12.96
C CYS A 31 -3.88 4.25 -13.81
N ALA A 32 -3.57 2.96 -13.75
CA ALA A 32 -2.44 2.39 -14.59
C ALA A 32 -2.44 3.05 -16.00
N THR A 33 -3.52 2.87 -16.71
CA THR A 33 -3.75 3.43 -18.10
C THR A 33 -3.25 4.88 -18.29
N TRP A 34 -3.23 5.60 -17.21
CA TRP A 34 -2.80 7.03 -17.14
C TRP A 34 -1.47 7.29 -16.36
N ASP A 35 -1.22 6.58 -15.28
CA ASP A 35 0.01 6.72 -14.44
C ASP A 35 1.17 5.86 -14.94
N ALA A 36 0.83 4.72 -15.46
CA ALA A 36 1.84 3.74 -15.98
C ALA A 36 2.81 4.38 -16.97
N SER A 37 2.31 5.39 -17.62
CA SER A 37 3.07 6.17 -18.65
C SER A 37 4.08 7.11 -18.01
N LYS A 38 3.92 7.34 -16.74
CA LYS A 38 4.86 8.24 -16.02
C LYS A 38 6.17 7.44 -15.82
N PRO A 39 7.30 8.11 -15.90
CA PRO A 39 8.59 7.40 -15.70
C PRO A 39 8.61 6.57 -14.38
N LEU A 40 9.33 5.47 -14.48
CA LEU A 40 9.51 4.49 -13.37
C LEU A 40 9.60 5.14 -11.99
N SER A 41 10.35 6.21 -11.94
CA SER A 41 10.57 6.98 -10.69
C SER A 41 9.34 7.20 -9.85
N TRP A 42 8.61 8.24 -10.14
CA TRP A 42 7.38 8.52 -9.32
C TRP A 42 6.57 7.23 -9.02
N ARG A 43 6.37 6.49 -10.09
CA ARG A 43 5.62 5.19 -10.07
C ARG A 43 6.06 4.25 -8.92
N SER A 44 7.33 3.91 -8.85
CA SER A 44 7.87 3.00 -7.75
C SER A 44 8.36 3.81 -6.52
N LYS A 45 8.87 4.99 -6.77
CA LYS A 45 9.40 5.95 -5.73
C LYS A 45 8.53 5.92 -4.46
N TYR A 46 7.27 6.24 -4.64
CA TYR A 46 6.35 6.23 -3.46
C TYR A 46 5.59 4.90 -3.59
N GLY A 47 5.36 4.29 -2.45
CA GLY A 47 4.62 2.98 -2.35
C GLY A 47 3.96 2.55 -3.66
N TRP A 48 2.85 3.22 -3.95
CA TRP A 48 1.99 3.00 -5.19
C TRP A 48 1.01 1.94 -4.82
N THR A 49 0.51 1.97 -3.63
CA THR A 49 -0.42 0.85 -3.34
C THR A 49 -1.81 0.86 -3.81
N ALA A 50 -2.18 -0.34 -4.18
CA ALA A 50 -3.63 -0.40 -4.61
C ALA A 50 -4.20 -0.66 -3.18
N PHE A 51 -5.28 -0.10 -2.70
CA PHE A 51 -5.72 -0.43 -1.29
C PHE A 51 -7.07 -1.19 -1.16
N CYS A 52 -7.10 -2.22 -0.34
CA CYS A 52 -8.36 -3.03 -0.13
C CYS A 52 -8.70 -3.45 1.33
N GLY A 53 -8.68 -2.50 2.22
CA GLY A 53 -9.00 -2.79 3.67
C GLY A 53 -10.36 -2.18 4.08
N PRO A 54 -10.91 -2.62 5.19
CA PRO A 54 -12.30 -2.24 5.63
C PRO A 54 -12.48 -0.72 5.92
N ALA A 55 -11.87 -0.23 6.96
CA ALA A 55 -11.99 1.22 7.31
C ALA A 55 -11.03 2.08 6.45
N GLY A 56 -11.29 2.06 5.17
CA GLY A 56 -10.48 2.82 4.15
C GLY A 56 -11.29 3.28 2.92
N PRO A 57 -12.41 3.94 3.14
CA PRO A 57 -13.33 4.36 2.05
C PRO A 57 -12.58 5.33 1.07
N ARG A 58 -12.17 4.70 0.01
CA ARG A 58 -11.42 5.29 -1.16
C ARG A 58 -11.85 4.66 -2.52
N GLY A 59 -11.37 5.20 -3.61
CA GLY A 59 -11.72 4.68 -5.00
C GLY A 59 -11.69 5.71 -6.16
N GLN A 60 -12.51 6.73 -6.10
CA GLN A 60 -12.52 7.76 -7.20
C GLN A 60 -11.34 8.77 -7.04
N ALA A 61 -11.58 9.80 -6.29
CA ALA A 61 -10.56 10.85 -6.04
C ALA A 61 -9.59 10.43 -4.90
N ALA A 62 -9.01 9.30 -5.18
CA ALA A 62 -8.03 8.62 -4.30
C ALA A 62 -6.66 8.70 -5.02
N CYS A 63 -6.64 8.30 -6.27
CA CYS A 63 -5.39 8.33 -7.14
C CYS A 63 -4.59 9.67 -6.89
N GLY A 64 -3.69 9.67 -5.94
CA GLY A 64 -2.87 10.92 -5.62
C GLY A 64 -2.67 11.11 -4.11
N LYS A 65 -3.53 10.45 -3.39
CA LYS A 65 -3.49 10.50 -1.90
C LYS A 65 -2.50 9.39 -1.49
N CYS A 66 -2.31 9.30 -0.21
CA CYS A 66 -1.42 8.32 0.46
C CYS A 66 -2.06 7.79 1.76
N LEU A 67 -1.48 6.74 2.25
CA LEU A 67 -1.95 6.09 3.50
C LEU A 67 -0.78 6.14 4.52
N ARG A 68 -0.97 6.61 5.72
CA ARG A 68 0.18 6.65 6.68
C ARG A 68 0.14 5.43 7.59
N VAL A 69 1.24 4.74 7.77
CA VAL A 69 1.25 3.52 8.66
C VAL A 69 2.31 3.63 9.78
N THR A 70 1.88 3.50 11.02
CA THR A 70 2.83 3.56 12.22
C THR A 70 2.77 2.27 13.05
N ASN A 71 3.95 1.80 13.42
CA ASN A 71 4.15 0.54 14.23
C ASN A 71 4.57 0.77 15.73
N PRO A 72 3.64 1.12 16.63
CA PRO A 72 3.99 1.62 18.01
C PRO A 72 5.10 0.77 18.64
N ALA A 73 4.91 -0.52 18.44
CA ALA A 73 5.86 -1.54 18.96
C ALA A 73 7.33 -1.21 18.59
N THR A 74 7.60 -0.81 17.37
CA THR A 74 9.03 -0.49 17.01
C THR A 74 9.24 1.02 16.99
N GLY A 75 8.17 1.74 16.83
CA GLY A 75 8.23 3.24 16.81
C GLY A 75 8.46 3.75 15.40
N ALA A 76 8.57 2.83 14.49
CA ALA A 76 8.81 3.19 13.07
C ALA A 76 7.50 3.39 12.31
N GLN A 77 7.58 4.28 11.36
CA GLN A 77 6.40 4.60 10.53
C GLN A 77 6.85 4.81 9.10
N ILE A 78 5.93 4.55 8.23
CA ILE A 78 6.14 4.68 6.77
C ILE A 78 4.85 5.25 6.12
N THR A 79 4.94 5.72 4.90
CA THR A 79 3.75 6.29 4.17
C THR A 79 3.60 5.50 2.87
N ALA A 80 2.43 5.01 2.53
CA ALA A 80 2.25 4.22 1.25
C ALA A 80 1.44 5.08 0.24
N ARG A 81 1.58 4.88 -1.06
CA ARG A 81 0.80 5.74 -2.04
C ARG A 81 -0.59 5.16 -2.33
N ILE A 82 -1.64 5.92 -2.21
CA ILE A 82 -3.00 5.38 -2.49
C ILE A 82 -3.11 5.71 -3.96
N VAL A 83 -2.91 4.68 -4.74
CA VAL A 83 -3.00 4.91 -6.21
C VAL A 83 -4.23 4.21 -6.76
N ASP A 84 -4.31 2.94 -6.51
CA ASP A 84 -5.45 2.09 -6.99
C ASP A 84 -6.27 1.46 -5.85
N GLN A 85 -7.28 0.72 -6.25
CA GLN A 85 -8.20 0.02 -5.31
C GLN A 85 -8.31 -1.47 -5.70
N CYS A 86 -7.99 -2.35 -4.80
CA CYS A 86 -8.07 -3.82 -5.10
C CYS A 86 -9.37 -4.42 -4.49
N ALA A 87 -9.68 -5.64 -4.81
CA ALA A 87 -10.93 -6.26 -4.23
C ALA A 87 -10.73 -7.67 -3.62
N ASN A 88 -9.58 -7.89 -3.04
CA ASN A 88 -9.32 -9.24 -2.43
C ASN A 88 -9.12 -9.25 -0.91
N GLY A 89 -8.98 -8.12 -0.28
CA GLY A 89 -8.79 -8.14 1.21
C GLY A 89 -7.36 -8.40 1.62
N GLY A 90 -6.48 -7.47 1.39
CA GLY A 90 -5.05 -7.75 1.80
C GLY A 90 -4.56 -6.67 2.69
N LEU A 91 -4.45 -5.57 2.01
CA LEU A 91 -3.98 -4.27 2.55
C LEU A 91 -3.70 -3.34 1.41
N ASP A 92 -2.63 -3.70 0.84
CA ASP A 92 -2.04 -2.96 -0.34
C ASP A 92 -1.38 -3.69 -1.55
N LEU A 93 -1.04 -2.97 -2.60
CA LEU A 93 -0.37 -3.60 -3.79
C LEU A 93 0.97 -2.87 -3.80
N ASP A 94 1.75 -3.05 -2.78
CA ASP A 94 3.09 -2.39 -2.72
C ASP A 94 4.19 -3.30 -3.37
N TRP A 95 5.26 -3.35 -2.63
CA TRP A 95 6.56 -4.13 -2.79
C TRP A 95 6.89 -4.37 -1.33
N ASP A 96 5.85 -4.74 -0.64
CA ASP A 96 5.93 -5.04 0.81
C ASP A 96 6.61 -3.86 1.58
N THR A 97 6.99 -2.79 0.89
CA THR A 97 7.66 -1.50 1.38
C THR A 97 7.11 -1.00 2.72
N VAL A 98 5.95 -1.49 2.99
CA VAL A 98 5.22 -1.15 4.23
C VAL A 98 5.77 -2.09 5.32
N PHE A 99 5.49 -3.37 5.18
CA PHE A 99 5.96 -4.39 6.17
C PHE A 99 7.49 -4.36 6.20
N THR A 100 8.05 -4.64 5.05
CA THR A 100 9.53 -4.68 4.79
C THR A 100 10.36 -3.87 5.76
N LYS A 101 9.86 -2.66 5.79
CA LYS A 101 10.41 -1.60 6.61
C LYS A 101 9.97 -1.50 8.10
N ILE A 102 8.68 -1.42 8.33
CA ILE A 102 8.18 -1.31 9.75
C ILE A 102 8.41 -2.55 10.64
N ASP A 103 8.46 -3.70 10.01
CA ASP A 103 8.68 -5.01 10.71
C ASP A 103 10.22 -5.27 10.86
N THR A 104 10.72 -4.77 11.95
CA THR A 104 12.18 -4.90 12.29
C THR A 104 12.49 -6.16 13.11
N ASN A 105 11.64 -7.14 13.00
CA ASN A 105 11.82 -8.44 13.76
C ASN A 105 11.88 -9.63 12.78
N GLY A 106 11.04 -9.57 11.79
CA GLY A 106 10.95 -10.62 10.74
C GLY A 106 9.73 -11.49 10.98
N ILE A 107 9.67 -12.04 12.17
CA ILE A 107 8.57 -12.95 12.64
C ILE A 107 7.27 -12.81 11.86
N GLY A 108 6.71 -11.63 11.87
CA GLY A 108 5.42 -11.31 11.15
C GLY A 108 5.21 -12.20 9.91
N TYR A 109 6.23 -12.15 9.10
CA TYR A 109 6.30 -12.92 7.80
C TYR A 109 5.81 -14.39 7.88
N GLN A 110 5.86 -14.99 9.04
CA GLN A 110 5.41 -16.41 9.23
C GLN A 110 4.23 -16.52 10.21
N GLN A 111 3.41 -15.51 10.25
CA GLN A 111 2.22 -15.51 11.17
C GLN A 111 0.81 -15.27 10.54
N GLY A 112 0.41 -14.01 10.49
CA GLY A 112 -0.95 -13.68 9.89
C GLY A 112 -1.20 -12.17 9.73
N HIS A 113 -1.15 -11.48 10.84
CA HIS A 113 -1.37 -9.99 10.87
C HIS A 113 -0.50 -9.33 11.97
N LEU A 114 -0.48 -8.04 11.97
CA LEU A 114 0.32 -7.27 12.98
C LEU A 114 -0.62 -6.15 13.54
N ASN A 115 -0.30 -5.44 14.60
CA ASN A 115 -1.24 -4.38 15.09
C ASN A 115 -0.53 -3.02 14.86
N VAL A 116 -1.13 -2.30 13.95
CA VAL A 116 -0.61 -0.95 13.54
C VAL A 116 -1.72 0.14 13.45
N ASN A 117 -1.31 1.35 13.14
CA ASN A 117 -2.30 2.46 13.02
C ASN A 117 -2.16 3.05 11.62
N TYR A 118 -3.27 3.34 10.98
CA TYR A 118 -3.16 3.90 9.62
C TYR A 118 -4.18 5.05 9.49
N GLN A 119 -3.64 6.14 9.07
CA GLN A 119 -4.45 7.40 8.88
C GLN A 119 -4.26 7.85 7.43
N PHE A 120 -5.30 8.16 6.69
CA PHE A 120 -5.06 8.60 5.28
C PHE A 120 -4.35 9.97 5.32
N VAL A 121 -3.33 10.00 4.50
CA VAL A 121 -2.46 11.22 4.35
C VAL A 121 -2.26 11.61 2.86
N ASP A 122 -2.18 12.88 2.61
CA ASP A 122 -1.98 13.42 1.23
C ASP A 122 -0.49 13.61 0.85
N CYS A 123 0.04 12.74 0.04
CA CYS A 123 1.50 12.92 -0.35
C CYS A 123 1.66 14.03 -1.39
N ARG A 124 0.56 14.34 -2.02
CA ARG A 124 0.45 15.37 -3.11
C ARG A 124 1.77 15.54 -3.93
N ASP A 125 2.37 14.42 -4.25
CA ASP A 125 3.63 14.34 -5.04
C ASP A 125 3.21 14.24 -6.54
N GLU A 1 -10.89 7.50 7.31
CA GLU A 1 -9.49 7.94 7.00
C GLU A 1 -8.43 7.75 8.12
N GLN A 2 -8.86 7.75 9.35
CA GLN A 2 -7.96 7.59 10.54
C GLN A 2 -8.39 6.39 11.42
N ALA A 3 -7.58 5.35 11.41
CA ALA A 3 -7.86 4.14 12.23
C ALA A 3 -6.63 3.76 13.10
N ASN A 4 -6.83 3.55 14.37
CA ASN A 4 -5.71 3.17 15.30
C ASN A 4 -5.99 1.72 15.76
N ASP A 5 -4.99 1.05 16.27
CA ASP A 5 -5.06 -0.37 16.77
C ASP A 5 -5.96 -1.27 15.86
N VAL A 6 -5.44 -1.51 14.69
CA VAL A 6 -6.18 -2.35 13.70
C VAL A 6 -5.50 -3.71 13.49
N ARG A 7 -6.30 -4.74 13.57
CA ARG A 7 -5.80 -6.15 13.38
C ARG A 7 -5.68 -6.18 11.85
N ALA A 8 -4.57 -5.69 11.37
CA ALA A 8 -4.37 -5.66 9.90
C ALA A 8 -3.66 -6.91 9.40
N THR A 9 -4.24 -7.46 8.37
CA THR A 9 -3.71 -8.70 7.71
C THR A 9 -2.72 -8.17 6.67
N TYR A 10 -1.86 -8.98 6.11
CA TYR A 10 -0.90 -8.40 5.10
C TYR A 10 -0.43 -9.15 3.82
N HIS A 11 -0.94 -8.75 2.69
CA HIS A 11 -0.50 -9.42 1.44
C HIS A 11 0.00 -8.19 0.68
N TYR A 12 1.27 -8.32 0.40
CA TYR A 12 2.04 -7.31 -0.33
C TYR A 12 2.34 -7.84 -1.73
N TYR A 13 1.54 -7.36 -2.63
CA TYR A 13 1.70 -7.78 -4.06
C TYR A 13 2.94 -7.05 -4.64
N ARG A 14 3.60 -7.70 -5.59
CA ARG A 14 4.86 -7.17 -6.28
C ARG A 14 4.86 -6.90 -7.84
N PRO A 15 4.13 -5.92 -8.31
CA PRO A 15 3.99 -5.70 -9.79
C PRO A 15 5.32 -5.38 -10.50
N ALA A 16 6.11 -4.60 -9.80
CA ALA A 16 7.48 -4.15 -10.26
C ALA A 16 8.23 -5.25 -11.04
N GLN A 17 8.11 -6.48 -10.59
CA GLN A 17 8.78 -7.67 -11.25
C GLN A 17 8.63 -7.64 -12.78
N ASN A 18 7.46 -7.22 -13.19
CA ASN A 18 7.10 -7.11 -14.64
C ASN A 18 7.18 -5.59 -14.80
N ASN A 19 8.35 -5.04 -14.55
CA ASN A 19 8.57 -3.53 -14.67
C ASN A 19 7.25 -2.82 -14.25
N TRP A 20 6.82 -3.19 -13.07
CA TRP A 20 5.55 -2.64 -12.50
C TRP A 20 4.39 -2.98 -13.48
N ASP A 21 4.21 -4.27 -13.65
CA ASP A 21 3.19 -4.92 -14.51
C ASP A 21 2.06 -4.12 -15.22
N LEU A 22 1.56 -3.13 -14.53
CA LEU A 22 0.46 -2.17 -14.86
C LEU A 22 -0.01 -2.20 -16.31
N GLY A 23 -0.35 -3.38 -16.69
CA GLY A 23 -0.84 -3.64 -18.08
C GLY A 23 -1.20 -5.10 -18.30
N ALA A 24 -0.34 -5.97 -17.84
CA ALA A 24 -0.57 -7.45 -18.00
C ALA A 24 -1.99 -7.89 -17.54
N PRO A 25 -2.90 -8.18 -18.46
CA PRO A 25 -4.35 -8.36 -18.13
C PRO A 25 -4.62 -8.94 -16.72
N ALA A 26 -3.88 -9.98 -16.43
CA ALA A 26 -3.94 -10.73 -15.14
C ALA A 26 -4.15 -9.88 -13.86
N VAL A 27 -3.54 -8.74 -13.91
CA VAL A 27 -3.56 -7.73 -12.79
C VAL A 27 -4.46 -6.52 -12.96
N SER A 28 -4.11 -5.77 -13.98
CA SER A 28 -4.80 -4.50 -14.38
C SER A 28 -5.44 -3.68 -13.19
N ALA A 29 -4.71 -2.75 -12.64
CA ALA A 29 -5.18 -1.89 -11.49
C ALA A 29 -5.91 -0.52 -11.83
N TYR A 30 -6.57 0.07 -10.85
CA TYR A 30 -7.33 1.37 -11.05
C TYR A 30 -6.65 2.49 -11.80
N CYS A 31 -5.49 2.79 -11.32
CA CYS A 31 -4.71 3.88 -11.92
C CYS A 31 -3.56 3.43 -12.80
N ALA A 32 -3.71 2.28 -13.38
CA ALA A 32 -2.63 1.76 -14.28
C ALA A 32 -2.93 2.48 -15.61
N THR A 33 -4.10 2.21 -16.14
CA THR A 33 -4.66 2.78 -17.41
C THR A 33 -4.18 4.19 -17.71
N TRP A 34 -3.98 4.88 -16.61
CA TRP A 34 -3.52 6.29 -16.59
C TRP A 34 -2.17 6.59 -15.93
N ASP A 35 -1.84 6.17 -14.74
CA ASP A 35 -0.50 6.56 -14.24
C ASP A 35 0.64 5.73 -14.76
N ALA A 36 0.34 4.60 -15.33
CA ALA A 36 1.44 3.74 -15.87
C ALA A 36 2.14 4.52 -17.00
N SER A 37 1.53 5.61 -17.40
CA SER A 37 2.07 6.49 -18.49
C SER A 37 3.11 7.46 -17.92
N LYS A 38 3.10 7.66 -16.62
CA LYS A 38 4.08 8.59 -15.98
C LYS A 38 5.38 7.87 -15.58
N PRO A 39 6.49 8.55 -15.76
CA PRO A 39 7.84 7.96 -15.55
C PRO A 39 8.07 7.31 -14.17
N LEU A 40 8.86 6.27 -14.21
CA LEU A 40 9.25 5.46 -13.04
C LEU A 40 9.37 6.20 -11.70
N SER A 41 10.03 7.34 -11.74
CA SER A 41 10.22 8.18 -10.52
C SER A 41 8.95 8.26 -9.65
N TRP A 42 7.95 8.94 -10.16
CA TRP A 42 6.67 9.08 -9.40
C TRP A 42 6.07 7.70 -9.09
N ARG A 43 6.04 6.83 -10.08
CA ARG A 43 5.49 5.44 -9.92
C ARG A 43 6.00 4.73 -8.64
N SER A 44 7.29 4.63 -8.56
CA SER A 44 7.96 3.98 -7.38
C SER A 44 7.93 4.93 -6.16
N LYS A 45 8.10 6.22 -6.35
CA LYS A 45 8.09 7.27 -5.25
C LYS A 45 6.89 7.11 -4.30
N TYR A 46 5.72 7.48 -4.77
CA TYR A 46 4.45 7.38 -3.97
C TYR A 46 3.35 6.94 -4.92
N GLY A 47 2.09 7.07 -4.56
CA GLY A 47 1.02 6.63 -5.54
C GLY A 47 1.31 5.20 -6.04
N TRP A 48 1.54 4.34 -5.09
CA TRP A 48 1.84 2.90 -5.36
C TRP A 48 1.72 1.85 -4.25
N THR A 49 0.50 1.52 -4.02
CA THR A 49 0.07 0.50 -3.03
C THR A 49 -1.31 0.10 -3.43
N ALA A 50 -1.49 -1.12 -3.92
CA ALA A 50 -2.98 -1.34 -4.21
C ALA A 50 -3.31 -1.67 -2.72
N PHE A 51 -4.10 -0.85 -2.06
CA PHE A 51 -4.44 -1.07 -0.60
C PHE A 51 -5.69 -1.89 -0.19
N CYS A 52 -5.64 -2.51 0.98
CA CYS A 52 -6.80 -3.34 1.46
C CYS A 52 -7.07 -3.22 2.97
N GLY A 53 -8.31 -3.32 3.37
CA GLY A 53 -8.66 -3.21 4.82
C GLY A 53 -9.98 -2.46 5.09
N PRO A 54 -10.54 -2.65 6.27
CA PRO A 54 -11.95 -2.27 6.60
C PRO A 54 -12.32 -0.75 6.64
N ALA A 55 -11.48 0.08 7.21
CA ALA A 55 -11.80 1.55 7.29
C ALA A 55 -10.82 2.37 6.39
N GLY A 56 -11.04 2.23 5.11
CA GLY A 56 -10.20 2.95 4.08
C GLY A 56 -10.95 3.68 2.93
N PRO A 57 -11.73 4.70 3.23
CA PRO A 57 -12.58 5.34 2.20
C PRO A 57 -11.71 5.90 1.06
N ARG A 58 -11.66 5.14 0.00
CA ARG A 58 -10.86 5.56 -1.19
C ARG A 58 -11.51 5.05 -2.49
N GLY A 59 -11.26 5.79 -3.53
CA GLY A 59 -11.76 5.53 -4.91
C GLY A 59 -10.93 6.42 -5.84
N GLN A 60 -11.24 6.37 -7.12
CA GLN A 60 -10.51 7.21 -8.13
C GLN A 60 -9.75 8.44 -7.54
N ALA A 61 -10.44 9.31 -6.83
CA ALA A 61 -9.81 10.54 -6.21
C ALA A 61 -8.49 10.37 -5.39
N ALA A 62 -8.20 9.17 -4.96
CA ALA A 62 -6.96 8.89 -4.16
C ALA A 62 -5.77 8.44 -5.04
N CYS A 63 -6.05 8.37 -6.32
CA CYS A 63 -5.09 7.96 -7.41
C CYS A 63 -3.84 8.87 -7.38
N GLY A 64 -3.03 8.66 -6.38
CA GLY A 64 -1.77 9.44 -6.20
C GLY A 64 -1.66 10.05 -4.81
N LYS A 65 -2.00 9.25 -3.83
CA LYS A 65 -1.96 9.68 -2.40
C LYS A 65 -0.87 8.82 -1.72
N CYS A 66 -0.85 8.98 -0.43
CA CYS A 66 0.08 8.27 0.47
C CYS A 66 -0.67 7.80 1.75
N LEU A 67 -0.13 6.86 2.46
CA LEU A 67 -0.83 6.38 3.71
C LEU A 67 0.26 6.42 4.76
N ARG A 68 -0.01 6.85 5.95
CA ARG A 68 1.12 6.86 6.93
C ARG A 68 0.77 5.70 7.87
N VAL A 69 1.65 4.74 7.89
CA VAL A 69 1.49 3.51 8.73
C VAL A 69 2.59 3.38 9.77
N THR A 70 2.18 3.29 11.01
CA THR A 70 3.15 3.16 12.18
C THR A 70 3.01 1.82 12.95
N ASN A 71 4.15 1.33 13.42
CA ASN A 71 4.29 0.04 14.21
C ASN A 71 4.74 0.16 15.72
N PRO A 72 3.78 0.51 16.57
CA PRO A 72 3.97 1.05 17.97
C PRO A 72 4.88 0.27 18.93
N ALA A 73 5.19 -0.93 18.55
CA ALA A 73 6.06 -1.82 19.37
C ALA A 73 7.53 -1.41 19.17
N THR A 74 7.77 -0.87 18.01
CA THR A 74 9.14 -0.40 17.60
C THR A 74 9.24 1.10 17.43
N GLY A 75 8.24 1.66 16.80
CA GLY A 75 8.24 3.14 16.57
C GLY A 75 8.48 3.42 15.09
N ALA A 76 8.73 2.41 14.30
CA ALA A 76 8.97 2.70 12.86
C ALA A 76 7.61 3.02 12.16
N GLN A 77 7.66 3.97 11.27
CA GLN A 77 6.44 4.41 10.52
C GLN A 77 6.77 4.74 9.05
N ILE A 78 5.97 4.35 8.09
CA ILE A 78 6.27 4.64 6.65
C ILE A 78 5.11 5.28 5.85
N THR A 79 5.45 5.83 4.71
CA THR A 79 4.48 6.49 3.79
C THR A 79 4.23 5.57 2.58
N ALA A 80 2.99 5.17 2.48
CA ALA A 80 2.52 4.27 1.37
C ALA A 80 2.31 5.16 0.17
N ARG A 81 2.17 4.54 -0.96
CA ARG A 81 1.96 5.30 -2.19
C ARG A 81 0.43 4.95 -2.40
N ILE A 82 -0.56 5.64 -1.88
CA ILE A 82 -1.96 5.12 -2.19
C ILE A 82 -2.42 5.38 -3.62
N VAL A 83 -2.69 4.33 -4.34
CA VAL A 83 -3.17 4.58 -5.76
C VAL A 83 -4.25 3.61 -6.28
N ASP A 84 -4.10 2.34 -5.93
CA ASP A 84 -5.08 1.30 -6.36
C ASP A 84 -5.90 0.71 -5.19
N GLN A 85 -6.88 -0.02 -5.61
CA GLN A 85 -7.82 -0.71 -4.67
C GLN A 85 -7.56 -2.21 -4.81
N CYS A 86 -7.71 -2.93 -3.74
CA CYS A 86 -7.48 -4.41 -3.79
C CYS A 86 -8.76 -5.14 -4.27
N ALA A 87 -8.61 -6.37 -4.69
CA ALA A 87 -9.80 -7.17 -5.18
C ALA A 87 -9.61 -8.67 -4.80
N ASN A 88 -8.77 -8.83 -3.83
CA ASN A 88 -8.40 -10.18 -3.28
C ASN A 88 -8.12 -10.21 -1.75
N GLY A 89 -7.28 -9.32 -1.27
CA GLY A 89 -6.94 -9.26 0.20
C GLY A 89 -5.44 -9.30 0.57
N GLY A 90 -4.99 -8.21 1.15
CA GLY A 90 -3.55 -8.08 1.57
C GLY A 90 -3.41 -6.82 2.41
N LEU A 91 -3.13 -5.74 1.72
CA LEU A 91 -2.95 -4.36 2.37
C LEU A 91 -2.28 -3.33 1.50
N ASP A 92 -1.55 -3.95 0.67
CA ASP A 92 -0.73 -3.23 -0.35
C ASP A 92 -0.17 -4.00 -1.61
N LEU A 93 -0.07 -3.33 -2.74
CA LEU A 93 0.50 -3.98 -4.01
C LEU A 93 1.81 -3.22 -4.04
N ASP A 94 2.57 -3.46 -3.02
CA ASP A 94 3.87 -2.86 -2.83
C ASP A 94 5.06 -3.64 -3.43
N TRP A 95 5.40 -4.45 -2.48
CA TRP A 95 6.46 -5.47 -2.32
C TRP A 95 7.45 -4.95 -1.25
N ASP A 96 7.82 -3.71 -1.43
CA ASP A 96 8.81 -3.03 -0.51
C ASP A 96 8.39 -1.62 -0.01
N THR A 97 7.15 -1.27 -0.20
CA THR A 97 6.72 0.09 0.26
C THR A 97 6.19 0.25 1.68
N VAL A 98 5.07 -0.34 2.04
CA VAL A 98 4.60 -0.15 3.44
C VAL A 98 5.07 -1.18 4.49
N PHE A 99 4.43 -2.32 4.37
CA PHE A 99 4.71 -3.48 5.29
C PHE A 99 6.19 -3.87 5.42
N THR A 100 6.73 -4.43 4.37
CA THR A 100 8.17 -4.91 4.21
C THR A 100 9.28 -4.15 4.89
N LYS A 101 8.92 -3.00 5.36
CA LYS A 101 9.86 -2.11 6.06
C LYS A 101 9.47 -1.98 7.53
N ILE A 102 8.19 -1.81 7.81
CA ILE A 102 7.75 -1.68 9.24
C ILE A 102 7.65 -3.02 9.99
N ASP A 103 7.88 -4.11 9.31
CA ASP A 103 7.80 -5.45 9.97
C ASP A 103 9.08 -5.76 10.77
N THR A 104 9.63 -4.73 11.37
CA THR A 104 10.89 -4.79 12.21
C THR A 104 10.99 -6.05 13.11
N ASN A 105 9.85 -6.47 13.57
CA ASN A 105 9.76 -7.68 14.45
C ASN A 105 9.42 -8.96 13.62
N GLY A 106 8.72 -8.81 12.53
CA GLY A 106 8.34 -9.97 11.65
C GLY A 106 7.16 -10.77 12.18
N ILE A 107 7.32 -11.15 13.42
CA ILE A 107 6.33 -11.96 14.22
C ILE A 107 4.86 -11.93 13.73
N GLY A 108 4.40 -10.81 13.23
CA GLY A 108 2.98 -10.71 12.72
C GLY A 108 2.66 -11.95 11.89
N TYR A 109 3.60 -12.30 11.05
CA TYR A 109 3.44 -13.50 10.18
C TYR A 109 2.92 -14.69 11.01
N GLN A 110 3.56 -14.91 12.14
CA GLN A 110 3.19 -16.02 13.08
C GLN A 110 1.68 -16.30 13.14
N GLN A 111 0.90 -15.27 13.37
CA GLN A 111 -0.60 -15.40 13.45
C GLN A 111 -1.19 -15.08 12.05
N GLY A 112 -0.48 -14.24 11.33
CA GLY A 112 -0.89 -13.82 9.95
C GLY A 112 -1.36 -12.38 9.88
N HIS A 113 -0.96 -11.59 10.85
CA HIS A 113 -1.38 -10.15 10.88
C HIS A 113 -0.54 -9.37 11.89
N LEU A 114 -0.68 -8.08 11.87
CA LEU A 114 0.07 -7.21 12.82
C LEU A 114 -0.90 -6.17 13.46
N ASN A 115 -0.50 -5.56 14.54
CA ASN A 115 -1.39 -4.55 15.20
C ASN A 115 -0.66 -3.24 14.87
N VAL A 116 -1.32 -2.55 13.97
CA VAL A 116 -0.80 -1.23 13.48
C VAL A 116 -1.85 -0.11 13.66
N ASN A 117 -1.35 1.06 13.39
CA ASN A 117 -2.11 2.34 13.46
C ASN A 117 -1.91 2.98 12.07
N TYR A 118 -2.99 3.31 11.38
CA TYR A 118 -2.82 3.93 10.02
C TYR A 118 -3.80 5.09 9.73
N GLN A 119 -3.24 6.08 9.10
CA GLN A 119 -4.02 7.30 8.71
C GLN A 119 -3.78 7.65 7.22
N PHE A 120 -4.82 8.04 6.51
CA PHE A 120 -4.60 8.40 5.06
C PHE A 120 -3.78 9.70 5.06
N VAL A 121 -2.77 9.77 4.24
CA VAL A 121 -1.90 11.00 4.20
C VAL A 121 -1.60 11.46 2.77
N ASP A 122 -1.81 12.72 2.50
CA ASP A 122 -1.50 13.15 1.11
C ASP A 122 -0.04 13.62 1.02
N CYS A 123 0.73 12.96 0.19
CA CYS A 123 2.17 13.39 0.06
C CYS A 123 2.29 14.71 -0.68
N ARG A 124 1.23 15.03 -1.37
CA ARG A 124 1.08 16.27 -2.20
C ARG A 124 2.35 16.51 -3.05
N ASP A 125 2.47 15.60 -3.99
CA ASP A 125 3.62 15.60 -4.94
C ASP A 125 3.63 16.89 -5.81
N GLU A 1 -11.14 7.55 5.84
CA GLU A 1 -9.86 8.31 5.91
C GLU A 1 -8.95 7.99 7.14
N GLN A 2 -9.51 7.72 8.28
CA GLN A 2 -8.72 7.40 9.52
C GLN A 2 -9.09 6.04 10.17
N ALA A 3 -8.13 5.15 10.29
CA ALA A 3 -8.39 3.81 10.91
C ALA A 3 -7.22 3.46 11.88
N ASN A 4 -7.54 3.27 13.13
CA ASN A 4 -6.48 2.92 14.16
C ASN A 4 -6.76 1.49 14.74
N ASP A 5 -5.80 0.89 15.40
CA ASP A 5 -5.99 -0.48 15.99
C ASP A 5 -6.50 -1.46 14.89
N VAL A 6 -5.93 -1.38 13.71
CA VAL A 6 -6.40 -2.29 12.62
C VAL A 6 -5.43 -3.44 12.29
N ARG A 7 -6.03 -4.51 11.83
CA ARG A 7 -5.25 -5.72 11.45
C ARG A 7 -4.90 -5.50 9.97
N ALA A 8 -3.77 -4.88 9.76
CA ALA A 8 -3.38 -4.62 8.36
C ALA A 8 -2.77 -5.92 7.83
N THR A 9 -3.42 -6.38 6.81
CA THR A 9 -3.04 -7.64 6.12
C THR A 9 -2.44 -7.23 4.79
N TYR A 10 -2.04 -8.18 4.00
CA TYR A 10 -1.43 -7.90 2.67
C TYR A 10 -1.94 -8.74 1.46
N HIS A 11 -2.87 -8.26 0.64
CA HIS A 11 -3.30 -9.13 -0.52
C HIS A 11 -2.14 -8.80 -1.41
N TYR A 12 -1.24 -9.71 -1.50
CA TYR A 12 -0.01 -9.53 -2.31
C TYR A 12 0.04 -9.70 -3.84
N TYR A 13 0.00 -8.57 -4.49
CA TYR A 13 0.07 -8.52 -6.00
C TYR A 13 1.59 -8.36 -6.24
N ARG A 14 2.22 -9.39 -6.79
CA ARG A 14 3.72 -9.47 -7.09
C ARG A 14 4.76 -8.39 -6.65
N PRO A 15 4.71 -7.14 -7.04
CA PRO A 15 4.14 -6.59 -8.31
C PRO A 15 5.12 -6.34 -9.51
N ALA A 16 6.29 -5.81 -9.21
CA ALA A 16 7.35 -5.49 -10.24
C ALA A 16 7.62 -6.50 -11.41
N GLN A 17 6.91 -7.59 -11.44
CA GLN A 17 7.06 -8.62 -12.52
C GLN A 17 6.75 -7.97 -13.87
N ASN A 18 5.69 -7.20 -13.99
CA ASN A 18 5.42 -6.56 -15.34
C ASN A 18 6.05 -5.16 -15.09
N ASN A 19 7.32 -5.10 -14.67
CA ASN A 19 8.03 -3.75 -14.36
C ASN A 19 6.89 -2.98 -13.65
N TRP A 20 6.29 -3.82 -12.85
CA TRP A 20 5.11 -3.64 -12.00
C TRP A 20 4.14 -2.68 -12.60
N ASP A 21 3.56 -3.19 -13.64
CA ASP A 21 2.49 -2.48 -14.39
C ASP A 21 1.69 -3.07 -13.20
N LEU A 22 1.33 -2.23 -12.26
CA LEU A 22 0.62 -2.63 -11.00
C LEU A 22 0.07 -4.10 -10.91
N GLY A 23 1.13 -4.89 -10.89
CA GLY A 23 1.19 -6.42 -10.82
C GLY A 23 0.12 -7.10 -11.67
N ALA A 24 -0.19 -6.38 -12.71
CA ALA A 24 -1.19 -6.68 -13.78
C ALA A 24 -1.05 -7.40 -15.15
N PRO A 25 -0.95 -8.69 -15.19
CA PRO A 25 -0.92 -9.42 -16.50
C PRO A 25 -2.19 -8.92 -17.27
N ALA A 26 -3.28 -9.59 -17.08
CA ALA A 26 -4.55 -9.18 -17.74
C ALA A 26 -5.24 -8.19 -16.74
N VAL A 27 -4.60 -7.20 -16.12
CA VAL A 27 -5.46 -6.37 -15.16
C VAL A 27 -5.68 -4.86 -15.43
N SER A 28 -4.85 -4.13 -14.74
CA SER A 28 -4.66 -2.67 -14.63
C SER A 28 -5.36 -2.25 -13.30
N ALA A 29 -4.72 -1.45 -12.50
CA ALA A 29 -5.31 -0.98 -11.20
C ALA A 29 -6.11 0.34 -11.37
N TYR A 30 -6.95 0.74 -10.43
CA TYR A 30 -7.71 2.03 -10.67
C TYR A 30 -7.10 3.16 -11.52
N CYS A 31 -5.97 3.64 -11.14
CA CYS A 31 -5.33 4.74 -11.92
C CYS A 31 -4.19 4.22 -12.77
N ALA A 32 -4.19 2.96 -13.12
CA ALA A 32 -3.06 2.46 -13.96
C ALA A 32 -2.98 3.24 -15.27
N THR A 33 -4.13 3.71 -15.68
CA THR A 33 -4.28 4.49 -16.95
C THR A 33 -3.74 5.94 -16.84
N TRP A 34 -3.43 6.32 -15.63
CA TRP A 34 -2.90 7.69 -15.31
C TRP A 34 -1.50 7.61 -14.59
N ASP A 35 -1.34 6.78 -13.59
CA ASP A 35 -0.05 6.61 -12.83
C ASP A 35 0.99 5.72 -13.52
N ALA A 36 0.54 4.72 -14.26
CA ALA A 36 1.55 3.84 -14.95
C ALA A 36 2.51 4.78 -15.68
N SER A 37 2.00 5.88 -16.15
CA SER A 37 2.81 6.90 -16.89
C SER A 37 4.04 7.44 -16.13
N LYS A 38 4.16 7.22 -14.85
CA LYS A 38 5.36 7.76 -14.14
C LYS A 38 6.50 6.73 -14.22
N PRO A 39 7.73 7.19 -14.24
CA PRO A 39 8.91 6.29 -14.35
C PRO A 39 9.02 5.31 -13.15
N LEU A 40 10.11 4.60 -13.07
CA LEU A 40 10.29 3.64 -11.95
C LEU A 40 10.75 4.36 -10.67
N SER A 41 11.73 5.23 -10.74
CA SER A 41 12.20 5.94 -9.49
C SER A 41 11.04 6.42 -8.60
N TRP A 42 10.31 7.41 -9.05
CA TRP A 42 9.16 7.93 -8.25
C TRP A 42 8.35 6.75 -7.67
N ARG A 43 7.85 5.92 -8.56
CA ARG A 43 7.07 4.72 -8.12
C ARG A 43 7.77 3.88 -7.00
N SER A 44 9.00 3.49 -7.20
CA SER A 44 9.70 2.67 -6.13
C SER A 44 9.88 3.56 -4.88
N LYS A 45 10.44 4.72 -5.11
CA LYS A 45 10.73 5.79 -4.07
C LYS A 45 9.61 5.98 -3.05
N TYR A 46 8.46 6.25 -3.57
CA TYR A 46 7.24 6.45 -2.77
C TYR A 46 6.29 5.33 -2.98
N GLY A 47 6.40 4.50 -1.98
CA GLY A 47 5.60 3.26 -1.88
C GLY A 47 4.25 3.40 -2.55
N TRP A 48 3.69 2.41 -3.14
CA TRP A 48 2.37 2.53 -3.83
C TRP A 48 1.62 1.28 -3.53
N THR A 49 0.98 1.31 -2.40
CA THR A 49 0.25 0.08 -2.08
C THR A 49 -1.10 -0.17 -2.71
N ALA A 50 -1.15 -1.37 -3.24
CA ALA A 50 -2.46 -1.76 -3.89
C ALA A 50 -3.06 -2.22 -2.59
N PHE A 51 -3.76 -1.32 -1.95
CA PHE A 51 -4.40 -1.59 -0.63
C PHE A 51 -5.82 -2.26 -0.58
N CYS A 52 -6.08 -3.06 0.42
CA CYS A 52 -7.46 -3.69 0.51
C CYS A 52 -8.06 -3.38 1.89
N GLY A 53 -8.73 -4.31 2.52
CA GLY A 53 -9.33 -4.02 3.88
C GLY A 53 -10.06 -2.68 4.00
N PRO A 54 -11.03 -2.46 3.14
CA PRO A 54 -11.76 -1.16 3.03
C PRO A 54 -12.28 -0.40 4.29
N ALA A 55 -11.42 0.09 5.16
CA ALA A 55 -11.93 0.83 6.37
C ALA A 55 -11.77 2.37 6.18
N GLY A 56 -12.62 2.90 5.34
CA GLY A 56 -12.61 4.39 5.04
C GLY A 56 -12.04 4.86 3.68
N PRO A 57 -12.25 4.15 2.59
CA PRO A 57 -11.75 4.57 1.25
C PRO A 57 -12.50 5.80 0.64
N ARG A 58 -11.78 6.54 -0.17
CA ARG A 58 -12.39 7.76 -0.84
C ARG A 58 -12.56 7.67 -2.38
N GLY A 59 -13.04 6.53 -2.82
CA GLY A 59 -13.25 6.26 -4.29
C GLY A 59 -12.08 6.76 -5.14
N GLN A 60 -12.33 7.09 -6.38
CA GLN A 60 -11.23 7.60 -7.28
C GLN A 60 -10.22 8.52 -6.51
N ALA A 61 -10.77 9.50 -5.83
CA ALA A 61 -9.98 10.51 -5.03
C ALA A 61 -8.97 9.92 -4.02
N ALA A 62 -9.17 8.67 -3.70
CA ALA A 62 -8.30 7.93 -2.74
C ALA A 62 -7.10 7.42 -3.58
N CYS A 63 -7.36 6.83 -4.73
CA CYS A 63 -6.27 6.31 -5.64
C CYS A 63 -5.18 7.36 -5.91
N GLY A 64 -5.57 8.61 -5.79
CA GLY A 64 -4.63 9.77 -6.02
C GLY A 64 -3.99 10.31 -4.73
N LYS A 65 -4.13 9.57 -3.66
CA LYS A 65 -3.56 9.97 -2.35
C LYS A 65 -2.53 8.94 -1.84
N CYS A 66 -2.06 9.18 -0.65
CA CYS A 66 -1.07 8.31 0.02
C CYS A 66 -1.65 7.81 1.35
N LEU A 67 -1.04 6.79 1.85
CA LEU A 67 -1.44 6.16 3.14
C LEU A 67 -0.27 6.36 4.10
N ARG A 68 -0.52 6.86 5.27
CA ARG A 68 0.60 7.06 6.22
C ARG A 68 0.30 5.96 7.26
N VAL A 69 1.26 5.08 7.34
CA VAL A 69 1.18 3.90 8.27
C VAL A 69 2.27 3.97 9.35
N THR A 70 1.80 3.81 10.57
CA THR A 70 2.67 3.84 11.79
C THR A 70 2.47 2.51 12.58
N ASN A 71 3.58 1.94 12.99
CA ASN A 71 3.64 0.65 13.75
C ASN A 71 4.14 0.69 15.25
N PRO A 72 3.23 0.81 16.21
CA PRO A 72 3.54 1.24 17.61
C PRO A 72 4.87 0.65 18.08
N ALA A 73 4.85 -0.64 18.22
CA ALA A 73 6.00 -1.51 18.66
C ALA A 73 7.40 -0.98 18.36
N THR A 74 7.48 -0.26 17.28
CA THR A 74 8.79 0.33 16.85
C THR A 74 8.73 1.85 16.91
N GLY A 75 7.59 2.34 16.53
CA GLY A 75 7.33 3.81 16.51
C GLY A 75 7.69 4.28 15.10
N ALA A 76 7.92 3.33 14.24
CA ALA A 76 8.28 3.62 12.83
C ALA A 76 7.03 3.83 11.95
N GLN A 77 7.20 4.81 11.09
CA GLN A 77 6.14 5.23 10.13
C GLN A 77 6.63 5.51 8.70
N ILE A 78 5.80 5.23 7.74
CA ILE A 78 6.18 5.48 6.30
C ILE A 78 4.99 6.03 5.45
N THR A 79 5.29 6.65 4.32
CA THR A 79 4.19 7.21 3.44
C THR A 79 4.10 6.40 2.11
N ALA A 80 3.01 5.71 1.92
CA ALA A 80 2.85 4.91 0.66
C ALA A 80 1.77 5.58 -0.22
N ARG A 81 1.62 5.11 -1.41
CA ARG A 81 0.64 5.64 -2.40
C ARG A 81 -0.57 4.69 -2.37
N ILE A 82 -1.75 5.25 -2.36
CA ILE A 82 -2.98 4.41 -2.33
C ILE A 82 -3.21 4.25 -3.80
N VAL A 83 -2.95 3.08 -4.31
CA VAL A 83 -3.16 2.87 -5.80
C VAL A 83 -4.36 1.98 -5.98
N ASP A 84 -4.40 0.88 -5.27
CA ASP A 84 -5.61 -0.01 -5.47
C ASP A 84 -6.51 -0.04 -4.18
N GLN A 85 -7.73 -0.43 -4.46
CA GLN A 85 -8.81 -0.54 -3.43
C GLN A 85 -9.51 -1.92 -3.46
N CYS A 86 -8.93 -2.93 -2.88
CA CYS A 86 -9.61 -4.28 -2.93
C CYS A 86 -10.29 -4.70 -1.61
N ALA A 87 -11.01 -5.79 -1.67
CA ALA A 87 -11.76 -6.36 -0.50
C ALA A 87 -11.39 -7.80 -0.07
N ASN A 88 -11.02 -8.62 -1.02
CA ASN A 88 -10.64 -10.05 -0.72
C ASN A 88 -9.10 -10.28 -0.76
N GLY A 89 -8.61 -10.95 0.25
CA GLY A 89 -7.16 -11.27 0.39
C GLY A 89 -6.67 -10.43 1.57
N GLY A 90 -5.47 -9.94 1.49
CA GLY A 90 -4.90 -9.09 2.60
C GLY A 90 -4.96 -7.66 2.01
N LEU A 91 -4.20 -6.67 2.38
CA LEU A 91 -4.35 -5.32 1.71
C LEU A 91 -3.16 -4.64 0.97
N ASP A 92 -2.50 -5.30 0.03
CA ASP A 92 -1.33 -4.58 -0.66
C ASP A 92 -0.73 -4.93 -2.14
N LEU A 93 -0.19 -3.90 -2.83
CA LEU A 93 0.44 -4.08 -4.19
C LEU A 93 1.62 -4.38 -3.28
N ASP A 94 1.84 -5.66 -3.32
CA ASP A 94 2.88 -6.41 -2.59
C ASP A 94 4.22 -5.74 -2.51
N TRP A 95 4.91 -6.17 -1.50
CA TRP A 95 6.28 -5.73 -1.08
C TRP A 95 6.32 -4.20 -0.86
N ASP A 96 5.78 -3.36 -1.72
CA ASP A 96 5.72 -1.87 -1.62
C ASP A 96 6.35 -1.45 -0.31
N THR A 97 7.65 -1.48 -0.44
CA THR A 97 8.80 -1.17 0.52
C THR A 97 8.50 -0.51 1.90
N VAL A 98 7.33 -0.83 2.37
CA VAL A 98 6.70 -0.40 3.66
C VAL A 98 7.03 -1.34 4.83
N PHE A 99 6.48 -2.52 4.70
CA PHE A 99 6.66 -3.61 5.70
C PHE A 99 8.14 -3.76 6.09
N THR A 100 8.98 -3.96 5.10
CA THR A 100 10.47 -4.13 5.38
C THR A 100 11.11 -2.87 6.01
N LYS A 101 10.32 -1.85 6.20
CA LYS A 101 10.79 -0.55 6.80
C LYS A 101 10.14 -0.29 8.19
N ILE A 102 8.85 -0.49 8.25
CA ILE A 102 8.07 -0.28 9.50
C ILE A 102 8.15 -1.52 10.39
N ASP A 103 8.52 -2.64 9.85
CA ASP A 103 8.63 -3.88 10.65
C ASP A 103 10.13 -3.94 11.00
N THR A 104 10.45 -4.13 12.25
CA THR A 104 11.89 -4.19 12.66
C THR A 104 12.56 -5.50 12.35
N ASN A 105 11.84 -6.58 12.43
CA ASN A 105 12.50 -7.89 12.11
C ASN A 105 11.92 -8.54 10.85
N GLY A 106 10.68 -8.26 10.54
CA GLY A 106 10.06 -8.86 9.31
C GLY A 106 8.98 -9.79 9.83
N ILE A 107 9.37 -10.54 10.84
CA ILE A 107 8.51 -11.54 11.53
C ILE A 107 7.01 -11.25 11.39
N GLY A 108 6.62 -10.01 11.60
CA GLY A 108 5.15 -9.67 11.47
C GLY A 108 4.47 -10.47 10.32
N TYR A 109 5.09 -10.35 9.18
CA TYR A 109 4.66 -11.00 7.90
C TYR A 109 4.35 -12.53 7.97
N GLN A 110 4.82 -13.17 9.00
CA GLN A 110 4.60 -14.65 9.22
C GLN A 110 3.33 -14.80 10.10
N GLN A 111 3.18 -13.91 11.05
CA GLN A 111 1.98 -13.93 11.99
C GLN A 111 0.60 -13.93 11.24
N GLY A 112 0.66 -13.46 10.02
CA GLY A 112 -0.55 -13.38 9.13
C GLY A 112 -0.88 -11.94 8.75
N HIS A 113 -0.65 -11.10 9.72
CA HIS A 113 -0.91 -9.62 9.58
C HIS A 113 0.00 -8.75 10.51
N LEU A 114 -0.09 -7.45 10.38
CA LEU A 114 0.73 -6.54 11.23
C LEU A 114 -0.27 -5.59 11.96
N ASN A 115 -0.21 -5.48 13.27
CA ASN A 115 -1.17 -4.58 13.99
C ASN A 115 -0.63 -3.13 13.86
N VAL A 116 -1.33 -2.38 13.05
CA VAL A 116 -0.90 -0.96 12.80
C VAL A 116 -2.02 0.09 12.83
N ASN A 117 -1.55 1.30 12.67
CA ASN A 117 -2.48 2.47 12.65
C ASN A 117 -2.29 3.10 11.27
N TYR A 118 -3.38 3.32 10.59
CA TYR A 118 -3.26 3.92 9.24
C TYR A 118 -4.22 5.08 9.07
N GLN A 119 -3.62 6.12 8.58
CA GLN A 119 -4.36 7.37 8.33
C GLN A 119 -4.08 7.76 6.88
N PHE A 120 -5.09 8.19 6.18
CA PHE A 120 -4.88 8.60 4.76
C PHE A 120 -4.10 9.93 4.91
N VAL A 121 -3.26 10.13 3.94
CA VAL A 121 -2.42 11.34 3.88
C VAL A 121 -2.29 11.76 2.41
N ASP A 122 -2.15 13.02 2.18
CA ASP A 122 -2.01 13.46 0.76
C ASP A 122 -0.50 13.42 0.47
N CYS A 123 -0.13 12.97 -0.70
CA CYS A 123 1.31 12.90 -1.02
C CYS A 123 1.94 14.27 -1.23
N ARG A 124 1.39 14.92 -2.22
CA ARG A 124 1.87 16.28 -2.61
C ARG A 124 3.40 16.19 -2.90
N ASP A 125 3.76 15.19 -3.66
CA ASP A 125 5.18 14.93 -4.05
C ASP A 125 5.94 16.24 -4.45
#